data_8DRM
# 
_entry.id   8DRM 
# 
_audit_conform.dict_name       mmcif_pdbx.dic 
_audit_conform.dict_version    5.397 
_audit_conform.dict_location   http://mmcif.pdb.org/dictionaries/ascii/mmcif_pdbx.dic 
# 
loop_
_database_2.database_id 
_database_2.database_code 
_database_2.pdbx_database_accession 
_database_2.pdbx_DOI 
PDB   8DRM         pdb_00008drm 10.2210/pdb8drm/pdb 
WWPDB D_1000267257 ?            ?                   
# 
loop_
_pdbx_audit_revision_history.ordinal 
_pdbx_audit_revision_history.data_content_type 
_pdbx_audit_revision_history.major_revision 
_pdbx_audit_revision_history.minor_revision 
_pdbx_audit_revision_history.revision_date 
1 'Structure model' 1 0 2022-10-12 
2 'Structure model' 1 1 2023-10-18 
3 'Structure model' 1 2 2024-10-09 
# 
_pdbx_audit_revision_details.ordinal             1 
_pdbx_audit_revision_details.revision_ordinal    1 
_pdbx_audit_revision_details.data_content_type   'Structure model' 
_pdbx_audit_revision_details.provider            repository 
_pdbx_audit_revision_details.type                'Initial release' 
_pdbx_audit_revision_details.description         ? 
_pdbx_audit_revision_details.details             ? 
# 
loop_
_pdbx_audit_revision_group.ordinal 
_pdbx_audit_revision_group.revision_ordinal 
_pdbx_audit_revision_group.data_content_type 
_pdbx_audit_revision_group.group 
1 2 'Structure model' 'Data collection'        
2 2 'Structure model' 'Refinement description' 
3 3 'Structure model' 'Structure summary'      
# 
loop_
_pdbx_audit_revision_category.ordinal 
_pdbx_audit_revision_category.revision_ordinal 
_pdbx_audit_revision_category.data_content_type 
_pdbx_audit_revision_category.category 
1 2 'Structure model' chem_comp_atom                
2 2 'Structure model' chem_comp_bond                
3 2 'Structure model' pdbx_initial_refinement_model 
4 3 'Structure model' pdbx_entry_details            
5 3 'Structure model' pdbx_modification_feature     
# 
_pdbx_audit_revision_item.ordinal             1 
_pdbx_audit_revision_item.revision_ordinal    3 
_pdbx_audit_revision_item.data_content_type   'Structure model' 
_pdbx_audit_revision_item.item                '_pdbx_entry_details.has_protein_modification' 
# 
_pdbx_database_status.status_code                     REL 
_pdbx_database_status.status_code_sf                  REL 
_pdbx_database_status.status_code_mr                  ? 
_pdbx_database_status.entry_id                        8DRM 
_pdbx_database_status.recvd_initial_deposition_date   2022-07-21 
_pdbx_database_status.SG_entry                        N 
_pdbx_database_status.deposit_site                    RCSB 
_pdbx_database_status.process_site                    RCSB 
_pdbx_database_status.status_code_cs                  ? 
_pdbx_database_status.status_code_nmr_data            ? 
_pdbx_database_status.methods_development_category    ? 
_pdbx_database_status.pdb_format_compatible           Y 
# 
_pdbx_contact_author.id                 2 
_pdbx_contact_author.email              tezcan@ucsd.edu 
_pdbx_contact_author.name_first         'F. Akif' 
_pdbx_contact_author.name_last          Tezcan 
_pdbx_contact_author.name_mi            ? 
_pdbx_contact_author.role               'principal investigator/group leader' 
_pdbx_contact_author.identifier_ORCID   0000-0002-4733-6500 
# 
loop_
_audit_author.name 
_audit_author.pdbx_ordinal 
_audit_author.identifier_ORCID 
'Choi, T.S.'   1 0000-0002-1515-3275 
'Tezcan, F.A.' 2 0000-0002-4733-6500 
# 
_citation.abstract                  ? 
_citation.abstract_id_CAS           ? 
_citation.book_id_ISBN              ? 
_citation.book_publisher            ? 
_citation.book_publisher_city       ? 
_citation.book_title                ? 
_citation.coordinate_linkage        ? 
_citation.country                   US 
_citation.database_id_Medline       ? 
_citation.details                   ? 
_citation.id                        primary 
_citation.journal_abbrev            J.Am.Chem.Soc. 
_citation.journal_id_ASTM           JACSAT 
_citation.journal_id_CSD            ? 
_citation.journal_id_ISSN           1520-5126 
_citation.journal_full              ? 
_citation.journal_issue             ? 
_citation.journal_volume            144 
_citation.language                  ? 
_citation.page_first                18090 
_citation.page_last                 18100 
_citation.title                     
'Design of a Flexible, Zn-Selective Protein Scaffold that Displays Anti-Irving-Williams Behavior.' 
_citation.year                      2022 
_citation.database_id_CSD           ? 
_citation.pdbx_database_id_DOI      10.1021/jacs.2c08050 
_citation.pdbx_database_id_PubMed   36154053 
_citation.pdbx_database_id_patent   ? 
_citation.unpublished_flag          ? 
# 
loop_
_citation_author.citation_id 
_citation_author.name 
_citation_author.ordinal 
_citation_author.identifier_ORCID 
primary 'Choi, T.S.'   1 0000-0002-1515-3275 
primary 'Tezcan, F.A.' 2 0000-0002-4733-6500 
# 
loop_
_entity.id 
_entity.type 
_entity.src_method 
_entity.pdbx_description 
_entity.formula_weight 
_entity.pdbx_number_of_molecules 
_entity.pdbx_ec 
_entity.pdbx_mutation 
_entity.pdbx_fragment 
_entity.details 
1 polymer     man 'Soluble cytochrome b562' 11843.324 1   ? ? ? ? 
2 non-polymer syn 'HEME C'                  618.503   1   ? ? ? ? 
3 non-polymer syn 'ZINC ION'                65.409    3   ? ? ? ? 
4 water       nat water                     18.015    139 ? ? ? ? 
# 
_entity_name_com.entity_id   1 
_entity_name_com.name        'Cytochrome b-562' 
# 
_entity_poly.entity_id                      1 
_entity_poly.type                           'polypeptide(L)' 
_entity_poly.nstd_linkage                   no 
_entity_poly.nstd_monomer                   no 
_entity_poly.pdbx_seq_one_letter_code       
;ADLEDNMETLNDNLKVIEKADNAAQVKDALTKMRAAALDAQKATPPKLEDKSPDSPEMWHFRHGFDILVGQIDDALKLAN
EGKVKEAQAAAEQLKCTCNHCHQHYR
;
_entity_poly.pdbx_seq_one_letter_code_can   
;ADLEDNMETLNDNLKVIEKADNAAQVKDALTKMRAAALDAQKATPPKLEDKSPDSPEMWHFRHGFDILVGQIDDALKLAN
EGKVKEAQAAAEQLKCTCNHCHQHYR
;
_entity_poly.pdbx_strand_id                 A 
_entity_poly.pdbx_target_identifier         ? 
# 
loop_
_pdbx_entity_nonpoly.entity_id 
_pdbx_entity_nonpoly.name 
_pdbx_entity_nonpoly.comp_id 
2 'HEME C'   HEC 
3 'ZINC ION' ZN  
4 water      HOH 
# 
loop_
_entity_poly_seq.entity_id 
_entity_poly_seq.num 
_entity_poly_seq.mon_id 
_entity_poly_seq.hetero 
1 1   ALA n 
1 2   ASP n 
1 3   LEU n 
1 4   GLU n 
1 5   ASP n 
1 6   ASN n 
1 7   MET n 
1 8   GLU n 
1 9   THR n 
1 10  LEU n 
1 11  ASN n 
1 12  ASP n 
1 13  ASN n 
1 14  LEU n 
1 15  LYS n 
1 16  VAL n 
1 17  ILE n 
1 18  GLU n 
1 19  LYS n 
1 20  ALA n 
1 21  ASP n 
1 22  ASN n 
1 23  ALA n 
1 24  ALA n 
1 25  GLN n 
1 26  VAL n 
1 27  LYS n 
1 28  ASP n 
1 29  ALA n 
1 30  LEU n 
1 31  THR n 
1 32  LYS n 
1 33  MET n 
1 34  ARG n 
1 35  ALA n 
1 36  ALA n 
1 37  ALA n 
1 38  LEU n 
1 39  ASP n 
1 40  ALA n 
1 41  GLN n 
1 42  LYS n 
1 43  ALA n 
1 44  THR n 
1 45  PRO n 
1 46  PRO n 
1 47  LYS n 
1 48  LEU n 
1 49  GLU n 
1 50  ASP n 
1 51  LYS n 
1 52  SER n 
1 53  PRO n 
1 54  ASP n 
1 55  SER n 
1 56  PRO n 
1 57  GLU n 
1 58  MET n 
1 59  TRP n 
1 60  HIS n 
1 61  PHE n 
1 62  ARG n 
1 63  HIS n 
1 64  GLY n 
1 65  PHE n 
1 66  ASP n 
1 67  ILE n 
1 68  LEU n 
1 69  VAL n 
1 70  GLY n 
1 71  GLN n 
1 72  ILE n 
1 73  ASP n 
1 74  ASP n 
1 75  ALA n 
1 76  LEU n 
1 77  LYS n 
1 78  LEU n 
1 79  ALA n 
1 80  ASN n 
1 81  GLU n 
1 82  GLY n 
1 83  LYS n 
1 84  VAL n 
1 85  LYS n 
1 86  GLU n 
1 87  ALA n 
1 88  GLN n 
1 89  ALA n 
1 90  ALA n 
1 91  ALA n 
1 92  GLU n 
1 93  GLN n 
1 94  LEU n 
1 95  LYS n 
1 96  CYS n 
1 97  THR n 
1 98  CYS n 
1 99  ASN n 
1 100 HIS n 
1 101 CYS n 
1 102 HIS n 
1 103 GLN n 
1 104 HIS n 
1 105 TYR n 
1 106 ARG n 
# 
_entity_src_gen.entity_id                          1 
_entity_src_gen.pdbx_src_id                        1 
_entity_src_gen.pdbx_alt_source_flag               sample 
_entity_src_gen.pdbx_seq_type                      'Biological sequence' 
_entity_src_gen.pdbx_beg_seq_num                   1 
_entity_src_gen.pdbx_end_seq_num                   106 
_entity_src_gen.gene_src_common_name               ? 
_entity_src_gen.gene_src_genus                     ? 
_entity_src_gen.pdbx_gene_src_gene                 cybC 
_entity_src_gen.gene_src_species                   ? 
_entity_src_gen.gene_src_strain                    ? 
_entity_src_gen.gene_src_tissue                    ? 
_entity_src_gen.gene_src_tissue_fraction           ? 
_entity_src_gen.gene_src_details                   ? 
_entity_src_gen.pdbx_gene_src_fragment             ? 
_entity_src_gen.pdbx_gene_src_scientific_name      'Escherichia coli' 
_entity_src_gen.pdbx_gene_src_ncbi_taxonomy_id     562 
_entity_src_gen.pdbx_gene_src_variant              ? 
_entity_src_gen.pdbx_gene_src_cell_line            ? 
_entity_src_gen.pdbx_gene_src_atcc                 ? 
_entity_src_gen.pdbx_gene_src_organ                ? 
_entity_src_gen.pdbx_gene_src_organelle            ? 
_entity_src_gen.pdbx_gene_src_cell                 ? 
_entity_src_gen.pdbx_gene_src_cellular_location    ? 
_entity_src_gen.host_org_common_name               ? 
_entity_src_gen.pdbx_host_org_scientific_name      'Escherichia coli' 
_entity_src_gen.pdbx_host_org_ncbi_taxonomy_id     562 
_entity_src_gen.host_org_genus                     ? 
_entity_src_gen.pdbx_host_org_gene                 ? 
_entity_src_gen.pdbx_host_org_organ                ? 
_entity_src_gen.host_org_species                   ? 
_entity_src_gen.pdbx_host_org_tissue               ? 
_entity_src_gen.pdbx_host_org_tissue_fraction      ? 
_entity_src_gen.pdbx_host_org_strain               ? 
_entity_src_gen.pdbx_host_org_variant              ? 
_entity_src_gen.pdbx_host_org_cell_line            ? 
_entity_src_gen.pdbx_host_org_atcc                 ? 
_entity_src_gen.pdbx_host_org_culture_collection   ? 
_entity_src_gen.pdbx_host_org_cell                 ? 
_entity_src_gen.pdbx_host_org_organelle            ? 
_entity_src_gen.pdbx_host_org_cellular_location    ? 
_entity_src_gen.pdbx_host_org_vector_type          ? 
_entity_src_gen.pdbx_host_org_vector               ? 
_entity_src_gen.host_org_details                   ? 
_entity_src_gen.expression_system_id               ? 
_entity_src_gen.plasmid_name                       ? 
_entity_src_gen.plasmid_details                    ? 
_entity_src_gen.pdbx_description                   ? 
# 
loop_
_chem_comp.id 
_chem_comp.type 
_chem_comp.mon_nstd_flag 
_chem_comp.name 
_chem_comp.pdbx_synonyms 
_chem_comp.formula 
_chem_comp.formula_weight 
ALA 'L-peptide linking' y ALANINE         ? 'C3 H7 N O2'       89.093  
ARG 'L-peptide linking' y ARGININE        ? 'C6 H15 N4 O2 1'   175.209 
ASN 'L-peptide linking' y ASPARAGINE      ? 'C4 H8 N2 O3'      132.118 
ASP 'L-peptide linking' y 'ASPARTIC ACID' ? 'C4 H7 N O4'       133.103 
CYS 'L-peptide linking' y CYSTEINE        ? 'C3 H7 N O2 S'     121.158 
GLN 'L-peptide linking' y GLUTAMINE       ? 'C5 H10 N2 O3'     146.144 
GLU 'L-peptide linking' y 'GLUTAMIC ACID' ? 'C5 H9 N O4'       147.129 
GLY 'peptide linking'   y GLYCINE         ? 'C2 H5 N O2'       75.067  
HEC non-polymer         . 'HEME C'        ? 'C34 H34 Fe N4 O4' 618.503 
HIS 'L-peptide linking' y HISTIDINE       ? 'C6 H10 N3 O2 1'   156.162 
HOH non-polymer         . WATER           ? 'H2 O'             18.015  
ILE 'L-peptide linking' y ISOLEUCINE      ? 'C6 H13 N O2'      131.173 
LEU 'L-peptide linking' y LEUCINE         ? 'C6 H13 N O2'      131.173 
LYS 'L-peptide linking' y LYSINE          ? 'C6 H15 N2 O2 1'   147.195 
MET 'L-peptide linking' y METHIONINE      ? 'C5 H11 N O2 S'    149.211 
PHE 'L-peptide linking' y PHENYLALANINE   ? 'C9 H11 N O2'      165.189 
PRO 'L-peptide linking' y PROLINE         ? 'C5 H9 N O2'       115.130 
SER 'L-peptide linking' y SERINE          ? 'C3 H7 N O3'       105.093 
THR 'L-peptide linking' y THREONINE       ? 'C4 H9 N O3'       119.119 
TRP 'L-peptide linking' y TRYPTOPHAN      ? 'C11 H12 N2 O2'    204.225 
TYR 'L-peptide linking' y TYROSINE        ? 'C9 H11 N O3'      181.189 
VAL 'L-peptide linking' y VALINE          ? 'C5 H11 N O2'      117.146 
ZN  non-polymer         . 'ZINC ION'      ? 'Zn 2'             65.409  
# 
loop_
_pdbx_poly_seq_scheme.asym_id 
_pdbx_poly_seq_scheme.entity_id 
_pdbx_poly_seq_scheme.seq_id 
_pdbx_poly_seq_scheme.mon_id 
_pdbx_poly_seq_scheme.ndb_seq_num 
_pdbx_poly_seq_scheme.pdb_seq_num 
_pdbx_poly_seq_scheme.auth_seq_num 
_pdbx_poly_seq_scheme.pdb_mon_id 
_pdbx_poly_seq_scheme.auth_mon_id 
_pdbx_poly_seq_scheme.pdb_strand_id 
_pdbx_poly_seq_scheme.pdb_ins_code 
_pdbx_poly_seq_scheme.hetero 
A 1 1   ALA 1   1   1   ALA ALA A . n 
A 1 2   ASP 2   2   2   ASP ASP A . n 
A 1 3   LEU 3   3   3   LEU LEU A . n 
A 1 4   GLU 4   4   4   GLU GLU A . n 
A 1 5   ASP 5   5   5   ASP ASP A . n 
A 1 6   ASN 6   6   6   ASN ASN A . n 
A 1 7   MET 7   7   7   MET MET A . n 
A 1 8   GLU 8   8   8   GLU GLU A . n 
A 1 9   THR 9   9   9   THR THR A . n 
A 1 10  LEU 10  10  10  LEU LEU A . n 
A 1 11  ASN 11  11  11  ASN ASN A . n 
A 1 12  ASP 12  12  12  ASP ASP A . n 
A 1 13  ASN 13  13  13  ASN ASN A . n 
A 1 14  LEU 14  14  14  LEU LEU A . n 
A 1 15  LYS 15  15  15  LYS LYS A . n 
A 1 16  VAL 16  16  16  VAL VAL A . n 
A 1 17  ILE 17  17  17  ILE ILE A . n 
A 1 18  GLU 18  18  18  GLU GLU A . n 
A 1 19  LYS 19  19  19  LYS LYS A . n 
A 1 20  ALA 20  20  20  ALA ALA A . n 
A 1 21  ASP 21  21  21  ASP ASP A . n 
A 1 22  ASN 22  22  22  ASN ASN A . n 
A 1 23  ALA 23  23  23  ALA ALA A . n 
A 1 24  ALA 24  24  24  ALA ALA A . n 
A 1 25  GLN 25  25  25  GLN GLN A . n 
A 1 26  VAL 26  26  26  VAL VAL A . n 
A 1 27  LYS 27  27  27  LYS LYS A . n 
A 1 28  ASP 28  28  28  ASP ASP A . n 
A 1 29  ALA 29  29  29  ALA ALA A . n 
A 1 30  LEU 30  30  30  LEU LEU A . n 
A 1 31  THR 31  31  31  THR THR A . n 
A 1 32  LYS 32  32  32  LYS LYS A . n 
A 1 33  MET 33  33  33  MET MET A . n 
A 1 34  ARG 34  34  34  ARG ARG A . n 
A 1 35  ALA 35  35  35  ALA ALA A . n 
A 1 36  ALA 36  36  36  ALA ALA A . n 
A 1 37  ALA 37  37  37  ALA ALA A . n 
A 1 38  LEU 38  38  38  LEU LEU A . n 
A 1 39  ASP 39  39  39  ASP ASP A . n 
A 1 40  ALA 40  40  40  ALA ALA A . n 
A 1 41  GLN 41  41  41  GLN GLN A . n 
A 1 42  LYS 42  42  42  LYS LYS A . n 
A 1 43  ALA 43  43  43  ALA ALA A . n 
A 1 44  THR 44  44  44  THR THR A . n 
A 1 45  PRO 45  45  45  PRO PRO A . n 
A 1 46  PRO 46  46  46  PRO PRO A . n 
A 1 47  LYS 47  47  47  LYS LYS A . n 
A 1 48  LEU 48  48  48  LEU LEU A . n 
A 1 49  GLU 49  49  49  GLU GLU A . n 
A 1 50  ASP 50  50  50  ASP ASP A . n 
A 1 51  LYS 51  51  51  LYS LYS A . n 
A 1 52  SER 52  52  52  SER SER A . n 
A 1 53  PRO 53  53  53  PRO PRO A . n 
A 1 54  ASP 54  54  54  ASP ASP A . n 
A 1 55  SER 55  55  55  SER SER A . n 
A 1 56  PRO 56  56  56  PRO PRO A . n 
A 1 57  GLU 57  57  57  GLU GLU A . n 
A 1 58  MET 58  58  58  MET MET A . n 
A 1 59  TRP 59  59  59  TRP TRP A . n 
A 1 60  HIS 60  60  60  HIS HIS A . n 
A 1 61  PHE 61  61  61  PHE PHE A . n 
A 1 62  ARG 62  62  62  ARG ARG A . n 
A 1 63  HIS 63  63  63  HIS HIS A . n 
A 1 64  GLY 64  64  64  GLY GLY A . n 
A 1 65  PHE 65  65  65  PHE PHE A . n 
A 1 66  ASP 66  66  66  ASP ASP A . n 
A 1 67  ILE 67  67  67  ILE ILE A . n 
A 1 68  LEU 68  68  68  LEU LEU A . n 
A 1 69  VAL 69  69  69  VAL VAL A . n 
A 1 70  GLY 70  70  70  GLY GLY A . n 
A 1 71  GLN 71  71  71  GLN GLN A . n 
A 1 72  ILE 72  72  72  ILE ILE A . n 
A 1 73  ASP 73  73  73  ASP ASP A . n 
A 1 74  ASP 74  74  74  ASP ASP A . n 
A 1 75  ALA 75  75  75  ALA ALA A . n 
A 1 76  LEU 76  76  76  LEU LEU A . n 
A 1 77  LYS 77  77  77  LYS LYS A . n 
A 1 78  LEU 78  78  78  LEU LEU A . n 
A 1 79  ALA 79  79  79  ALA ALA A . n 
A 1 80  ASN 80  80  80  ASN ASN A . n 
A 1 81  GLU 81  81  81  GLU GLU A . n 
A 1 82  GLY 82  82  82  GLY GLY A . n 
A 1 83  LYS 83  83  83  LYS LYS A . n 
A 1 84  VAL 84  84  84  VAL VAL A . n 
A 1 85  LYS 85  85  85  LYS LYS A . n 
A 1 86  GLU 86  86  86  GLU GLU A . n 
A 1 87  ALA 87  87  87  ALA ALA A . n 
A 1 88  GLN 88  88  88  GLN GLN A . n 
A 1 89  ALA 89  89  89  ALA ALA A . n 
A 1 90  ALA 90  90  90  ALA ALA A . n 
A 1 91  ALA 91  91  91  ALA ALA A . n 
A 1 92  GLU 92  92  92  GLU GLU A . n 
A 1 93  GLN 93  93  93  GLN GLN A . n 
A 1 94  LEU 94  94  94  LEU LEU A . n 
A 1 95  LYS 95  95  95  LYS LYS A . n 
A 1 96  CYS 96  96  96  CYS CYS A . n 
A 1 97  THR 97  97  97  THR THR A . n 
A 1 98  CYS 98  98  98  CYS CYS A . n 
A 1 99  ASN 99  99  99  ASN ASN A . n 
A 1 100 HIS 100 100 100 HIS HIS A . n 
A 1 101 CYS 101 101 101 CYS CYS A . n 
A 1 102 HIS 102 102 102 HIS HIS A . n 
A 1 103 GLN 103 103 103 GLN GLN A . n 
A 1 104 HIS 104 104 104 HIS HIS A . n 
A 1 105 TYR 105 105 105 TYR TYR A . n 
A 1 106 ARG 106 106 106 ARG ARG A . n 
# 
_pdbx_entity_instance_feature.ordinal        1 
_pdbx_entity_instance_feature.comp_id        ZN 
_pdbx_entity_instance_feature.asym_id        ? 
_pdbx_entity_instance_feature.seq_num        ? 
_pdbx_entity_instance_feature.auth_comp_id   ZN 
_pdbx_entity_instance_feature.auth_asym_id   ? 
_pdbx_entity_instance_feature.auth_seq_num   ? 
_pdbx_entity_instance_feature.feature_type   'SUBJECT OF INVESTIGATION' 
_pdbx_entity_instance_feature.details        ? 
# 
loop_
_pdbx_nonpoly_scheme.asym_id 
_pdbx_nonpoly_scheme.entity_id 
_pdbx_nonpoly_scheme.mon_id 
_pdbx_nonpoly_scheme.ndb_seq_num 
_pdbx_nonpoly_scheme.pdb_seq_num 
_pdbx_nonpoly_scheme.auth_seq_num 
_pdbx_nonpoly_scheme.pdb_mon_id 
_pdbx_nonpoly_scheme.auth_mon_id 
_pdbx_nonpoly_scheme.pdb_strand_id 
_pdbx_nonpoly_scheme.pdb_ins_code 
B 2 HEC 1   201 150 HEC HEM A . 
C 3 ZN  1   202 1   ZN  ZN  A . 
D 3 ZN  1   203 2   ZN  ZN  A . 
E 3 ZN  1   204 3   ZN  ZN  A . 
F 4 HOH 1   301 46  HOH HOH A . 
F 4 HOH 2   302 124 HOH HOH A . 
F 4 HOH 3   303 80  HOH HOH A . 
F 4 HOH 4   304 72  HOH HOH A . 
F 4 HOH 5   305 26  HOH HOH A . 
F 4 HOH 6   306 44  HOH HOH A . 
F 4 HOH 7   307 89  HOH HOH A . 
F 4 HOH 8   308 41  HOH HOH A . 
F 4 HOH 9   309 57  HOH HOH A . 
F 4 HOH 10  310 110 HOH HOH A . 
F 4 HOH 11  311 2   HOH HOH A . 
F 4 HOH 12  312 119 HOH HOH A . 
F 4 HOH 13  313 61  HOH HOH A . 
F 4 HOH 14  314 105 HOH HOH A . 
F 4 HOH 15  315 53  HOH HOH A . 
F 4 HOH 16  316 56  HOH HOH A . 
F 4 HOH 17  317 43  HOH HOH A . 
F 4 HOH 18  318 9   HOH HOH A . 
F 4 HOH 19  319 90  HOH HOH A . 
F 4 HOH 20  320 16  HOH HOH A . 
F 4 HOH 21  321 109 HOH HOH A . 
F 4 HOH 22  322 22  HOH HOH A . 
F 4 HOH 23  323 42  HOH HOH A . 
F 4 HOH 24  324 36  HOH HOH A . 
F 4 HOH 25  325 102 HOH HOH A . 
F 4 HOH 26  326 21  HOH HOH A . 
F 4 HOH 27  327 32  HOH HOH A . 
F 4 HOH 28  328 13  HOH HOH A . 
F 4 HOH 29  329 69  HOH HOH A . 
F 4 HOH 30  330 24  HOH HOH A . 
F 4 HOH 31  331 4   HOH HOH A . 
F 4 HOH 32  332 28  HOH HOH A . 
F 4 HOH 33  333 48  HOH HOH A . 
F 4 HOH 34  334 7   HOH HOH A . 
F 4 HOH 35  335 93  HOH HOH A . 
F 4 HOH 36  336 33  HOH HOH A . 
F 4 HOH 37  337 35  HOH HOH A . 
F 4 HOH 38  338 58  HOH HOH A . 
F 4 HOH 39  339 40  HOH HOH A . 
F 4 HOH 40  340 11  HOH HOH A . 
F 4 HOH 41  341 62  HOH HOH A . 
F 4 HOH 42  342 19  HOH HOH A . 
F 4 HOH 43  343 27  HOH HOH A . 
F 4 HOH 44  344 12  HOH HOH A . 
F 4 HOH 45  345 18  HOH HOH A . 
F 4 HOH 46  346 128 HOH HOH A . 
F 4 HOH 47  347 34  HOH HOH A . 
F 4 HOH 48  348 50  HOH HOH A . 
F 4 HOH 49  349 87  HOH HOH A . 
F 4 HOH 50  350 23  HOH HOH A . 
F 4 HOH 51  351 123 HOH HOH A . 
F 4 HOH 52  352 39  HOH HOH A . 
F 4 HOH 53  353 59  HOH HOH A . 
F 4 HOH 54  354 81  HOH HOH A . 
F 4 HOH 55  355 14  HOH HOH A . 
F 4 HOH 56  356 65  HOH HOH A . 
F 4 HOH 57  357 60  HOH HOH A . 
F 4 HOH 58  358 3   HOH HOH A . 
F 4 HOH 59  359 49  HOH HOH A . 
F 4 HOH 60  360 122 HOH HOH A . 
F 4 HOH 61  361 79  HOH HOH A . 
F 4 HOH 62  362 38  HOH HOH A . 
F 4 HOH 63  363 8   HOH HOH A . 
F 4 HOH 64  364 95  HOH HOH A . 
F 4 HOH 65  365 135 HOH HOH A . 
F 4 HOH 66  366 17  HOH HOH A . 
F 4 HOH 67  367 104 HOH HOH A . 
F 4 HOH 68  368 15  HOH HOH A . 
F 4 HOH 69  369 138 HOH HOH A . 
F 4 HOH 70  370 20  HOH HOH A . 
F 4 HOH 71  371 84  HOH HOH A . 
F 4 HOH 72  372 6   HOH HOH A . 
F 4 HOH 73  373 112 HOH HOH A . 
F 4 HOH 74  374 51  HOH HOH A . 
F 4 HOH 75  375 64  HOH HOH A . 
F 4 HOH 76  376 85  HOH HOH A . 
F 4 HOH 77  377 74  HOH HOH A . 
F 4 HOH 78  378 115 HOH HOH A . 
F 4 HOH 79  379 76  HOH HOH A . 
F 4 HOH 80  380 10  HOH HOH A . 
F 4 HOH 81  381 70  HOH HOH A . 
F 4 HOH 82  382 47  HOH HOH A . 
F 4 HOH 83  383 92  HOH HOH A . 
F 4 HOH 84  384 101 HOH HOH A . 
F 4 HOH 85  385 114 HOH HOH A . 
F 4 HOH 86  386 94  HOH HOH A . 
F 4 HOH 87  387 117 HOH HOH A . 
F 4 HOH 88  388 52  HOH HOH A . 
F 4 HOH 89  389 77  HOH HOH A . 
F 4 HOH 90  390 126 HOH HOH A . 
F 4 HOH 91  391 75  HOH HOH A . 
F 4 HOH 92  392 97  HOH HOH A . 
F 4 HOH 93  393 96  HOH HOH A . 
F 4 HOH 94  394 129 HOH HOH A . 
F 4 HOH 95  395 1   HOH HOH A . 
F 4 HOH 96  396 63  HOH HOH A . 
F 4 HOH 97  397 139 HOH HOH A . 
F 4 HOH 98  398 29  HOH HOH A . 
F 4 HOH 99  399 132 HOH HOH A . 
F 4 HOH 100 400 82  HOH HOH A . 
F 4 HOH 101 401 91  HOH HOH A . 
F 4 HOH 102 402 55  HOH HOH A . 
F 4 HOH 103 403 37  HOH HOH A . 
F 4 HOH 104 404 54  HOH HOH A . 
F 4 HOH 105 405 134 HOH HOH A . 
F 4 HOH 106 406 31  HOH HOH A . 
F 4 HOH 107 407 71  HOH HOH A . 
F 4 HOH 108 408 136 HOH HOH A . 
F 4 HOH 109 409 133 HOH HOH A . 
F 4 HOH 110 410 125 HOH HOH A . 
F 4 HOH 111 411 30  HOH HOH A . 
F 4 HOH 112 412 137 HOH HOH A . 
F 4 HOH 113 413 103 HOH HOH A . 
F 4 HOH 114 414 66  HOH HOH A . 
F 4 HOH 115 415 130 HOH HOH A . 
F 4 HOH 116 416 83  HOH HOH A . 
F 4 HOH 117 417 45  HOH HOH A . 
F 4 HOH 118 418 127 HOH HOH A . 
F 4 HOH 119 419 118 HOH HOH A . 
F 4 HOH 120 420 73  HOH HOH A . 
F 4 HOH 121 421 107 HOH HOH A . 
F 4 HOH 122 422 106 HOH HOH A . 
F 4 HOH 123 423 121 HOH HOH A . 
F 4 HOH 124 424 86  HOH HOH A . 
F 4 HOH 125 425 78  HOH HOH A . 
F 4 HOH 126 426 140 HOH HOH A . 
F 4 HOH 127 427 113 HOH HOH A . 
F 4 HOH 128 428 116 HOH HOH A . 
F 4 HOH 129 429 67  HOH HOH A . 
F 4 HOH 130 430 120 HOH HOH A . 
F 4 HOH 131 431 99  HOH HOH A . 
F 4 HOH 132 432 98  HOH HOH A . 
F 4 HOH 133 433 100 HOH HOH A . 
F 4 HOH 134 434 68  HOH HOH A . 
F 4 HOH 135 435 5   HOH HOH A . 
F 4 HOH 136 436 111 HOH HOH A . 
F 4 HOH 137 437 88  HOH HOH A . 
F 4 HOH 138 438 108 HOH HOH A . 
F 4 HOH 139 439 131 HOH HOH A . 
# 
loop_
_pdbx_unobs_or_zero_occ_atoms.id 
_pdbx_unobs_or_zero_occ_atoms.PDB_model_num 
_pdbx_unobs_or_zero_occ_atoms.polymer_flag 
_pdbx_unobs_or_zero_occ_atoms.occupancy_flag 
_pdbx_unobs_or_zero_occ_atoms.auth_asym_id 
_pdbx_unobs_or_zero_occ_atoms.auth_comp_id 
_pdbx_unobs_or_zero_occ_atoms.auth_seq_id 
_pdbx_unobs_or_zero_occ_atoms.PDB_ins_code 
_pdbx_unobs_or_zero_occ_atoms.auth_atom_id 
_pdbx_unobs_or_zero_occ_atoms.label_alt_id 
_pdbx_unobs_or_zero_occ_atoms.label_asym_id 
_pdbx_unobs_or_zero_occ_atoms.label_comp_id 
_pdbx_unobs_or_zero_occ_atoms.label_seq_id 
_pdbx_unobs_or_zero_occ_atoms.label_atom_id 
1  1 Y 1 A LYS 15  ? CE  ? A LYS 15  CE  
2  1 Y 1 A LYS 15  ? NZ  ? A LYS 15  NZ  
3  1 Y 1 A LYS 19  ? CE  ? A LYS 19  CE  
4  1 Y 1 A LYS 19  ? NZ  ? A LYS 19  NZ  
5  1 Y 1 A LYS 47  ? CG  ? A LYS 47  CG  
6  1 Y 1 A LYS 47  ? CD  ? A LYS 47  CD  
7  1 Y 1 A LYS 47  ? CE  ? A LYS 47  CE  
8  1 Y 1 A LYS 47  ? NZ  ? A LYS 47  NZ  
9  1 Y 1 A LYS 85  ? CE  ? A LYS 85  CE  
10 1 Y 1 A LYS 85  ? NZ  ? A LYS 85  NZ  
11 1 Y 1 A ARG 106 ? CZ  ? A ARG 106 CZ  
12 1 Y 1 A ARG 106 ? NH1 ? A ARG 106 NH1 
13 1 Y 1 A ARG 106 ? NH2 ? A ARG 106 NH2 
# 
loop_
_software.citation_id 
_software.classification 
_software.compiler_name 
_software.compiler_version 
_software.contact_author 
_software.contact_author_email 
_software.date 
_software.description 
_software.dependencies 
_software.hardware 
_software.language 
_software.location 
_software.mods 
_software.name 
_software.os 
_software.os_version 
_software.type 
_software.version 
_software.pdbx_ordinal 
? refinement       ? ? ? ? ? ? ? ? ? ? ? PHENIX  ? ? ? 1.15.2_3472 1 
? 'data reduction' ? ? ? ? ? ? ? ? ? ? ? iMOSFLM ? ? ? .           2 
? 'data scaling'   ? ? ? ? ? ? ? ? ? ? ? Aimless ? ? ? .           3 
? phasing          ? ? ? ? ? ? ? ? ? ? ? PHASER  ? ? ? .           4 
# 
_cell.angle_alpha                  90.000 
_cell.angle_alpha_esd              ? 
_cell.angle_beta                   90.000 
_cell.angle_beta_esd               ? 
_cell.angle_gamma                  90.000 
_cell.angle_gamma_esd              ? 
_cell.entry_id                     8DRM 
_cell.details                      ? 
_cell.formula_units_Z              ? 
_cell.length_a                     39.260 
_cell.length_a_esd                 ? 
_cell.length_b                     51.320 
_cell.length_b_esd                 ? 
_cell.length_c                     58.820 
_cell.length_c_esd                 ? 
_cell.volume                       118511.901 
_cell.volume_esd                   ? 
_cell.Z_PDB                        4 
_cell.reciprocal_angle_alpha       ? 
_cell.reciprocal_angle_beta        ? 
_cell.reciprocal_angle_gamma       ? 
_cell.reciprocal_angle_alpha_esd   ? 
_cell.reciprocal_angle_beta_esd    ? 
_cell.reciprocal_angle_gamma_esd   ? 
_cell.reciprocal_length_a          ? 
_cell.reciprocal_length_b          ? 
_cell.reciprocal_length_c          ? 
_cell.reciprocal_length_a_esd      ? 
_cell.reciprocal_length_b_esd      ? 
_cell.reciprocal_length_c_esd      ? 
_cell.pdbx_unique_axis             ? 
_cell.pdbx_esd_method              ? 
# 
_symmetry.entry_id                         8DRM 
_symmetry.cell_setting                     ? 
_symmetry.Int_Tables_number                18 
_symmetry.space_group_name_Hall            'P 2 2ab (z,x,y)' 
_symmetry.space_group_name_H-M             'P 2 21 21' 
_symmetry.pdbx_full_space_group_name_H-M   ? 
# 
_exptl.absorpt_coefficient_mu     ? 
_exptl.absorpt_correction_T_max   ? 
_exptl.absorpt_correction_T_min   ? 
_exptl.absorpt_correction_type    ? 
_exptl.absorpt_process_details    ? 
_exptl.entry_id                   8DRM 
_exptl.crystals_number            1 
_exptl.details                    ? 
_exptl.method                     'X-RAY DIFFRACTION' 
_exptl.method_details             ? 
# 
_exptl_crystal.colour                       ? 
_exptl_crystal.density_diffrn               ? 
_exptl_crystal.density_Matthews             2.50 
_exptl_crystal.density_method               ? 
_exptl_crystal.density_percent_sol          50.83 
_exptl_crystal.description                  ? 
_exptl_crystal.F_000                        ? 
_exptl_crystal.id                           1 
_exptl_crystal.preparation                  ? 
_exptl_crystal.size_max                     ? 
_exptl_crystal.size_mid                     ? 
_exptl_crystal.size_min                     ? 
_exptl_crystal.size_rad                     ? 
_exptl_crystal.colour_lustre                ? 
_exptl_crystal.colour_modifier              ? 
_exptl_crystal.colour_primary               ? 
_exptl_crystal.density_meas                 ? 
_exptl_crystal.density_meas_esd             ? 
_exptl_crystal.density_meas_gt              ? 
_exptl_crystal.density_meas_lt              ? 
_exptl_crystal.density_meas_temp            ? 
_exptl_crystal.density_meas_temp_esd        ? 
_exptl_crystal.density_meas_temp_gt         ? 
_exptl_crystal.density_meas_temp_lt         ? 
_exptl_crystal.pdbx_crystal_image_url       ? 
_exptl_crystal.pdbx_crystal_image_format    ? 
_exptl_crystal.pdbx_mosaicity               ? 
_exptl_crystal.pdbx_mosaicity_esd           ? 
_exptl_crystal.pdbx_mosaic_method           ? 
_exptl_crystal.pdbx_mosaic_block_size       ? 
_exptl_crystal.pdbx_mosaic_block_size_esd   ? 
# 
_exptl_crystal_grow.apparatus       ? 
_exptl_crystal_grow.atmosphere      ? 
_exptl_crystal_grow.crystal_id      1 
_exptl_crystal_grow.details         ? 
_exptl_crystal_grow.method          'VAPOR DIFFUSION, SITTING DROP' 
_exptl_crystal_grow.method_ref      ? 
_exptl_crystal_grow.pH              9 
_exptl_crystal_grow.pressure        ? 
_exptl_crystal_grow.pressure_esd    ? 
_exptl_crystal_grow.seeding         ? 
_exptl_crystal_grow.seeding_ref     ? 
_exptl_crystal_grow.temp            298 
_exptl_crystal_grow.temp_details    ? 
_exptl_crystal_grow.temp_esd        ? 
_exptl_crystal_grow.time            ? 
_exptl_crystal_grow.pdbx_details    'PEG3350 25%, CHES 100 mM' 
_exptl_crystal_grow.pdbx_pH_range   ? 
# 
_diffrn.ambient_environment              ? 
_diffrn.ambient_temp                     100 
_diffrn.ambient_temp_details             ? 
_diffrn.ambient_temp_esd                 ? 
_diffrn.crystal_id                       1 
_diffrn.crystal_support                  ? 
_diffrn.crystal_treatment                ? 
_diffrn.details                          ? 
_diffrn.id                               1 
_diffrn.ambient_pressure                 ? 
_diffrn.ambient_pressure_esd             ? 
_diffrn.ambient_pressure_gt              ? 
_diffrn.ambient_pressure_lt              ? 
_diffrn.ambient_temp_gt                  ? 
_diffrn.ambient_temp_lt                  ? 
_diffrn.pdbx_serial_crystal_experiment   N 
# 
_diffrn_detector.details                      ? 
_diffrn_detector.detector                     PIXEL 
_diffrn_detector.diffrn_id                    1 
_diffrn_detector.type                         'DECTRIS PILATUS 6M' 
_diffrn_detector.area_resol_mean              ? 
_diffrn_detector.dtime                        ? 
_diffrn_detector.pdbx_frames_total            ? 
_diffrn_detector.pdbx_collection_time_total   ? 
_diffrn_detector.pdbx_collection_date         2020-10-18 
_diffrn_detector.pdbx_frequency               ? 
# 
_diffrn_radiation.collimation                      ? 
_diffrn_radiation.diffrn_id                        1 
_diffrn_radiation.filter_edge                      ? 
_diffrn_radiation.inhomogeneity                    ? 
_diffrn_radiation.monochromator                    ? 
_diffrn_radiation.polarisn_norm                    ? 
_diffrn_radiation.polarisn_ratio                   ? 
_diffrn_radiation.probe                            ? 
_diffrn_radiation.type                             ? 
_diffrn_radiation.xray_symbol                      ? 
_diffrn_radiation.wavelength_id                    1 
_diffrn_radiation.pdbx_monochromatic_or_laue_m_l   M 
_diffrn_radiation.pdbx_wavelength_list             ? 
_diffrn_radiation.pdbx_wavelength                  ? 
_diffrn_radiation.pdbx_diffrn_protocol             'SINGLE WAVELENGTH' 
_diffrn_radiation.pdbx_analyzer                    ? 
_diffrn_radiation.pdbx_scattering_type             x-ray 
# 
_diffrn_radiation_wavelength.id           1 
_diffrn_radiation_wavelength.wavelength   1.27159 
_diffrn_radiation_wavelength.wt           1.0 
# 
_diffrn_source.current                     ? 
_diffrn_source.details                     ? 
_diffrn_source.diffrn_id                   1 
_diffrn_source.power                       ? 
_diffrn_source.size                        ? 
_diffrn_source.source                      SYNCHROTRON 
_diffrn_source.target                      ? 
_diffrn_source.type                        'SSRL BEAMLINE BL9-2' 
_diffrn_source.voltage                     ? 
_diffrn_source.take-off_angle              ? 
_diffrn_source.pdbx_wavelength_list        1.27159 
_diffrn_source.pdbx_wavelength             ? 
_diffrn_source.pdbx_synchrotron_beamline   BL9-2 
_diffrn_source.pdbx_synchrotron_site       SSRL 
# 
_reflns.B_iso_Wilson_estimate                          20.73 
_reflns.entry_id                                       8DRM 
_reflns.data_reduction_details                         ? 
_reflns.data_reduction_method                          ? 
_reflns.d_resolution_high                              1.55 
_reflns.d_resolution_low                               39.26 
_reflns.details                                        ? 
_reflns.limit_h_max                                    ? 
_reflns.limit_h_min                                    ? 
_reflns.limit_k_max                                    ? 
_reflns.limit_k_min                                    ? 
_reflns.limit_l_max                                    ? 
_reflns.limit_l_min                                    ? 
_reflns.number_all                                     ? 
_reflns.number_obs                                     17722 
_reflns.observed_criterion                             ? 
_reflns.observed_criterion_F_max                       ? 
_reflns.observed_criterion_F_min                       ? 
_reflns.observed_criterion_I_max                       ? 
_reflns.observed_criterion_I_min                       ? 
_reflns.observed_criterion_sigma_F                     ? 
_reflns.observed_criterion_sigma_I                     ? 
_reflns.percent_possible_obs                           99.23 
_reflns.R_free_details                                 ? 
_reflns.Rmerge_F_all                                   ? 
_reflns.Rmerge_F_obs                                   ? 
_reflns.Friedel_coverage                               ? 
_reflns.number_gt                                      ? 
_reflns.threshold_expression                           ? 
_reflns.pdbx_redundancy                                2 
_reflns.pdbx_Rmerge_I_obs                              0.03811 
_reflns.pdbx_Rmerge_I_all                              ? 
_reflns.pdbx_Rsym_value                                ? 
_reflns.pdbx_netI_over_av_sigmaI                       ? 
_reflns.pdbx_netI_over_sigmaI                          20.18 
_reflns.pdbx_res_netI_over_av_sigmaI_2                 ? 
_reflns.pdbx_res_netI_over_sigmaI_2                    ? 
_reflns.pdbx_chi_squared                               ? 
_reflns.pdbx_scaling_rejects                           ? 
_reflns.pdbx_d_res_high_opt                            ? 
_reflns.pdbx_d_res_low_opt                             ? 
_reflns.pdbx_d_res_opt_method                          ? 
_reflns.phase_calculation_details                      ? 
_reflns.pdbx_Rrim_I_all                                0.0539 
_reflns.pdbx_Rpim_I_all                                0.03811 
_reflns.pdbx_d_opt                                     ? 
_reflns.pdbx_number_measured_all                       ? 
_reflns.pdbx_diffrn_id                                 1 
_reflns.pdbx_ordinal                                   1 
_reflns.pdbx_CC_half                                   0.998 
_reflns.pdbx_CC_star                                   0.999 
_reflns.pdbx_R_split                                   ? 
_reflns.pdbx_aniso_diffraction_limit_axis_1_ortho[1]   ? 
_reflns.pdbx_aniso_diffraction_limit_axis_1_ortho[2]   ? 
_reflns.pdbx_aniso_diffraction_limit_axis_1_ortho[3]   ? 
_reflns.pdbx_aniso_diffraction_limit_axis_2_ortho[1]   ? 
_reflns.pdbx_aniso_diffraction_limit_axis_2_ortho[2]   ? 
_reflns.pdbx_aniso_diffraction_limit_axis_2_ortho[3]   ? 
_reflns.pdbx_aniso_diffraction_limit_axis_3_ortho[1]   ? 
_reflns.pdbx_aniso_diffraction_limit_axis_3_ortho[2]   ? 
_reflns.pdbx_aniso_diffraction_limit_axis_3_ortho[3]   ? 
_reflns.pdbx_aniso_diffraction_limit_1                 ? 
_reflns.pdbx_aniso_diffraction_limit_2                 ? 
_reflns.pdbx_aniso_diffraction_limit_3                 ? 
_reflns.pdbx_aniso_B_tensor_eigenvector_1_ortho[1]     ? 
_reflns.pdbx_aniso_B_tensor_eigenvector_1_ortho[2]     ? 
_reflns.pdbx_aniso_B_tensor_eigenvector_1_ortho[3]     ? 
_reflns.pdbx_aniso_B_tensor_eigenvector_2_ortho[1]     ? 
_reflns.pdbx_aniso_B_tensor_eigenvector_2_ortho[2]     ? 
_reflns.pdbx_aniso_B_tensor_eigenvector_2_ortho[3]     ? 
_reflns.pdbx_aniso_B_tensor_eigenvector_3_ortho[1]     ? 
_reflns.pdbx_aniso_B_tensor_eigenvector_3_ortho[2]     ? 
_reflns.pdbx_aniso_B_tensor_eigenvector_3_ortho[3]     ? 
_reflns.pdbx_aniso_B_tensor_eigenvalue_1               ? 
_reflns.pdbx_aniso_B_tensor_eigenvalue_2               ? 
_reflns.pdbx_aniso_B_tensor_eigenvalue_3               ? 
_reflns.pdbx_orthogonalization_convention              ? 
_reflns.pdbx_percent_possible_ellipsoidal              ? 
_reflns.pdbx_percent_possible_spherical                ? 
_reflns.pdbx_percent_possible_ellipsoidal_anomalous    ? 
_reflns.pdbx_percent_possible_spherical_anomalous      ? 
_reflns.pdbx_redundancy_anomalous                      ? 
_reflns.pdbx_CC_half_anomalous                         ? 
_reflns.pdbx_absDiff_over_sigma_anomalous              ? 
_reflns.pdbx_percent_possible_anomalous                ? 
_reflns.pdbx_observed_signal_threshold                 ? 
_reflns.pdbx_signal_type                               ? 
_reflns.pdbx_signal_details                            ? 
_reflns.pdbx_signal_software_id                        ? 
_reflns.pdbx_CC_split_method                           ? 
# 
_reflns_shell.d_res_high                                    1.55 
_reflns_shell.d_res_low                                     1.605 
_reflns_shell.meanI_over_sigI_all                           ? 
_reflns_shell.meanI_over_sigI_obs                           4.07 
_reflns_shell.number_measured_all                           ? 
_reflns_shell.number_measured_obs                           ? 
_reflns_shell.number_possible                               ? 
_reflns_shell.number_unique_all                             ? 
_reflns_shell.number_unique_obs                             1725 
_reflns_shell.percent_possible_all                          98.07 
_reflns_shell.percent_possible_obs                          ? 
_reflns_shell.Rmerge_F_all                                  ? 
_reflns_shell.Rmerge_F_obs                                  ? 
_reflns_shell.Rmerge_I_all                                  ? 
_reflns_shell.Rmerge_I_obs                                  0.173 
_reflns_shell.meanI_over_sigI_gt                            ? 
_reflns_shell.meanI_over_uI_all                             ? 
_reflns_shell.meanI_over_uI_gt                              ? 
_reflns_shell.number_measured_gt                            ? 
_reflns_shell.number_unique_gt                              ? 
_reflns_shell.percent_possible_gt                           ? 
_reflns_shell.Rmerge_F_gt                                   ? 
_reflns_shell.Rmerge_I_gt                                   ? 
_reflns_shell.pdbx_redundancy                               2.02 
_reflns_shell.pdbx_Rsym_value                               ? 
_reflns_shell.pdbx_chi_squared                              ? 
_reflns_shell.pdbx_netI_over_sigmaI_all                     ? 
_reflns_shell.pdbx_netI_over_sigmaI_obs                     ? 
_reflns_shell.pdbx_Rrim_I_all                               0.2446 
_reflns_shell.pdbx_Rpim_I_all                               0.173 
_reflns_shell.pdbx_rejects                                  ? 
_reflns_shell.pdbx_ordinal                                  1 
_reflns_shell.pdbx_diffrn_id                                1 
_reflns_shell.pdbx_CC_half                                  0.916 
_reflns_shell.pdbx_CC_star                                  0.978 
_reflns_shell.pdbx_R_split                                  ? 
_reflns_shell.pdbx_percent_possible_ellipsoidal             ? 
_reflns_shell.pdbx_percent_possible_spherical               ? 
_reflns_shell.pdbx_percent_possible_ellipsoidal_anomalous   ? 
_reflns_shell.pdbx_percent_possible_spherical_anomalous     ? 
_reflns_shell.pdbx_redundancy_anomalous                     ? 
_reflns_shell.pdbx_CC_half_anomalous                        ? 
_reflns_shell.pdbx_absDiff_over_sigma_anomalous             ? 
_reflns_shell.pdbx_percent_possible_anomalous               ? 
# 
_refine.aniso_B[1][1]                            ? 
_refine.aniso_B[1][2]                            ? 
_refine.aniso_B[1][3]                            ? 
_refine.aniso_B[2][2]                            ? 
_refine.aniso_B[2][3]                            ? 
_refine.aniso_B[3][3]                            ? 
_refine.B_iso_max                                ? 
_refine.B_iso_mean                               26.21 
_refine.B_iso_min                                ? 
_refine.correlation_coeff_Fo_to_Fc               ? 
_refine.correlation_coeff_Fo_to_Fc_free          ? 
_refine.details                                  ? 
_refine.diff_density_max                         ? 
_refine.diff_density_max_esd                     ? 
_refine.diff_density_min                         ? 
_refine.diff_density_min_esd                     ? 
_refine.diff_density_rms                         ? 
_refine.diff_density_rms_esd                     ? 
_refine.entry_id                                 8DRM 
_refine.pdbx_refine_id                           'X-RAY DIFFRACTION' 
_refine.ls_abs_structure_details                 ? 
_refine.ls_abs_structure_Flack                   ? 
_refine.ls_abs_structure_Flack_esd               ? 
_refine.ls_abs_structure_Rogers                  ? 
_refine.ls_abs_structure_Rogers_esd              ? 
_refine.ls_d_res_high                            1.55 
_refine.ls_d_res_low                             39.26 
_refine.ls_extinction_coef                       ? 
_refine.ls_extinction_coef_esd                   ? 
_refine.ls_extinction_expression                 ? 
_refine.ls_extinction_method                     ? 
_refine.ls_goodness_of_fit_all                   ? 
_refine.ls_goodness_of_fit_all_esd               ? 
_refine.ls_goodness_of_fit_obs                   ? 
_refine.ls_goodness_of_fit_obs_esd               ? 
_refine.ls_hydrogen_treatment                    ? 
_refine.ls_matrix_type                           ? 
_refine.ls_number_constraints                    ? 
_refine.ls_number_parameters                     ? 
_refine.ls_number_reflns_all                     ? 
_refine.ls_number_reflns_obs                     17721 
_refine.ls_number_reflns_R_free                  1772 
_refine.ls_number_reflns_R_work                  29612 
_refine.ls_number_restraints                     ? 
_refine.ls_percent_reflns_obs                    98.66 
_refine.ls_percent_reflns_R_free                 10.00 
_refine.ls_R_factor_all                          ? 
_refine.ls_R_factor_obs                          0.1966 
_refine.ls_R_factor_R_free                       0.2285 
_refine.ls_R_factor_R_free_error                 ? 
_refine.ls_R_factor_R_free_error_details         ? 
_refine.ls_R_factor_R_work                       0.1932 
_refine.ls_R_Fsqd_factor_obs                     ? 
_refine.ls_R_I_factor_obs                        ? 
_refine.ls_redundancy_reflns_all                 ? 
_refine.ls_redundancy_reflns_obs                 ? 
_refine.ls_restrained_S_all                      ? 
_refine.ls_restrained_S_obs                      ? 
_refine.ls_shift_over_esd_max                    ? 
_refine.ls_shift_over_esd_mean                   ? 
_refine.ls_structure_factor_coef                 ? 
_refine.ls_weighting_details                     ? 
_refine.ls_weighting_scheme                      ? 
_refine.ls_wR_factor_all                         ? 
_refine.ls_wR_factor_obs                         ? 
_refine.ls_wR_factor_R_free                      ? 
_refine.ls_wR_factor_R_work                      ? 
_refine.occupancy_max                            ? 
_refine.occupancy_min                            ? 
_refine.solvent_model_details                    'FLAT BULK SOLVENT MODEL' 
_refine.solvent_model_param_bsol                 ? 
_refine.solvent_model_param_ksol                 ? 
_refine.pdbx_R_complete                          ? 
_refine.ls_R_factor_gt                           ? 
_refine.ls_goodness_of_fit_gt                    ? 
_refine.ls_goodness_of_fit_ref                   ? 
_refine.ls_shift_over_su_max                     ? 
_refine.ls_shift_over_su_max_lt                  ? 
_refine.ls_shift_over_su_mean                    ? 
_refine.ls_shift_over_su_mean_lt                 ? 
_refine.pdbx_ls_sigma_I                          ? 
_refine.pdbx_ls_sigma_F                          1.35 
_refine.pdbx_ls_sigma_Fsqd                       ? 
_refine.pdbx_data_cutoff_high_absF               ? 
_refine.pdbx_data_cutoff_high_rms_absF           ? 
_refine.pdbx_data_cutoff_low_absF                ? 
_refine.pdbx_isotropic_thermal_model             ? 
_refine.pdbx_ls_cross_valid_method               'FREE R-VALUE' 
_refine.pdbx_method_to_determine_struct          'MOLECULAR REPLACEMENT' 
_refine.pdbx_starting_model                      2bc5 
_refine.pdbx_stereochemistry_target_values       'GeoStd + Monomer Library + CDL v1.2' 
_refine.pdbx_R_Free_selection_details            ? 
_refine.pdbx_stereochem_target_val_spec_case     ? 
_refine.pdbx_overall_ESU_R                       ? 
_refine.pdbx_overall_ESU_R_Free                  ? 
_refine.pdbx_solvent_vdw_probe_radii             1.1100 
_refine.pdbx_solvent_ion_probe_radii             ? 
_refine.pdbx_solvent_shrinkage_radii             0.9000 
_refine.pdbx_real_space_R                        ? 
_refine.pdbx_density_correlation                 ? 
_refine.pdbx_pd_number_of_powder_patterns        ? 
_refine.pdbx_pd_number_of_points                 ? 
_refine.pdbx_pd_meas_number_of_points            ? 
_refine.pdbx_pd_proc_ls_prof_R_factor            ? 
_refine.pdbx_pd_proc_ls_prof_wR_factor           ? 
_refine.pdbx_pd_Marquardt_correlation_coeff      ? 
_refine.pdbx_pd_Fsqrd_R_factor                   ? 
_refine.pdbx_pd_ls_matrix_band_width             ? 
_refine.pdbx_overall_phase_error                 23.2953 
_refine.pdbx_overall_SU_R_free_Cruickshank_DPI   ? 
_refine.pdbx_overall_SU_R_free_Blow_DPI          ? 
_refine.pdbx_overall_SU_R_Blow_DPI               ? 
_refine.pdbx_TLS_residual_ADP_flag               ? 
_refine.pdbx_diffrn_id                           1 
_refine.overall_SU_B                             ? 
_refine.overall_SU_ML                            0.1799 
_refine.overall_SU_R_Cruickshank_DPI             ? 
_refine.overall_SU_R_free                        ? 
_refine.overall_FOM_free_R_set                   ? 
_refine.overall_FOM_work_R_set                   ? 
_refine.pdbx_average_fsc_overall                 ? 
_refine.pdbx_average_fsc_work                    ? 
_refine.pdbx_average_fsc_free                    ? 
# 
_refine_hist.pdbx_refine_id                   'X-RAY DIFFRACTION' 
_refine_hist.cycle_id                         LAST 
_refine_hist.details                          ? 
_refine_hist.d_res_high                       1.55 
_refine_hist.d_res_low                        39.26 
_refine_hist.number_atoms_solvent             139 
_refine_hist.number_atoms_total               999 
_refine_hist.number_reflns_all                ? 
_refine_hist.number_reflns_obs                ? 
_refine_hist.number_reflns_R_free             ? 
_refine_hist.number_reflns_R_work             ? 
_refine_hist.R_factor_all                     ? 
_refine_hist.R_factor_obs                     ? 
_refine_hist.R_factor_R_free                  ? 
_refine_hist.R_factor_R_work                  ? 
_refine_hist.pdbx_number_residues_total       ? 
_refine_hist.pdbx_B_iso_mean_ligand           ? 
_refine_hist.pdbx_B_iso_mean_solvent          ? 
_refine_hist.pdbx_number_atoms_protein        857 
_refine_hist.pdbx_number_atoms_nucleic_acid   0 
_refine_hist.pdbx_number_atoms_ligand         3 
_refine_hist.pdbx_number_atoms_lipid          ? 
_refine_hist.pdbx_number_atoms_carb           ? 
_refine_hist.pdbx_pseudo_atom_details         ? 
# 
loop_
_refine_ls_restr.pdbx_refine_id 
_refine_ls_restr.criterion 
_refine_ls_restr.dev_ideal 
_refine_ls_restr.dev_ideal_target 
_refine_ls_restr.number 
_refine_ls_restr.rejects 
_refine_ls_restr.type 
_refine_ls_restr.weight 
_refine_ls_restr.pdbx_restraint_function 
'X-RAY DIFFRACTION' ? 0.0070  ? 877  ? f_bond_d           ? ? 
'X-RAY DIFFRACTION' ? 0.7923  ? 1201 ? f_angle_d          ? ? 
'X-RAY DIFFRACTION' ? 0.0405  ? 124  ? f_chiral_restr     ? ? 
'X-RAY DIFFRACTION' ? 0.0049  ? 158  ? f_plane_restr      ? ? 
'X-RAY DIFFRACTION' ? 10.0052 ? 522  ? f_dihedral_angle_d ? ? 
# 
loop_
_refine_ls_shell.pdbx_refine_id 
_refine_ls_shell.d_res_high 
_refine_ls_shell.d_res_low 
_refine_ls_shell.number_reflns_all 
_refine_ls_shell.number_reflns_obs 
_refine_ls_shell.number_reflns_R_free 
_refine_ls_shell.number_reflns_R_work 
_refine_ls_shell.percent_reflns_obs 
_refine_ls_shell.percent_reflns_R_free 
_refine_ls_shell.R_factor_all 
_refine_ls_shell.R_factor_obs 
_refine_ls_shell.R_factor_R_free 
_refine_ls_shell.R_factor_R_free_error 
_refine_ls_shell.R_factor_R_work 
_refine_ls_shell.redundancy_reflns_all 
_refine_ls_shell.redundancy_reflns_obs 
_refine_ls_shell.wR_factor_all 
_refine_ls_shell.wR_factor_obs 
_refine_ls_shell.wR_factor_R_free 
_refine_ls_shell.wR_factor_R_work 
_refine_ls_shell.pdbx_R_complete 
_refine_ls_shell.pdbx_total_number_of_bins_used 
_refine_ls_shell.pdbx_phase_error 
_refine_ls_shell.pdbx_fsc_work 
_refine_ls_shell.pdbx_fsc_free 
'X-RAY DIFFRACTION' 1.55 1.57  . . 135 1239 97.72 . . . 0.3228 . 0.2576 . . . . . . . . . . . 
'X-RAY DIFFRACTION' 1.57 1.60  . . 133 1185 95.30 . . . 0.2835 . 0.2427 . . . . . . . . . . . 
'X-RAY DIFFRACTION' 1.60 1.62  . . 135 1246 98.64 . . . 0.2886 . 0.2578 . . . . . . . . . . . 
'X-RAY DIFFRACTION' 1.62 1.65  . . 134 1246 99.21 . . . 0.2692 . 0.2384 . . . . . . . . . . . 
'X-RAY DIFFRACTION' 1.65 1.68  . . 135 1233 98.99 . . . 0.2867 . 0.2300 . . . . . . . . . . . 
'X-RAY DIFFRACTION' 1.68 1.71  . . 145 1245 99.21 . . . 0.2707 . 0.2271 . . . . . . . . . . . 
'X-RAY DIFFRACTION' 1.71 1.74  . . 133 1209 98.46 . . . 0.2255 . 0.2316 . . . . . . . . . . . 
'X-RAY DIFFRACTION' 1.74 1.77  . . 143 1259 98.52 . . . 0.3051 . 0.2060 . . . . . . . . . . . 
'X-RAY DIFFRACTION' 1.77 1.81  . . 132 1195 96.37 . . . 0.2352 . 0.2220 . . . . . . . . . . . 
'X-RAY DIFFRACTION' 1.81 1.85  . . 139 1190 95.75 . . . 0.2724 . 0.2239 . . . . . . . . . . . 
'X-RAY DIFFRACTION' 1.85 1.90  . . 135 1245 99.50 . . . 0.2842 . 0.2217 . . . . . . . . . . . 
'X-RAY DIFFRACTION' 1.90 1.95  . . 137 1231 99.49 . . . 0.2466 . 0.2150 . . . . . . . . . . . 
'X-RAY DIFFRACTION' 1.95 2.01  . . 141 1238 99.14 . . . 0.2611 . 0.2092 . . . . . . . . . . . 
'X-RAY DIFFRACTION' 2.01 2.08  . . 139 1258 99.43 . . . 0.2573 . 0.2116 . . . . . . . . . . . 
'X-RAY DIFFRACTION' 2.08 2.15  . . 142 1244 99.64 . . . 0.2184 . 0.1952 . . . . . . . . . . . 
'X-RAY DIFFRACTION' 2.15 2.24  . . 129 1205 97.23 . . . 0.2341 . 0.1888 . . . . . . . . . . . 
'X-RAY DIFFRACTION' 2.24 2.34  . . 136 1218 98.98 . . . 0.2067 . 0.2036 . . . . . . . . . . . 
'X-RAY DIFFRACTION' 2.34 2.46  . . 143 1256 99.93 . . . 0.2495 . 0.2024 . . . . . . . . . . . 
'X-RAY DIFFRACTION' 2.46 2.61  . . 137 1250 99.78 . . . 0.2339 . 0.1973 . . . . . . . . . . . 
'X-RAY DIFFRACTION' 2.61 2.82  . . 143 1258 99.72 . . . 0.2471 . 0.2046 . . . . . . . . . . . 
'X-RAY DIFFRACTION' 2.82 3.10  . . 133 1223 99.20 . . . 0.2301 . 0.1982 . . . . . . . . . . . 
'X-RAY DIFFRACTION' 3.10 3.55  . . 136 1246 98.71 . . . 0.1918 . 0.1759 . . . . . . . . . . . 
'X-RAY DIFFRACTION' 3.55 4.47  . . 138 1246 99.78 . . . 0.2018 . 0.1690 . . . . . . . . . . . 
'X-RAY DIFFRACTION' 4.47 39.26 . . 139 1247 99.71 . . . 0.1991 . 0.1599 . . . . . . . . . . . 
# 
_struct.entry_id                     8DRM 
_struct.title                        'Zn(II)-bound B2 dimer (H60/H100/H104) formed in Zn(II)//Cu(II) (M1 // M2) condition' 
_struct.pdbx_model_details           ? 
_struct.pdbx_formula_weight          ? 
_struct.pdbx_formula_weight_method   ? 
_struct.pdbx_model_type_details      ? 
_struct.pdbx_CASP_flag               N 
# 
_struct_keywords.entry_id        8DRM 
_struct_keywords.text            'Trinuclear, Selectivity, METAL BINDING PROTEIN' 
_struct_keywords.pdbx_keywords   'METAL BINDING PROTEIN' 
# 
loop_
_struct_asym.id 
_struct_asym.pdbx_blank_PDB_chainid_flag 
_struct_asym.pdbx_modified 
_struct_asym.entity_id 
_struct_asym.details 
A N N 1 ? 
B N N 2 ? 
C N N 3 ? 
D N N 3 ? 
E N N 3 ? 
F N N 4 ? 
# 
_struct_ref.id                         1 
_struct_ref.db_name                    UNP 
_struct_ref.db_code                    C562_ECOLX 
_struct_ref.pdbx_db_accession          P0ABE7 
_struct_ref.pdbx_db_isoform            ? 
_struct_ref.entity_id                  1 
_struct_ref.pdbx_seq_one_letter_code   
;ADLEDNMETLNDNLKVIEKADNAAQVKDALTKMRAAALDAQKATPPKLEDKSPDSPEMKDFRHGFDILVGQIDDALKLAN
EGKVKEAQAAAEQLKTTRNAYHQKYR
;
_struct_ref.pdbx_align_begin           23 
# 
_struct_ref_seq.align_id                      1 
_struct_ref_seq.ref_id                        1 
_struct_ref_seq.pdbx_PDB_id_code              8DRM 
_struct_ref_seq.pdbx_strand_id                A 
_struct_ref_seq.seq_align_beg                 1 
_struct_ref_seq.pdbx_seq_align_beg_ins_code   ? 
_struct_ref_seq.seq_align_end                 106 
_struct_ref_seq.pdbx_seq_align_end_ins_code   ? 
_struct_ref_seq.pdbx_db_accession             P0ABE7 
_struct_ref_seq.db_align_beg                  23 
_struct_ref_seq.pdbx_db_align_beg_ins_code    ? 
_struct_ref_seq.db_align_end                  128 
_struct_ref_seq.pdbx_db_align_end_ins_code    ? 
_struct_ref_seq.pdbx_auth_seq_align_beg       1 
_struct_ref_seq.pdbx_auth_seq_align_end       106 
# 
loop_
_struct_ref_seq_dif.align_id 
_struct_ref_seq_dif.pdbx_pdb_id_code 
_struct_ref_seq_dif.mon_id 
_struct_ref_seq_dif.pdbx_pdb_strand_id 
_struct_ref_seq_dif.seq_num 
_struct_ref_seq_dif.pdbx_pdb_ins_code 
_struct_ref_seq_dif.pdbx_seq_db_name 
_struct_ref_seq_dif.pdbx_seq_db_accession_code 
_struct_ref_seq_dif.db_mon_id 
_struct_ref_seq_dif.pdbx_seq_db_seq_num 
_struct_ref_seq_dif.details 
_struct_ref_seq_dif.pdbx_auth_seq_num 
_struct_ref_seq_dif.pdbx_ordinal 
1 8DRM TRP A 59  ? UNP P0ABE7 LYS 81  conflict              59  1 
1 8DRM HIS A 60  ? UNP P0ABE7 ASP 82  'engineered mutation' 60  2 
1 8DRM CYS A 96  ? UNP P0ABE7 THR 118 conflict              96  3 
1 8DRM CYS A 98  ? UNP P0ABE7 ARG 120 conflict              98  4 
1 8DRM HIS A 100 ? UNP P0ABE7 ALA 122 'engineered mutation' 100 5 
1 8DRM CYS A 101 ? UNP P0ABE7 TYR 123 conflict              101 6 
1 8DRM HIS A 104 ? UNP P0ABE7 LYS 126 'engineered mutation' 104 7 
# 
_pdbx_struct_assembly.id                   1 
_pdbx_struct_assembly.details              author_and_software_defined_assembly 
_pdbx_struct_assembly.method_details       PISA 
_pdbx_struct_assembly.oligomeric_details   dimeric 
_pdbx_struct_assembly.oligomeric_count     2 
# 
loop_
_pdbx_struct_assembly_prop.biol_id 
_pdbx_struct_assembly_prop.type 
_pdbx_struct_assembly_prop.value 
_pdbx_struct_assembly_prop.details 
1 'ABSA (A^2)' 4050  ? 
1 MORE         -230  ? 
1 'SSA (A^2)'  10650 ? 
# 
_pdbx_struct_assembly_gen.assembly_id       1 
_pdbx_struct_assembly_gen.oper_expression   1,2 
_pdbx_struct_assembly_gen.asym_id_list      A,B,C,D,E,F 
# 
_pdbx_struct_assembly_auth_evidence.id                     1 
_pdbx_struct_assembly_auth_evidence.assembly_id            1 
_pdbx_struct_assembly_auth_evidence.experimental_support   SAXS 
_pdbx_struct_assembly_auth_evidence.details                
'Experimental SAXS profile is well-matched to theoretical profile of the crystal structure' 
# 
loop_
_pdbx_struct_oper_list.id 
_pdbx_struct_oper_list.type 
_pdbx_struct_oper_list.name 
_pdbx_struct_oper_list.symmetry_operation 
_pdbx_struct_oper_list.matrix[1][1] 
_pdbx_struct_oper_list.matrix[1][2] 
_pdbx_struct_oper_list.matrix[1][3] 
_pdbx_struct_oper_list.vector[1] 
_pdbx_struct_oper_list.matrix[2][1] 
_pdbx_struct_oper_list.matrix[2][2] 
_pdbx_struct_oper_list.matrix[2][3] 
_pdbx_struct_oper_list.vector[2] 
_pdbx_struct_oper_list.matrix[3][1] 
_pdbx_struct_oper_list.matrix[3][2] 
_pdbx_struct_oper_list.matrix[3][3] 
_pdbx_struct_oper_list.vector[3] 
1 'identity operation'         1_555 x,y,z     1.0000000000  0.0000000000 0.0000000000 0.0000000000 0.0000000000 1.0000000000 0.0000000000 0.0000000000  0.0000000000 0.0000000000 1.0000000000  0.0000000000   
2 'crystal symmetry operation' 2_565 x,-y+1,-z -0.3824967099 0.9215522448 0.0666162664 3.6048717766 0.9215522448 0.3753101458 0.0994170733 -0.6975504425 0.0666162664 0.0994170733 -0.9928134359 -23.7658321485 
# 
loop_
_struct_conf.conf_type_id 
_struct_conf.id 
_struct_conf.pdbx_PDB_helix_id 
_struct_conf.beg_label_comp_id 
_struct_conf.beg_label_asym_id 
_struct_conf.beg_label_seq_id 
_struct_conf.pdbx_beg_PDB_ins_code 
_struct_conf.end_label_comp_id 
_struct_conf.end_label_asym_id 
_struct_conf.end_label_seq_id 
_struct_conf.pdbx_end_PDB_ins_code 
_struct_conf.beg_auth_comp_id 
_struct_conf.beg_auth_asym_id 
_struct_conf.beg_auth_seq_id 
_struct_conf.end_auth_comp_id 
_struct_conf.end_auth_asym_id 
_struct_conf.end_auth_seq_id 
_struct_conf.pdbx_PDB_helix_class 
_struct_conf.details 
_struct_conf.pdbx_PDB_helix_length 
HELX_P HELX_P1 AA1 ASP A 2  ? LYS A 19  ? ASP A 2  LYS A 19  1 ? 18 
HELX_P HELX_P2 AA2 ASN A 22 ? GLN A 41  ? ASN A 22 GLN A 41  1 ? 20 
HELX_P HELX_P3 AA3 SER A 55 ? GLU A 81  ? SER A 55 GLU A 81  1 ? 27 
HELX_P HELX_P4 AA4 LYS A 83 ? GLN A 93  ? LYS A 83 GLN A 93  1 ? 11 
HELX_P HELX_P5 AA5 LEU A 94 ? ARG A 106 ? LEU A 94 ARG A 106 1 ? 13 
# 
_struct_conf_type.id          HELX_P 
_struct_conf_type.criteria    ? 
_struct_conf_type.reference   ? 
# 
loop_
_struct_conn.id 
_struct_conn.conn_type_id 
_struct_conn.pdbx_leaving_atom_flag 
_struct_conn.pdbx_PDB_id 
_struct_conn.ptnr1_label_asym_id 
_struct_conn.ptnr1_label_comp_id 
_struct_conn.ptnr1_label_seq_id 
_struct_conn.ptnr1_label_atom_id 
_struct_conn.pdbx_ptnr1_label_alt_id 
_struct_conn.pdbx_ptnr1_PDB_ins_code 
_struct_conn.pdbx_ptnr1_standard_comp_id 
_struct_conn.ptnr1_symmetry 
_struct_conn.ptnr2_label_asym_id 
_struct_conn.ptnr2_label_comp_id 
_struct_conn.ptnr2_label_seq_id 
_struct_conn.ptnr2_label_atom_id 
_struct_conn.pdbx_ptnr2_label_alt_id 
_struct_conn.pdbx_ptnr2_PDB_ins_code 
_struct_conn.ptnr1_auth_asym_id 
_struct_conn.ptnr1_auth_comp_id 
_struct_conn.ptnr1_auth_seq_id 
_struct_conn.ptnr2_auth_asym_id 
_struct_conn.ptnr2_auth_comp_id 
_struct_conn.ptnr2_auth_seq_id 
_struct_conn.ptnr2_symmetry 
_struct_conn.pdbx_ptnr3_label_atom_id 
_struct_conn.pdbx_ptnr3_label_seq_id 
_struct_conn.pdbx_ptnr3_label_comp_id 
_struct_conn.pdbx_ptnr3_label_asym_id 
_struct_conn.pdbx_ptnr3_label_alt_id 
_struct_conn.pdbx_ptnr3_PDB_ins_code 
_struct_conn.details 
_struct_conn.pdbx_dist_value 
_struct_conn.pdbx_value_order 
_struct_conn.pdbx_role 
disulf1  disulf ?    ? A CYS 96  SG  ? ? ? 1_555 A CYS 96 SG  ? ? A CYS 96  A CYS 96  2_565 ? ? ? ? ? ? ? 2.043 ? ? 
covale1  covale none ? A CYS 98  SG  ? ? ? 1_555 B HEC .  CAB ? ? A CYS 98  A HEC 201 1_555 ? ? ? ? ? ? ? 1.771 ? ? 
metalc1  metalc ?    ? A GLU 4   OE1 ? ? ? 1_555 E ZN  .  ZN  ? ? A GLU 4   A ZN  204 1_555 ? ? ? ? ? ? ? 1.959 ? ? 
metalc2  metalc ?    ? A MET 7   SD  ? ? ? 1_555 B HEC .  FE  ? ? A MET 7   A HEC 201 1_555 ? ? ? ? ? ? ? 2.392 ? ? 
metalc3  metalc ?    ? A GLU 8   OE1 ? ? ? 1_555 E ZN  .  ZN  ? ? A GLU 8   A ZN  204 1_555 ? ? ? ? ? ? ? 1.958 ? ? 
metalc4  metalc ?    ? A GLU 57  OE1 ? ? ? 1_555 D ZN  .  ZN  ? ? A GLU 57  A ZN  203 2_565 ? ? ? ? ? ? ? 2.021 ? ? 
metalc5  metalc ?    ? A HIS 60  NE2 ? ? ? 1_555 C ZN  .  ZN  ? ? A HIS 60  A ZN  202 1_555 ? ? ? ? ? ? ? 2.014 ? ? 
metalc6  metalc ?    ? A HIS 60  NE2 ? ? ? 1_555 C ZN  .  ZN  ? ? A HIS 60  A ZN  202 2_565 ? ? ? ? ? ? ? 2.014 ? ? 
metalc7  metalc ?    ? A HIS 60  ND1 ? ? ? 1_555 D ZN  .  ZN  ? ? A HIS 60  A ZN  203 2_565 ? ? ? ? ? ? ? 1.975 ? ? 
metalc8  metalc ?    ? A HIS 63  NE2 ? ? ? 1_555 D ZN  .  ZN  ? ? A HIS 63  A ZN  203 1_555 ? ? ? ? ? ? ? 2.114 ? ? 
metalc9  metalc ?    ? A GLU 86  OE2 ? ? ? 1_555 E ZN  .  ZN  ? ? A GLU 86  A ZN  204 4_555 ? ? ? ? ? ? ? 2.049 ? ? 
metalc10 metalc ?    ? A HIS 102 NE2 ? ? ? 1_555 B HEC .  FE  ? ? A HIS 102 A HEC 201 1_555 ? ? ? ? ? ? ? 2.091 ? ? 
metalc11 metalc ?    ? A HIS 104 NE2 ? ? ? 1_555 D ZN  .  ZN  ? ? A HIS 104 A ZN  203 2_565 ? ? ? ? ? ? ? 2.055 ? ? 
metalc12 metalc ?    ? B HEC .   O1A ? ? ? 1_555 E ZN  .  ZN  ? ? A HEC 201 A ZN  204 1_555 ? ? ? ? ? ? ? 1.920 ? ? 
metalc13 metalc ?    ? C ZN  .   ZN  ? ? ? 1_555 F HOH .  O   ? ? A ZN  202 A HOH 395 1_555 ? ? ? ? ? ? ? 2.561 ? ? 
metalc14 metalc ?    ? C ZN  .   ZN  ? ? ? 1_555 F HOH .  O   ? ? A ZN  202 A HOH 395 2_565 ? ? ? ? ? ? ? 2.561 ? ? 
# 
loop_
_struct_conn_type.id 
_struct_conn_type.criteria 
_struct_conn_type.reference 
disulf ? ? 
covale ? ? 
metalc ? ? 
# 
loop_
_pdbx_struct_conn_angle.id 
_pdbx_struct_conn_angle.ptnr1_label_atom_id 
_pdbx_struct_conn_angle.ptnr1_label_alt_id 
_pdbx_struct_conn_angle.ptnr1_label_asym_id 
_pdbx_struct_conn_angle.ptnr1_label_comp_id 
_pdbx_struct_conn_angle.ptnr1_label_seq_id 
_pdbx_struct_conn_angle.ptnr1_auth_atom_id 
_pdbx_struct_conn_angle.ptnr1_auth_asym_id 
_pdbx_struct_conn_angle.ptnr1_auth_comp_id 
_pdbx_struct_conn_angle.ptnr1_auth_seq_id 
_pdbx_struct_conn_angle.ptnr1_PDB_ins_code 
_pdbx_struct_conn_angle.ptnr1_symmetry 
_pdbx_struct_conn_angle.ptnr2_label_atom_id 
_pdbx_struct_conn_angle.ptnr2_label_alt_id 
_pdbx_struct_conn_angle.ptnr2_label_asym_id 
_pdbx_struct_conn_angle.ptnr2_label_comp_id 
_pdbx_struct_conn_angle.ptnr2_label_seq_id 
_pdbx_struct_conn_angle.ptnr2_auth_atom_id 
_pdbx_struct_conn_angle.ptnr2_auth_asym_id 
_pdbx_struct_conn_angle.ptnr2_auth_comp_id 
_pdbx_struct_conn_angle.ptnr2_auth_seq_id 
_pdbx_struct_conn_angle.ptnr2_PDB_ins_code 
_pdbx_struct_conn_angle.ptnr2_symmetry 
_pdbx_struct_conn_angle.ptnr3_label_atom_id 
_pdbx_struct_conn_angle.ptnr3_label_alt_id 
_pdbx_struct_conn_angle.ptnr3_label_asym_id 
_pdbx_struct_conn_angle.ptnr3_label_comp_id 
_pdbx_struct_conn_angle.ptnr3_label_seq_id 
_pdbx_struct_conn_angle.ptnr3_auth_atom_id 
_pdbx_struct_conn_angle.ptnr3_auth_asym_id 
_pdbx_struct_conn_angle.ptnr3_auth_comp_id 
_pdbx_struct_conn_angle.ptnr3_auth_seq_id 
_pdbx_struct_conn_angle.ptnr3_PDB_ins_code 
_pdbx_struct_conn_angle.ptnr3_symmetry 
_pdbx_struct_conn_angle.value 
_pdbx_struct_conn_angle.value_esd 
1  OE1 ? A GLU 4  ? A GLU 4   ? 1_555 ZN ? E ZN  . ? A ZN  204 ? 1_555 OE1 ? A GLU 8   ? A GLU 8   ? 1_555 119.9 ? 
2  OE1 ? A GLU 4  ? A GLU 4   ? 1_555 ZN ? E ZN  . ? A ZN  204 ? 1_555 OE2 ? A GLU 86  ? A GLU 86  ? 1_555 116.0 ? 
3  OE1 ? A GLU 8  ? A GLU 8   ? 1_555 ZN ? E ZN  . ? A ZN  204 ? 1_555 OE2 ? A GLU 86  ? A GLU 86  ? 1_555 4.8   ? 
4  OE1 ? A GLU 4  ? A GLU 4   ? 1_555 ZN ? E ZN  . ? A ZN  204 ? 1_555 O1A ? B HEC .   ? A HEC 201 ? 1_555 112.0 ? 
5  OE1 ? A GLU 8  ? A GLU 8   ? 1_555 ZN ? E ZN  . ? A ZN  204 ? 1_555 O1A ? B HEC .   ? A HEC 201 ? 1_555 108.3 ? 
6  OE2 ? A GLU 86 ? A GLU 86  ? 1_555 ZN ? E ZN  . ? A ZN  204 ? 1_555 O1A ? B HEC .   ? A HEC 201 ? 1_555 108.6 ? 
7  SD  ? A MET 7  ? A MET 7   ? 1_555 FE ? B HEC . ? A HEC 201 ? 1_555 NA  ? B HEC .   ? A HEC 201 ? 1_555 88.0  ? 
8  SD  ? A MET 7  ? A MET 7   ? 1_555 FE ? B HEC . ? A HEC 201 ? 1_555 NB  ? B HEC .   ? A HEC 201 ? 1_555 87.9  ? 
9  NA  ? B HEC .  ? A HEC 201 ? 1_555 FE ? B HEC . ? A HEC 201 ? 1_555 NB  ? B HEC .   ? A HEC 201 ? 1_555 90.0  ? 
10 SD  ? A MET 7  ? A MET 7   ? 1_555 FE ? B HEC . ? A HEC 201 ? 1_555 NC  ? B HEC .   ? A HEC 201 ? 1_555 94.4  ? 
11 NA  ? B HEC .  ? A HEC 201 ? 1_555 FE ? B HEC . ? A HEC 201 ? 1_555 NC  ? B HEC .   ? A HEC 201 ? 1_555 177.5 ? 
12 NB  ? B HEC .  ? A HEC 201 ? 1_555 FE ? B HEC . ? A HEC 201 ? 1_555 NC  ? B HEC .   ? A HEC 201 ? 1_555 89.6  ? 
13 SD  ? A MET 7  ? A MET 7   ? 1_555 FE ? B HEC . ? A HEC 201 ? 1_555 ND  ? B HEC .   ? A HEC 201 ? 1_555 93.2  ? 
14 NA  ? B HEC .  ? A HEC 201 ? 1_555 FE ? B HEC . ? A HEC 201 ? 1_555 ND  ? B HEC .   ? A HEC 201 ? 1_555 91.1  ? 
15 NB  ? B HEC .  ? A HEC 201 ? 1_555 FE ? B HEC . ? A HEC 201 ? 1_555 ND  ? B HEC .   ? A HEC 201 ? 1_555 178.5 ? 
16 NC  ? B HEC .  ? A HEC 201 ? 1_555 FE ? B HEC . ? A HEC 201 ? 1_555 ND  ? B HEC .   ? A HEC 201 ? 1_555 89.3  ? 
17 SD  ? A MET 7  ? A MET 7   ? 1_555 FE ? B HEC . ? A HEC 201 ? 1_555 NE2 ? A HIS 102 ? A HIS 102 ? 1_555 173.5 ? 
18 NA  ? B HEC .  ? A HEC 201 ? 1_555 FE ? B HEC . ? A HEC 201 ? 1_555 NE2 ? A HIS 102 ? A HIS 102 ? 1_555 88.1  ? 
19 NB  ? B HEC .  ? A HEC 201 ? 1_555 FE ? B HEC . ? A HEC 201 ? 1_555 NE2 ? A HIS 102 ? A HIS 102 ? 1_555 86.9  ? 
20 NC  ? B HEC .  ? A HEC 201 ? 1_555 FE ? B HEC . ? A HEC 201 ? 1_555 NE2 ? A HIS 102 ? A HIS 102 ? 1_555 89.4  ? 
21 ND  ? B HEC .  ? A HEC 201 ? 1_555 FE ? B HEC . ? A HEC 201 ? 1_555 NE2 ? A HIS 102 ? A HIS 102 ? 1_555 92.1  ? 
22 OE1 ? A GLU 57 ? A GLU 57  ? 1_555 ZN ? D ZN  . ? A ZN  203 ? 2_565 ND1 ? A HIS 60  ? A HIS 60  ? 1_555 117.3 ? 
23 OE1 ? A GLU 57 ? A GLU 57  ? 1_555 ZN ? D ZN  . ? A ZN  203 ? 2_565 NE2 ? A HIS 63  ? A HIS 63  ? 1_555 110.2 ? 
24 ND1 ? A HIS 60 ? A HIS 60  ? 1_555 ZN ? D ZN  . ? A ZN  203 ? 2_565 NE2 ? A HIS 63  ? A HIS 63  ? 1_555 19.8  ? 
25 OE1 ? A GLU 57 ? A GLU 57  ? 1_555 ZN ? D ZN  . ? A ZN  203 ? 2_565 NE2 ? A HIS 104 ? A HIS 104 ? 1_555 110.8 ? 
26 ND1 ? A HIS 60 ? A HIS 60  ? 1_555 ZN ? D ZN  . ? A ZN  203 ? 2_565 NE2 ? A HIS 104 ? A HIS 104 ? 1_555 110.1 ? 
27 NE2 ? A HIS 63 ? A HIS 63  ? 1_555 ZN ? D ZN  . ? A ZN  203 ? 2_565 NE2 ? A HIS 104 ? A HIS 104 ? 1_555 128.3 ? 
28 NE2 ? A HIS 60 ? A HIS 60  ? 1_555 ZN ? C ZN  . ? A ZN  202 ? 1_555 NE2 ? A HIS 60  ? A HIS 60  ? 1_555 0.0   ? 
29 NE2 ? A HIS 60 ? A HIS 60  ? 1_555 ZN ? C ZN  . ? A ZN  202 ? 1_555 O   ? F HOH .   ? A HOH 395 ? 1_555 96.8  ? 
30 NE2 ? A HIS 60 ? A HIS 60  ? 1_555 ZN ? C ZN  . ? A ZN  202 ? 1_555 O   ? F HOH .   ? A HOH 395 ? 1_555 96.8  ? 
31 NE2 ? A HIS 60 ? A HIS 60  ? 1_555 ZN ? C ZN  . ? A ZN  202 ? 1_555 O   ? F HOH .   ? A HOH 395 ? 2_565 96.9  ? 
32 NE2 ? A HIS 60 ? A HIS 60  ? 1_555 ZN ? C ZN  . ? A ZN  202 ? 1_555 O   ? F HOH .   ? A HOH 395 ? 2_565 96.9  ? 
33 O   ? F HOH .  ? A HOH 395 ? 1_555 ZN ? C ZN  . ? A ZN  202 ? 1_555 O   ? F HOH .   ? A HOH 395 ? 2_565 157.1 ? 
# 
loop_
_pdbx_modification_feature.ordinal 
_pdbx_modification_feature.label_comp_id 
_pdbx_modification_feature.label_asym_id 
_pdbx_modification_feature.label_seq_id 
_pdbx_modification_feature.label_alt_id 
_pdbx_modification_feature.modified_residue_label_comp_id 
_pdbx_modification_feature.modified_residue_label_asym_id 
_pdbx_modification_feature.modified_residue_label_seq_id 
_pdbx_modification_feature.modified_residue_label_alt_id 
_pdbx_modification_feature.auth_comp_id 
_pdbx_modification_feature.auth_asym_id 
_pdbx_modification_feature.auth_seq_id 
_pdbx_modification_feature.PDB_ins_code 
_pdbx_modification_feature.symmetry 
_pdbx_modification_feature.modified_residue_auth_comp_id 
_pdbx_modification_feature.modified_residue_auth_asym_id 
_pdbx_modification_feature.modified_residue_auth_seq_id 
_pdbx_modification_feature.modified_residue_PDB_ins_code 
_pdbx_modification_feature.modified_residue_symmetry 
_pdbx_modification_feature.comp_id_linking_atom 
_pdbx_modification_feature.modified_residue_id_linking_atom 
_pdbx_modification_feature.modified_residue_id 
_pdbx_modification_feature.ref_pcm_id 
_pdbx_modification_feature.ref_comp_id 
_pdbx_modification_feature.type 
_pdbx_modification_feature.category 
1 HEC B .  ? CYS A 98 ? HEC A 201 ? 1_555 CYS A 98 ? 1_555 CAB SG CYS 2 HEC None Heme/heme-like     
2 CYS A 96 ? CYS A 96 ? CYS A 96  ? 1_555 CYS A 96 ? 2_565 SG  SG .   . .   None 'Disulfide bridge' 
# 
_pdbx_entry_details.entry_id                   8DRM 
_pdbx_entry_details.has_ligand_of_interest     Y 
_pdbx_entry_details.compound_details           ? 
_pdbx_entry_details.source_details             ? 
_pdbx_entry_details.nonpolymer_details         ? 
_pdbx_entry_details.sequence_details           ? 
_pdbx_entry_details.has_protein_modification   Y 
# 
_pdbx_validate_close_contact.id               1 
_pdbx_validate_close_contact.PDB_model_num    1 
_pdbx_validate_close_contact.auth_atom_id_1   OD2 
_pdbx_validate_close_contact.auth_asym_id_1   A 
_pdbx_validate_close_contact.auth_comp_id_1   ASP 
_pdbx_validate_close_contact.auth_seq_id_1    50 
_pdbx_validate_close_contact.PDB_ins_code_1   ? 
_pdbx_validate_close_contact.label_alt_id_1   ? 
_pdbx_validate_close_contact.auth_atom_id_2   O 
_pdbx_validate_close_contact.auth_asym_id_2   A 
_pdbx_validate_close_contact.auth_comp_id_2   HOH 
_pdbx_validate_close_contact.auth_seq_id_2    301 
_pdbx_validate_close_contact.PDB_ins_code_2   ? 
_pdbx_validate_close_contact.label_alt_id_2   ? 
_pdbx_validate_close_contact.dist             2.17 
# 
loop_
_pdbx_struct_special_symmetry.id 
_pdbx_struct_special_symmetry.PDB_model_num 
_pdbx_struct_special_symmetry.auth_asym_id 
_pdbx_struct_special_symmetry.auth_comp_id 
_pdbx_struct_special_symmetry.auth_seq_id 
_pdbx_struct_special_symmetry.PDB_ins_code 
_pdbx_struct_special_symmetry.label_asym_id 
_pdbx_struct_special_symmetry.label_comp_id 
_pdbx_struct_special_symmetry.label_seq_id 
1 1 A ZN  202 ? C ZN  . 
2 1 A HOH 437 ? F HOH . 
3 1 A HOH 439 ? F HOH . 
# 
loop_
_space_group_symop.id 
_space_group_symop.operation_xyz 
1 x,y,z           
2 x,-y,-z         
3 -x,y+1/2,-z+1/2 
4 -x,-y+1/2,z+1/2 
# 
loop_
_chem_comp_atom.comp_id 
_chem_comp_atom.atom_id 
_chem_comp_atom.type_symbol 
_chem_comp_atom.pdbx_aromatic_flag 
_chem_comp_atom.pdbx_stereo_config 
_chem_comp_atom.pdbx_ordinal 
ALA N    N  N N 1   
ALA CA   C  N S 2   
ALA C    C  N N 3   
ALA O    O  N N 4   
ALA CB   C  N N 5   
ALA OXT  O  N N 6   
ALA H    H  N N 7   
ALA H2   H  N N 8   
ALA HA   H  N N 9   
ALA HB1  H  N N 10  
ALA HB2  H  N N 11  
ALA HB3  H  N N 12  
ALA HXT  H  N N 13  
ARG N    N  N N 14  
ARG CA   C  N S 15  
ARG C    C  N N 16  
ARG O    O  N N 17  
ARG CB   C  N N 18  
ARG CG   C  N N 19  
ARG CD   C  N N 20  
ARG NE   N  N N 21  
ARG CZ   C  N N 22  
ARG NH1  N  N N 23  
ARG NH2  N  N N 24  
ARG OXT  O  N N 25  
ARG H    H  N N 26  
ARG H2   H  N N 27  
ARG HA   H  N N 28  
ARG HB2  H  N N 29  
ARG HB3  H  N N 30  
ARG HG2  H  N N 31  
ARG HG3  H  N N 32  
ARG HD2  H  N N 33  
ARG HD3  H  N N 34  
ARG HE   H  N N 35  
ARG HH11 H  N N 36  
ARG HH12 H  N N 37  
ARG HH21 H  N N 38  
ARG HH22 H  N N 39  
ARG HXT  H  N N 40  
ASN N    N  N N 41  
ASN CA   C  N S 42  
ASN C    C  N N 43  
ASN O    O  N N 44  
ASN CB   C  N N 45  
ASN CG   C  N N 46  
ASN OD1  O  N N 47  
ASN ND2  N  N N 48  
ASN OXT  O  N N 49  
ASN H    H  N N 50  
ASN H2   H  N N 51  
ASN HA   H  N N 52  
ASN HB2  H  N N 53  
ASN HB3  H  N N 54  
ASN HD21 H  N N 55  
ASN HD22 H  N N 56  
ASN HXT  H  N N 57  
ASP N    N  N N 58  
ASP CA   C  N S 59  
ASP C    C  N N 60  
ASP O    O  N N 61  
ASP CB   C  N N 62  
ASP CG   C  N N 63  
ASP OD1  O  N N 64  
ASP OD2  O  N N 65  
ASP OXT  O  N N 66  
ASP H    H  N N 67  
ASP H2   H  N N 68  
ASP HA   H  N N 69  
ASP HB2  H  N N 70  
ASP HB3  H  N N 71  
ASP HD2  H  N N 72  
ASP HXT  H  N N 73  
CYS N    N  N N 74  
CYS CA   C  N R 75  
CYS C    C  N N 76  
CYS O    O  N N 77  
CYS CB   C  N N 78  
CYS SG   S  N N 79  
CYS OXT  O  N N 80  
CYS H    H  N N 81  
CYS H2   H  N N 82  
CYS HA   H  N N 83  
CYS HB2  H  N N 84  
CYS HB3  H  N N 85  
CYS HG   H  N N 86  
CYS HXT  H  N N 87  
GLN N    N  N N 88  
GLN CA   C  N S 89  
GLN C    C  N N 90  
GLN O    O  N N 91  
GLN CB   C  N N 92  
GLN CG   C  N N 93  
GLN CD   C  N N 94  
GLN OE1  O  N N 95  
GLN NE2  N  N N 96  
GLN OXT  O  N N 97  
GLN H    H  N N 98  
GLN H2   H  N N 99  
GLN HA   H  N N 100 
GLN HB2  H  N N 101 
GLN HB3  H  N N 102 
GLN HG2  H  N N 103 
GLN HG3  H  N N 104 
GLN HE21 H  N N 105 
GLN HE22 H  N N 106 
GLN HXT  H  N N 107 
GLU N    N  N N 108 
GLU CA   C  N S 109 
GLU C    C  N N 110 
GLU O    O  N N 111 
GLU CB   C  N N 112 
GLU CG   C  N N 113 
GLU CD   C  N N 114 
GLU OE1  O  N N 115 
GLU OE2  O  N N 116 
GLU OXT  O  N N 117 
GLU H    H  N N 118 
GLU H2   H  N N 119 
GLU HA   H  N N 120 
GLU HB2  H  N N 121 
GLU HB3  H  N N 122 
GLU HG2  H  N N 123 
GLU HG3  H  N N 124 
GLU HE2  H  N N 125 
GLU HXT  H  N N 126 
GLY N    N  N N 127 
GLY CA   C  N N 128 
GLY C    C  N N 129 
GLY O    O  N N 130 
GLY OXT  O  N N 131 
GLY H    H  N N 132 
GLY H2   H  N N 133 
GLY HA2  H  N N 134 
GLY HA3  H  N N 135 
GLY HXT  H  N N 136 
HEC FE   FE N N 137 
HEC CHA  C  N N 138 
HEC CHB  C  N N 139 
HEC CHC  C  N N 140 
HEC CHD  C  N N 141 
HEC NA   N  Y N 142 
HEC C1A  C  Y N 143 
HEC C2A  C  Y N 144 
HEC C3A  C  Y N 145 
HEC C4A  C  Y N 146 
HEC CMA  C  N N 147 
HEC CAA  C  N N 148 
HEC CBA  C  N N 149 
HEC CGA  C  N N 150 
HEC O1A  O  N N 151 
HEC O2A  O  N N 152 
HEC NB   N  Y N 153 
HEC C1B  C  Y N 154 
HEC C2B  C  Y N 155 
HEC C3B  C  Y N 156 
HEC C4B  C  Y N 157 
HEC CMB  C  N N 158 
HEC CAB  C  N N 159 
HEC CBB  C  N N 160 
HEC NC   N  Y N 161 
HEC C1C  C  Y N 162 
HEC C2C  C  Y N 163 
HEC C3C  C  Y N 164 
HEC C4C  C  Y N 165 
HEC CMC  C  N N 166 
HEC CAC  C  N N 167 
HEC CBC  C  N N 168 
HEC ND   N  Y N 169 
HEC C1D  C  Y N 170 
HEC C2D  C  Y N 171 
HEC C3D  C  Y N 172 
HEC C4D  C  Y N 173 
HEC CMD  C  N N 174 
HEC CAD  C  N N 175 
HEC CBD  C  N N 176 
HEC CGD  C  N N 177 
HEC O1D  O  N N 178 
HEC O2D  O  N N 179 
HEC HHA  H  N N 180 
HEC HHB  H  N N 181 
HEC HHC  H  N N 182 
HEC HHD  H  N N 183 
HEC HMA1 H  N N 184 
HEC HMA2 H  N N 185 
HEC HMA3 H  N N 186 
HEC HAA1 H  N N 187 
HEC HAA2 H  N N 188 
HEC HBA1 H  N N 189 
HEC HBA2 H  N N 190 
HEC H2A  H  N N 191 
HEC HMB1 H  N N 192 
HEC HMB2 H  N N 193 
HEC HMB3 H  N N 194 
HEC HAB  H  N N 195 
HEC HBB1 H  N N 196 
HEC HBB2 H  N N 197 
HEC HBB3 H  N N 198 
HEC HMC1 H  N N 199 
HEC HMC2 H  N N 200 
HEC HMC3 H  N N 201 
HEC HAC  H  N N 202 
HEC HBC1 H  N N 203 
HEC HBC2 H  N N 204 
HEC HBC3 H  N N 205 
HEC HMD1 H  N N 206 
HEC HMD2 H  N N 207 
HEC HMD3 H  N N 208 
HEC HAD1 H  N N 209 
HEC HAD2 H  N N 210 
HEC HBD1 H  N N 211 
HEC HBD2 H  N N 212 
HEC H2D  H  N N 213 
HIS N    N  N N 214 
HIS CA   C  N S 215 
HIS C    C  N N 216 
HIS O    O  N N 217 
HIS CB   C  N N 218 
HIS CG   C  Y N 219 
HIS ND1  N  Y N 220 
HIS CD2  C  Y N 221 
HIS CE1  C  Y N 222 
HIS NE2  N  Y N 223 
HIS OXT  O  N N 224 
HIS H    H  N N 225 
HIS H2   H  N N 226 
HIS HA   H  N N 227 
HIS HB2  H  N N 228 
HIS HB3  H  N N 229 
HIS HD1  H  N N 230 
HIS HD2  H  N N 231 
HIS HE1  H  N N 232 
HIS HE2  H  N N 233 
HIS HXT  H  N N 234 
HOH O    O  N N 235 
HOH H1   H  N N 236 
HOH H2   H  N N 237 
ILE N    N  N N 238 
ILE CA   C  N S 239 
ILE C    C  N N 240 
ILE O    O  N N 241 
ILE CB   C  N S 242 
ILE CG1  C  N N 243 
ILE CG2  C  N N 244 
ILE CD1  C  N N 245 
ILE OXT  O  N N 246 
ILE H    H  N N 247 
ILE H2   H  N N 248 
ILE HA   H  N N 249 
ILE HB   H  N N 250 
ILE HG12 H  N N 251 
ILE HG13 H  N N 252 
ILE HG21 H  N N 253 
ILE HG22 H  N N 254 
ILE HG23 H  N N 255 
ILE HD11 H  N N 256 
ILE HD12 H  N N 257 
ILE HD13 H  N N 258 
ILE HXT  H  N N 259 
LEU N    N  N N 260 
LEU CA   C  N S 261 
LEU C    C  N N 262 
LEU O    O  N N 263 
LEU CB   C  N N 264 
LEU CG   C  N N 265 
LEU CD1  C  N N 266 
LEU CD2  C  N N 267 
LEU OXT  O  N N 268 
LEU H    H  N N 269 
LEU H2   H  N N 270 
LEU HA   H  N N 271 
LEU HB2  H  N N 272 
LEU HB3  H  N N 273 
LEU HG   H  N N 274 
LEU HD11 H  N N 275 
LEU HD12 H  N N 276 
LEU HD13 H  N N 277 
LEU HD21 H  N N 278 
LEU HD22 H  N N 279 
LEU HD23 H  N N 280 
LEU HXT  H  N N 281 
LYS N    N  N N 282 
LYS CA   C  N S 283 
LYS C    C  N N 284 
LYS O    O  N N 285 
LYS CB   C  N N 286 
LYS CG   C  N N 287 
LYS CD   C  N N 288 
LYS CE   C  N N 289 
LYS NZ   N  N N 290 
LYS OXT  O  N N 291 
LYS H    H  N N 292 
LYS H2   H  N N 293 
LYS HA   H  N N 294 
LYS HB2  H  N N 295 
LYS HB3  H  N N 296 
LYS HG2  H  N N 297 
LYS HG3  H  N N 298 
LYS HD2  H  N N 299 
LYS HD3  H  N N 300 
LYS HE2  H  N N 301 
LYS HE3  H  N N 302 
LYS HZ1  H  N N 303 
LYS HZ2  H  N N 304 
LYS HZ3  H  N N 305 
LYS HXT  H  N N 306 
MET N    N  N N 307 
MET CA   C  N S 308 
MET C    C  N N 309 
MET O    O  N N 310 
MET CB   C  N N 311 
MET CG   C  N N 312 
MET SD   S  N N 313 
MET CE   C  N N 314 
MET OXT  O  N N 315 
MET H    H  N N 316 
MET H2   H  N N 317 
MET HA   H  N N 318 
MET HB2  H  N N 319 
MET HB3  H  N N 320 
MET HG2  H  N N 321 
MET HG3  H  N N 322 
MET HE1  H  N N 323 
MET HE2  H  N N 324 
MET HE3  H  N N 325 
MET HXT  H  N N 326 
PHE N    N  N N 327 
PHE CA   C  N S 328 
PHE C    C  N N 329 
PHE O    O  N N 330 
PHE CB   C  N N 331 
PHE CG   C  Y N 332 
PHE CD1  C  Y N 333 
PHE CD2  C  Y N 334 
PHE CE1  C  Y N 335 
PHE CE2  C  Y N 336 
PHE CZ   C  Y N 337 
PHE OXT  O  N N 338 
PHE H    H  N N 339 
PHE H2   H  N N 340 
PHE HA   H  N N 341 
PHE HB2  H  N N 342 
PHE HB3  H  N N 343 
PHE HD1  H  N N 344 
PHE HD2  H  N N 345 
PHE HE1  H  N N 346 
PHE HE2  H  N N 347 
PHE HZ   H  N N 348 
PHE HXT  H  N N 349 
PRO N    N  N N 350 
PRO CA   C  N S 351 
PRO C    C  N N 352 
PRO O    O  N N 353 
PRO CB   C  N N 354 
PRO CG   C  N N 355 
PRO CD   C  N N 356 
PRO OXT  O  N N 357 
PRO H    H  N N 358 
PRO HA   H  N N 359 
PRO HB2  H  N N 360 
PRO HB3  H  N N 361 
PRO HG2  H  N N 362 
PRO HG3  H  N N 363 
PRO HD2  H  N N 364 
PRO HD3  H  N N 365 
PRO HXT  H  N N 366 
SER N    N  N N 367 
SER CA   C  N S 368 
SER C    C  N N 369 
SER O    O  N N 370 
SER CB   C  N N 371 
SER OG   O  N N 372 
SER OXT  O  N N 373 
SER H    H  N N 374 
SER H2   H  N N 375 
SER HA   H  N N 376 
SER HB2  H  N N 377 
SER HB3  H  N N 378 
SER HG   H  N N 379 
SER HXT  H  N N 380 
THR N    N  N N 381 
THR CA   C  N S 382 
THR C    C  N N 383 
THR O    O  N N 384 
THR CB   C  N R 385 
THR OG1  O  N N 386 
THR CG2  C  N N 387 
THR OXT  O  N N 388 
THR H    H  N N 389 
THR H2   H  N N 390 
THR HA   H  N N 391 
THR HB   H  N N 392 
THR HG1  H  N N 393 
THR HG21 H  N N 394 
THR HG22 H  N N 395 
THR HG23 H  N N 396 
THR HXT  H  N N 397 
TRP N    N  N N 398 
TRP CA   C  N S 399 
TRP C    C  N N 400 
TRP O    O  N N 401 
TRP CB   C  N N 402 
TRP CG   C  Y N 403 
TRP CD1  C  Y N 404 
TRP CD2  C  Y N 405 
TRP NE1  N  Y N 406 
TRP CE2  C  Y N 407 
TRP CE3  C  Y N 408 
TRP CZ2  C  Y N 409 
TRP CZ3  C  Y N 410 
TRP CH2  C  Y N 411 
TRP OXT  O  N N 412 
TRP H    H  N N 413 
TRP H2   H  N N 414 
TRP HA   H  N N 415 
TRP HB2  H  N N 416 
TRP HB3  H  N N 417 
TRP HD1  H  N N 418 
TRP HE1  H  N N 419 
TRP HE3  H  N N 420 
TRP HZ2  H  N N 421 
TRP HZ3  H  N N 422 
TRP HH2  H  N N 423 
TRP HXT  H  N N 424 
TYR N    N  N N 425 
TYR CA   C  N S 426 
TYR C    C  N N 427 
TYR O    O  N N 428 
TYR CB   C  N N 429 
TYR CG   C  Y N 430 
TYR CD1  C  Y N 431 
TYR CD2  C  Y N 432 
TYR CE1  C  Y N 433 
TYR CE2  C  Y N 434 
TYR CZ   C  Y N 435 
TYR OH   O  N N 436 
TYR OXT  O  N N 437 
TYR H    H  N N 438 
TYR H2   H  N N 439 
TYR HA   H  N N 440 
TYR HB2  H  N N 441 
TYR HB3  H  N N 442 
TYR HD1  H  N N 443 
TYR HD2  H  N N 444 
TYR HE1  H  N N 445 
TYR HE2  H  N N 446 
TYR HH   H  N N 447 
TYR HXT  H  N N 448 
VAL N    N  N N 449 
VAL CA   C  N S 450 
VAL C    C  N N 451 
VAL O    O  N N 452 
VAL CB   C  N N 453 
VAL CG1  C  N N 454 
VAL CG2  C  N N 455 
VAL OXT  O  N N 456 
VAL H    H  N N 457 
VAL H2   H  N N 458 
VAL HA   H  N N 459 
VAL HB   H  N N 460 
VAL HG11 H  N N 461 
VAL HG12 H  N N 462 
VAL HG13 H  N N 463 
VAL HG21 H  N N 464 
VAL HG22 H  N N 465 
VAL HG23 H  N N 466 
VAL HXT  H  N N 467 
ZN  ZN   ZN N N 468 
# 
loop_
_chem_comp_bond.comp_id 
_chem_comp_bond.atom_id_1 
_chem_comp_bond.atom_id_2 
_chem_comp_bond.value_order 
_chem_comp_bond.pdbx_aromatic_flag 
_chem_comp_bond.pdbx_stereo_config 
_chem_comp_bond.pdbx_ordinal 
ALA N   CA   sing N N 1   
ALA N   H    sing N N 2   
ALA N   H2   sing N N 3   
ALA CA  C    sing N N 4   
ALA CA  CB   sing N N 5   
ALA CA  HA   sing N N 6   
ALA C   O    doub N N 7   
ALA C   OXT  sing N N 8   
ALA CB  HB1  sing N N 9   
ALA CB  HB2  sing N N 10  
ALA CB  HB3  sing N N 11  
ALA OXT HXT  sing N N 12  
ARG N   CA   sing N N 13  
ARG N   H    sing N N 14  
ARG N   H2   sing N N 15  
ARG CA  C    sing N N 16  
ARG CA  CB   sing N N 17  
ARG CA  HA   sing N N 18  
ARG C   O    doub N N 19  
ARG C   OXT  sing N N 20  
ARG CB  CG   sing N N 21  
ARG CB  HB2  sing N N 22  
ARG CB  HB3  sing N N 23  
ARG CG  CD   sing N N 24  
ARG CG  HG2  sing N N 25  
ARG CG  HG3  sing N N 26  
ARG CD  NE   sing N N 27  
ARG CD  HD2  sing N N 28  
ARG CD  HD3  sing N N 29  
ARG NE  CZ   sing N N 30  
ARG NE  HE   sing N N 31  
ARG CZ  NH1  sing N N 32  
ARG CZ  NH2  doub N N 33  
ARG NH1 HH11 sing N N 34  
ARG NH1 HH12 sing N N 35  
ARG NH2 HH21 sing N N 36  
ARG NH2 HH22 sing N N 37  
ARG OXT HXT  sing N N 38  
ASN N   CA   sing N N 39  
ASN N   H    sing N N 40  
ASN N   H2   sing N N 41  
ASN CA  C    sing N N 42  
ASN CA  CB   sing N N 43  
ASN CA  HA   sing N N 44  
ASN C   O    doub N N 45  
ASN C   OXT  sing N N 46  
ASN CB  CG   sing N N 47  
ASN CB  HB2  sing N N 48  
ASN CB  HB3  sing N N 49  
ASN CG  OD1  doub N N 50  
ASN CG  ND2  sing N N 51  
ASN ND2 HD21 sing N N 52  
ASN ND2 HD22 sing N N 53  
ASN OXT HXT  sing N N 54  
ASP N   CA   sing N N 55  
ASP N   H    sing N N 56  
ASP N   H2   sing N N 57  
ASP CA  C    sing N N 58  
ASP CA  CB   sing N N 59  
ASP CA  HA   sing N N 60  
ASP C   O    doub N N 61  
ASP C   OXT  sing N N 62  
ASP CB  CG   sing N N 63  
ASP CB  HB2  sing N N 64  
ASP CB  HB3  sing N N 65  
ASP CG  OD1  doub N N 66  
ASP CG  OD2  sing N N 67  
ASP OD2 HD2  sing N N 68  
ASP OXT HXT  sing N N 69  
CYS N   CA   sing N N 70  
CYS N   H    sing N N 71  
CYS N   H2   sing N N 72  
CYS CA  C    sing N N 73  
CYS CA  CB   sing N N 74  
CYS CA  HA   sing N N 75  
CYS C   O    doub N N 76  
CYS C   OXT  sing N N 77  
CYS CB  SG   sing N N 78  
CYS CB  HB2  sing N N 79  
CYS CB  HB3  sing N N 80  
CYS SG  HG   sing N N 81  
CYS OXT HXT  sing N N 82  
GLN N   CA   sing N N 83  
GLN N   H    sing N N 84  
GLN N   H2   sing N N 85  
GLN CA  C    sing N N 86  
GLN CA  CB   sing N N 87  
GLN CA  HA   sing N N 88  
GLN C   O    doub N N 89  
GLN C   OXT  sing N N 90  
GLN CB  CG   sing N N 91  
GLN CB  HB2  sing N N 92  
GLN CB  HB3  sing N N 93  
GLN CG  CD   sing N N 94  
GLN CG  HG2  sing N N 95  
GLN CG  HG3  sing N N 96  
GLN CD  OE1  doub N N 97  
GLN CD  NE2  sing N N 98  
GLN NE2 HE21 sing N N 99  
GLN NE2 HE22 sing N N 100 
GLN OXT HXT  sing N N 101 
GLU N   CA   sing N N 102 
GLU N   H    sing N N 103 
GLU N   H2   sing N N 104 
GLU CA  C    sing N N 105 
GLU CA  CB   sing N N 106 
GLU CA  HA   sing N N 107 
GLU C   O    doub N N 108 
GLU C   OXT  sing N N 109 
GLU CB  CG   sing N N 110 
GLU CB  HB2  sing N N 111 
GLU CB  HB3  sing N N 112 
GLU CG  CD   sing N N 113 
GLU CG  HG2  sing N N 114 
GLU CG  HG3  sing N N 115 
GLU CD  OE1  doub N N 116 
GLU CD  OE2  sing N N 117 
GLU OE2 HE2  sing N N 118 
GLU OXT HXT  sing N N 119 
GLY N   CA   sing N N 120 
GLY N   H    sing N N 121 
GLY N   H2   sing N N 122 
GLY CA  C    sing N N 123 
GLY CA  HA2  sing N N 124 
GLY CA  HA3  sing N N 125 
GLY C   O    doub N N 126 
GLY C   OXT  sing N N 127 
GLY OXT HXT  sing N N 128 
HEC FE  NA   sing N N 129 
HEC FE  NB   sing N N 130 
HEC FE  NC   sing N N 131 
HEC FE  ND   sing N N 132 
HEC CHA C1A  doub N N 133 
HEC CHA C4D  sing N N 134 
HEC CHA HHA  sing N N 135 
HEC CHB C4A  doub N N 136 
HEC CHB C1B  sing N N 137 
HEC CHB HHB  sing N N 138 
HEC CHC C4B  doub N N 139 
HEC CHC C1C  sing N N 140 
HEC CHC HHC  sing N N 141 
HEC CHD C4C  doub N N 142 
HEC CHD C1D  sing N N 143 
HEC CHD HHD  sing N N 144 
HEC NA  C1A  sing Y N 145 
HEC NA  C4A  sing Y N 146 
HEC C1A C2A  sing Y N 147 
HEC C2A C3A  doub Y N 148 
HEC C2A CAA  sing N N 149 
HEC C3A C4A  sing Y N 150 
HEC C3A CMA  sing N N 151 
HEC CMA HMA1 sing N N 152 
HEC CMA HMA2 sing N N 153 
HEC CMA HMA3 sing N N 154 
HEC CAA CBA  sing N N 155 
HEC CAA HAA1 sing N N 156 
HEC CAA HAA2 sing N N 157 
HEC CBA CGA  sing N N 158 
HEC CBA HBA1 sing N N 159 
HEC CBA HBA2 sing N N 160 
HEC CGA O1A  doub N N 161 
HEC CGA O2A  sing N N 162 
HEC O2A H2A  sing N N 163 
HEC NB  C1B  sing Y N 164 
HEC NB  C4B  sing Y N 165 
HEC C1B C2B  doub Y N 166 
HEC C2B C3B  sing Y N 167 
HEC C2B CMB  sing N N 168 
HEC C3B C4B  sing Y N 169 
HEC C3B CAB  doub N E 170 
HEC CMB HMB1 sing N N 171 
HEC CMB HMB2 sing N N 172 
HEC CMB HMB3 sing N N 173 
HEC CAB CBB  sing N N 174 
HEC CAB HAB  sing N N 175 
HEC CBB HBB1 sing N N 176 
HEC CBB HBB2 sing N N 177 
HEC CBB HBB3 sing N N 178 
HEC NC  C1C  sing Y N 179 
HEC NC  C4C  sing Y N 180 
HEC C1C C2C  doub Y N 181 
HEC C2C C3C  sing Y N 182 
HEC C2C CMC  sing N N 183 
HEC C3C C4C  sing Y N 184 
HEC C3C CAC  doub N E 185 
HEC CMC HMC1 sing N N 186 
HEC CMC HMC2 sing N N 187 
HEC CMC HMC3 sing N N 188 
HEC CAC CBC  sing N N 189 
HEC CAC HAC  sing N N 190 
HEC CBC HBC1 sing N N 191 
HEC CBC HBC2 sing N N 192 
HEC CBC HBC3 sing N N 193 
HEC ND  C1D  sing Y N 194 
HEC ND  C4D  sing Y N 195 
HEC C1D C2D  doub Y N 196 
HEC C2D C3D  sing Y N 197 
HEC C2D CMD  sing N N 198 
HEC C3D C4D  doub Y N 199 
HEC C3D CAD  sing N N 200 
HEC CMD HMD1 sing N N 201 
HEC CMD HMD2 sing N N 202 
HEC CMD HMD3 sing N N 203 
HEC CAD CBD  sing N N 204 
HEC CAD HAD1 sing N N 205 
HEC CAD HAD2 sing N N 206 
HEC CBD CGD  sing N N 207 
HEC CBD HBD1 sing N N 208 
HEC CBD HBD2 sing N N 209 
HEC CGD O1D  doub N N 210 
HEC CGD O2D  sing N N 211 
HEC O2D H2D  sing N N 212 
HIS N   CA   sing N N 213 
HIS N   H    sing N N 214 
HIS N   H2   sing N N 215 
HIS CA  C    sing N N 216 
HIS CA  CB   sing N N 217 
HIS CA  HA   sing N N 218 
HIS C   O    doub N N 219 
HIS C   OXT  sing N N 220 
HIS CB  CG   sing N N 221 
HIS CB  HB2  sing N N 222 
HIS CB  HB3  sing N N 223 
HIS CG  ND1  sing Y N 224 
HIS CG  CD2  doub Y N 225 
HIS ND1 CE1  doub Y N 226 
HIS ND1 HD1  sing N N 227 
HIS CD2 NE2  sing Y N 228 
HIS CD2 HD2  sing N N 229 
HIS CE1 NE2  sing Y N 230 
HIS CE1 HE1  sing N N 231 
HIS NE2 HE2  sing N N 232 
HIS OXT HXT  sing N N 233 
HOH O   H1   sing N N 234 
HOH O   H2   sing N N 235 
ILE N   CA   sing N N 236 
ILE N   H    sing N N 237 
ILE N   H2   sing N N 238 
ILE CA  C    sing N N 239 
ILE CA  CB   sing N N 240 
ILE CA  HA   sing N N 241 
ILE C   O    doub N N 242 
ILE C   OXT  sing N N 243 
ILE CB  CG1  sing N N 244 
ILE CB  CG2  sing N N 245 
ILE CB  HB   sing N N 246 
ILE CG1 CD1  sing N N 247 
ILE CG1 HG12 sing N N 248 
ILE CG1 HG13 sing N N 249 
ILE CG2 HG21 sing N N 250 
ILE CG2 HG22 sing N N 251 
ILE CG2 HG23 sing N N 252 
ILE CD1 HD11 sing N N 253 
ILE CD1 HD12 sing N N 254 
ILE CD1 HD13 sing N N 255 
ILE OXT HXT  sing N N 256 
LEU N   CA   sing N N 257 
LEU N   H    sing N N 258 
LEU N   H2   sing N N 259 
LEU CA  C    sing N N 260 
LEU CA  CB   sing N N 261 
LEU CA  HA   sing N N 262 
LEU C   O    doub N N 263 
LEU C   OXT  sing N N 264 
LEU CB  CG   sing N N 265 
LEU CB  HB2  sing N N 266 
LEU CB  HB3  sing N N 267 
LEU CG  CD1  sing N N 268 
LEU CG  CD2  sing N N 269 
LEU CG  HG   sing N N 270 
LEU CD1 HD11 sing N N 271 
LEU CD1 HD12 sing N N 272 
LEU CD1 HD13 sing N N 273 
LEU CD2 HD21 sing N N 274 
LEU CD2 HD22 sing N N 275 
LEU CD2 HD23 sing N N 276 
LEU OXT HXT  sing N N 277 
LYS N   CA   sing N N 278 
LYS N   H    sing N N 279 
LYS N   H2   sing N N 280 
LYS CA  C    sing N N 281 
LYS CA  CB   sing N N 282 
LYS CA  HA   sing N N 283 
LYS C   O    doub N N 284 
LYS C   OXT  sing N N 285 
LYS CB  CG   sing N N 286 
LYS CB  HB2  sing N N 287 
LYS CB  HB3  sing N N 288 
LYS CG  CD   sing N N 289 
LYS CG  HG2  sing N N 290 
LYS CG  HG3  sing N N 291 
LYS CD  CE   sing N N 292 
LYS CD  HD2  sing N N 293 
LYS CD  HD3  sing N N 294 
LYS CE  NZ   sing N N 295 
LYS CE  HE2  sing N N 296 
LYS CE  HE3  sing N N 297 
LYS NZ  HZ1  sing N N 298 
LYS NZ  HZ2  sing N N 299 
LYS NZ  HZ3  sing N N 300 
LYS OXT HXT  sing N N 301 
MET N   CA   sing N N 302 
MET N   H    sing N N 303 
MET N   H2   sing N N 304 
MET CA  C    sing N N 305 
MET CA  CB   sing N N 306 
MET CA  HA   sing N N 307 
MET C   O    doub N N 308 
MET C   OXT  sing N N 309 
MET CB  CG   sing N N 310 
MET CB  HB2  sing N N 311 
MET CB  HB3  sing N N 312 
MET CG  SD   sing N N 313 
MET CG  HG2  sing N N 314 
MET CG  HG3  sing N N 315 
MET SD  CE   sing N N 316 
MET CE  HE1  sing N N 317 
MET CE  HE2  sing N N 318 
MET CE  HE3  sing N N 319 
MET OXT HXT  sing N N 320 
PHE N   CA   sing N N 321 
PHE N   H    sing N N 322 
PHE N   H2   sing N N 323 
PHE CA  C    sing N N 324 
PHE CA  CB   sing N N 325 
PHE CA  HA   sing N N 326 
PHE C   O    doub N N 327 
PHE C   OXT  sing N N 328 
PHE CB  CG   sing N N 329 
PHE CB  HB2  sing N N 330 
PHE CB  HB3  sing N N 331 
PHE CG  CD1  doub Y N 332 
PHE CG  CD2  sing Y N 333 
PHE CD1 CE1  sing Y N 334 
PHE CD1 HD1  sing N N 335 
PHE CD2 CE2  doub Y N 336 
PHE CD2 HD2  sing N N 337 
PHE CE1 CZ   doub Y N 338 
PHE CE1 HE1  sing N N 339 
PHE CE2 CZ   sing Y N 340 
PHE CE2 HE2  sing N N 341 
PHE CZ  HZ   sing N N 342 
PHE OXT HXT  sing N N 343 
PRO N   CA   sing N N 344 
PRO N   CD   sing N N 345 
PRO N   H    sing N N 346 
PRO CA  C    sing N N 347 
PRO CA  CB   sing N N 348 
PRO CA  HA   sing N N 349 
PRO C   O    doub N N 350 
PRO C   OXT  sing N N 351 
PRO CB  CG   sing N N 352 
PRO CB  HB2  sing N N 353 
PRO CB  HB3  sing N N 354 
PRO CG  CD   sing N N 355 
PRO CG  HG2  sing N N 356 
PRO CG  HG3  sing N N 357 
PRO CD  HD2  sing N N 358 
PRO CD  HD3  sing N N 359 
PRO OXT HXT  sing N N 360 
SER N   CA   sing N N 361 
SER N   H    sing N N 362 
SER N   H2   sing N N 363 
SER CA  C    sing N N 364 
SER CA  CB   sing N N 365 
SER CA  HA   sing N N 366 
SER C   O    doub N N 367 
SER C   OXT  sing N N 368 
SER CB  OG   sing N N 369 
SER CB  HB2  sing N N 370 
SER CB  HB3  sing N N 371 
SER OG  HG   sing N N 372 
SER OXT HXT  sing N N 373 
THR N   CA   sing N N 374 
THR N   H    sing N N 375 
THR N   H2   sing N N 376 
THR CA  C    sing N N 377 
THR CA  CB   sing N N 378 
THR CA  HA   sing N N 379 
THR C   O    doub N N 380 
THR C   OXT  sing N N 381 
THR CB  OG1  sing N N 382 
THR CB  CG2  sing N N 383 
THR CB  HB   sing N N 384 
THR OG1 HG1  sing N N 385 
THR CG2 HG21 sing N N 386 
THR CG2 HG22 sing N N 387 
THR CG2 HG23 sing N N 388 
THR OXT HXT  sing N N 389 
TRP N   CA   sing N N 390 
TRP N   H    sing N N 391 
TRP N   H2   sing N N 392 
TRP CA  C    sing N N 393 
TRP CA  CB   sing N N 394 
TRP CA  HA   sing N N 395 
TRP C   O    doub N N 396 
TRP C   OXT  sing N N 397 
TRP CB  CG   sing N N 398 
TRP CB  HB2  sing N N 399 
TRP CB  HB3  sing N N 400 
TRP CG  CD1  doub Y N 401 
TRP CG  CD2  sing Y N 402 
TRP CD1 NE1  sing Y N 403 
TRP CD1 HD1  sing N N 404 
TRP CD2 CE2  doub Y N 405 
TRP CD2 CE3  sing Y N 406 
TRP NE1 CE2  sing Y N 407 
TRP NE1 HE1  sing N N 408 
TRP CE2 CZ2  sing Y N 409 
TRP CE3 CZ3  doub Y N 410 
TRP CE3 HE3  sing N N 411 
TRP CZ2 CH2  doub Y N 412 
TRP CZ2 HZ2  sing N N 413 
TRP CZ3 CH2  sing Y N 414 
TRP CZ3 HZ3  sing N N 415 
TRP CH2 HH2  sing N N 416 
TRP OXT HXT  sing N N 417 
TYR N   CA   sing N N 418 
TYR N   H    sing N N 419 
TYR N   H2   sing N N 420 
TYR CA  C    sing N N 421 
TYR CA  CB   sing N N 422 
TYR CA  HA   sing N N 423 
TYR C   O    doub N N 424 
TYR C   OXT  sing N N 425 
TYR CB  CG   sing N N 426 
TYR CB  HB2  sing N N 427 
TYR CB  HB3  sing N N 428 
TYR CG  CD1  doub Y N 429 
TYR CG  CD2  sing Y N 430 
TYR CD1 CE1  sing Y N 431 
TYR CD1 HD1  sing N N 432 
TYR CD2 CE2  doub Y N 433 
TYR CD2 HD2  sing N N 434 
TYR CE1 CZ   doub Y N 435 
TYR CE1 HE1  sing N N 436 
TYR CE2 CZ   sing Y N 437 
TYR CE2 HE2  sing N N 438 
TYR CZ  OH   sing N N 439 
TYR OH  HH   sing N N 440 
TYR OXT HXT  sing N N 441 
VAL N   CA   sing N N 442 
VAL N   H    sing N N 443 
VAL N   H2   sing N N 444 
VAL CA  C    sing N N 445 
VAL CA  CB   sing N N 446 
VAL CA  HA   sing N N 447 
VAL C   O    doub N N 448 
VAL C   OXT  sing N N 449 
VAL CB  CG1  sing N N 450 
VAL CB  CG2  sing N N 451 
VAL CB  HB   sing N N 452 
VAL CG1 HG11 sing N N 453 
VAL CG1 HG12 sing N N 454 
VAL CG1 HG13 sing N N 455 
VAL CG2 HG21 sing N N 456 
VAL CG2 HG22 sing N N 457 
VAL CG2 HG23 sing N N 458 
VAL OXT HXT  sing N N 459 
# 
_pdbx_audit_support.funding_organization   
'National Institutes of Health/National Institute of General Medical Sciences (NIH/NIGMS)' 
_pdbx_audit_support.country                'United States' 
_pdbx_audit_support.grant_number           R01-GM138884 
_pdbx_audit_support.ordinal                1 
# 
_pdbx_initial_refinement_model.id               1 
_pdbx_initial_refinement_model.entity_id_list   ? 
_pdbx_initial_refinement_model.type             'experimental model' 
_pdbx_initial_refinement_model.source_name      PDB 
_pdbx_initial_refinement_model.accession_code   2BC5 
_pdbx_initial_refinement_model.details          ? 
# 
_space_group.name_H-M_alt     'P 2 21 21' 
_space_group.name_Hall        'P 2 2ab (z,x,y)' 
_space_group.IT_number        18 
_space_group.crystal_system   orthorhombic 
_space_group.id               1 
# 
_atom_sites.entry_id                    8DRM 
_atom_sites.Cartn_transf_matrix[1][1]   ? 
_atom_sites.Cartn_transf_matrix[1][2]   ? 
_atom_sites.Cartn_transf_matrix[1][3]   ? 
_atom_sites.Cartn_transf_matrix[2][1]   ? 
_atom_sites.Cartn_transf_matrix[2][2]   ? 
_atom_sites.Cartn_transf_matrix[2][3]   ? 
_atom_sites.Cartn_transf_matrix[3][1]   ? 
_atom_sites.Cartn_transf_matrix[3][2]   ? 
_atom_sites.Cartn_transf_matrix[3][3]   ? 
_atom_sites.Cartn_transf_vector[1]      ? 
_atom_sites.Cartn_transf_vector[2]      ? 
_atom_sites.Cartn_transf_vector[3]      ? 
_atom_sites.fract_transf_matrix[1][1]   0.01415307 
_atom_sites.fract_transf_matrix[1][2]   0.02112182 
_atom_sites.fract_transf_matrix[1][3]   0.00152683 
_atom_sites.fract_transf_matrix[2][1]   -0.00114003 
_atom_sites.fract_transf_matrix[2][2]   0.00216137 
_atom_sites.fract_transf_matrix[2][3]   -0.01933218 
_atom_sites.fract_transf_matrix[3][1]   -0.01409982 
_atom_sites.fract_transf_matrix[3][2]   0.00931248 
_atom_sites.fract_transf_matrix[3][3]   0.00187263 
_atom_sites.fract_transf_vector[1]      0.244671 
_atom_sites.fract_transf_vector[2]      0.273097 
_atom_sites.fract_transf_vector[3]      0.050914 
_atom_sites.solution_primary            ? 
_atom_sites.solution_secondary          ? 
_atom_sites.solution_hydrogens          ? 
_atom_sites.special_details             ? 
# 
loop_
_atom_type.symbol 
_atom_type.scat_dispersion_real 
_atom_type.scat_dispersion_imag 
_atom_type.scat_Cromer_Mann_a1 
_atom_type.scat_Cromer_Mann_a2 
_atom_type.scat_Cromer_Mann_a3 
_atom_type.scat_Cromer_Mann_a4 
_atom_type.scat_Cromer_Mann_b1 
_atom_type.scat_Cromer_Mann_b2 
_atom_type.scat_Cromer_Mann_b3 
_atom_type.scat_Cromer_Mann_b4 
_atom_type.scat_Cromer_Mann_c 
_atom_type.scat_source 
_atom_type.scat_dispersion_source 
C  ? ? 3.54356  2.42580 ? ? 25.62398 1.50364  ? ? 0.0 
;2-Gaussian fit: Grosse-Kunstleve RW, Sauter NK, Adams PD: Newsletter of the IUCr Commission on Crystallographic Computing 2004, 3, 22-31.
;
? 
FE ? ? 20.90327 4.99816 ? ? 2.55100  38.46870 ? ? 0.0 
;2-Gaussian fit: Grosse-Kunstleve RW, Sauter NK, Adams PD: Newsletter of the IUCr Commission on Crystallographic Computing 2004, 3, 22-31.
;
? 
N  ? ? 4.01032  2.96436 ? ? 19.97189 1.75589  ? ? 0.0 
;2-Gaussian fit: Grosse-Kunstleve RW, Sauter NK, Adams PD: Newsletter of the IUCr Commission on Crystallographic Computing 2004, 3, 22-31.
;
? 
O  ? ? 4.49882  3.47563 ? ? 15.80542 1.70748  ? ? 0.0 
;2-Gaussian fit: Grosse-Kunstleve RW, Sauter NK, Adams PD: Newsletter of the IUCr Commission on Crystallographic Computing 2004, 3, 22-31.
;
? 
S  ? ? 9.55732  6.39887 ? ? 1.23737  29.19336 ? ? 0.0 
;2-Gaussian fit: Grosse-Kunstleve RW, Sauter NK, Adams PD: Newsletter of the IUCr Commission on Crystallographic Computing 2004, 3, 22-31.
;
? 
ZN ? ? 24.64596 5.25405 ? ? 2.14387  29.76375 ? ? 0.0 
;2-Gaussian fit: Grosse-Kunstleve RW, Sauter NK, Adams PD: Newsletter of the IUCr Commission on Crystallographic Computing 2004, 3, 22-31.
;
? 
# 
loop_
_atom_site.group_PDB 
_atom_site.id 
_atom_site.type_symbol 
_atom_site.label_atom_id 
_atom_site.label_alt_id 
_atom_site.label_comp_id 
_atom_site.label_asym_id 
_atom_site.label_entity_id 
_atom_site.label_seq_id 
_atom_site.pdbx_PDB_ins_code 
_atom_site.Cartn_x 
_atom_site.Cartn_y 
_atom_site.Cartn_z 
_atom_site.occupancy 
_atom_site.B_iso_or_equiv 
_atom_site.pdbx_formal_charge 
_atom_site.auth_seq_id 
_atom_site.auth_comp_id 
_atom_site.auth_asym_id 
_atom_site.auth_atom_id 
_atom_site.pdbx_PDB_model_num 
ATOM   1   N  N   . ALA A 1 1   ? 9.18851   0.61848   11.65274  1.000 38.72000 ? 1   ALA A N   1 
ATOM   2   C  CA  . ALA A 1 1   ? 9.52551   -0.74626  11.25688  1.000 35.95000 ? 1   ALA A CA  1 
ATOM   3   C  C   . ALA A 1 1   ? 10.43051  -0.73823  10.03413  1.000 37.95000 ? 1   ALA A C   1 
ATOM   4   O  O   . ALA A 1 1   ? 10.53345  0.27904   9.34881   1.000 41.87000 ? 1   ALA A O   1 
ATOM   5   C  CB  . ALA A 1 1   ? 8.25920   -1.54255  10.97839  1.000 34.72000 ? 1   ALA A CB  1 
ATOM   6   N  N   . ASP A 1 2   ? 11.07771  -1.87149  9.75432   1.000 37.82000 ? 2   ASP A N   1 
ATOM   7   C  CA  . ASP A 1 2   ? 11.92952  -1.98126  8.57937   1.000 37.26000 ? 2   ASP A CA  1 
ATOM   8   C  C   . ASP A 1 2   ? 11.07779  -2.28010  7.34514   1.000 33.02000 ? 2   ASP A C   1 
ATOM   9   O  O   . ASP A 1 2   ? 9.85744   -2.47242  7.42933   1.000 30.09000 ? 2   ASP A O   1 
ATOM   10  C  CB  . ASP A 1 2   ? 13.01868  -3.03695  8.80153   1.000 33.75000 ? 2   ASP A CB  1 
ATOM   11  C  CG  . ASP A 1 2   ? 12.53777  -4.46575  8.54357   1.000 34.55000 ? 2   ASP A CG  1 
ATOM   12  O  OD1 . ASP A 1 2   ? 11.34300  -4.75447  8.73315   1.000 31.71000 ? 2   ASP A OD1 1 
ATOM   13  O  OD2 . ASP A 1 2   ? 13.37314  -5.31241  8.15341   1.000 40.70000 ? 2   ASP A OD2 1 
ATOM   14  N  N   . LEU A 1 3   ? 11.73277  -2.32682  6.18124   1.000 32.22000 ? 3   LEU A N   1 
ATOM   15  C  CA  . LEU A 1 3   ? 10.99937  -2.48501  4.92546   1.000 30.47000 ? 3   LEU A CA  1 
ATOM   16  C  C   . LEU A 1 3   ? 10.30316  -3.84158  4.84363   1.000 26.34000 ? 3   LEU A C   1 
ATOM   17  O  O   . LEU A 1 3   ? 9.16368   -3.92902  4.37576   1.000 23.35000 ? 3   LEU A O   1 
ATOM   18  C  CB  . LEU A 1 3   ? 11.94615  -2.28771  3.74157   1.000 30.72000 ? 3   LEU A CB  1 
ATOM   19  C  CG  . LEU A 1 3   ? 11.34314  -1.91616  2.38620   1.000 29.39000 ? 3   LEU A CG  1 
ATOM   20  C  CD1 . LEU A 1 3   ? 10.37154  -0.74399  2.50151   1.000 31.21000 ? 3   LEU A CD1 1 
ATOM   21  C  CD2 . LEU A 1 3   ? 12.44596  -1.60348  1.36949   1.000 32.93000 ? 3   LEU A CD2 1 
ATOM   22  N  N   . GLU A 1 4   ? 10.95964  -4.91138  5.30300   1.000 24.11000 ? 4   GLU A N   1 
ATOM   23  C  CA  . GLU A 1 4   ? 10.33850  -6.23584  5.23451   1.000 23.83000 ? 4   GLU A CA  1 
ATOM   24  C  C   . GLU A 1 4   ? 9.05408   -6.29548  6.06083   1.000 22.87000 ? 4   GLU A C   1 
ATOM   25  O  O   . GLU A 1 4   ? 8.02757   -6.83302  5.60746   1.000 20.58000 ? 4   GLU A O   1 
ATOM   26  C  CB  . GLU A 1 4   ? 11.33667  -7.30591  5.70128   1.000 24.01000 ? 4   GLU A CB  1 
ATOM   27  C  CG  . GLU A 1 4   ? 10.69634  -8.63200  6.08652   1.000 25.07000 ? 4   GLU A CG  1 
ATOM   28  C  CD  . GLU A 1 4   ? 10.25688  -9.44053  4.88311   1.000 22.08000 ? 4   GLU A CD  1 
ATOM   29  O  OE1 . GLU A 1 4   ? 9.63998   -10.51913 5.07743   1.000 24.37000 ? 4   GLU A OE1 1 
ATOM   30  O  OE2 . GLU A 1 4   ? 10.53008  -8.99517  3.74160   1.000 22.89000 ? 4   GLU A OE2 1 
ATOM   31  N  N   . ASP A 1 5   ? 9.08690   -5.75303  7.27873   1.000 23.89000 ? 5   ASP A N   1 
ATOM   32  C  CA  . ASP A 1 5   ? 7.90035   -5.79335  8.12334   1.000 25.49000 ? 5   ASP A CA  1 
ATOM   33  C  C   . ASP A 1 5   ? 6.76153   -4.97806  7.52362   1.000 22.32000 ? 5   ASP A C   1 
ATOM   34  O  O   . ASP A 1 5   ? 5.60732   -5.42652  7.52767   1.000 21.49000 ? 5   ASP A O   1 
ATOM   35  C  CB  . ASP A 1 5   ? 8.24013   -5.29964  9.53073   1.000 27.36000 ? 5   ASP A CB  1 
ATOM   36  C  CG  . ASP A 1 5   ? 9.12783   -6.27281  10.28365  1.000 31.42000 ? 5   ASP A CG  1 
ATOM   37  O  OD1 . ASP A 1 5   ? 9.01584   -7.49146  10.02757  1.000 36.18000 ? 5   ASP A OD1 1 
ATOM   38  O  OD2 . ASP A 1 5   ? 9.93400   -5.82193  11.12611  1.000 35.56000 ? 5   ASP A OD2 1 
ATOM   39  N  N   . ASN A 1 6   ? 7.06757   -3.78597  6.99853   1.000 25.08000 ? 6   ASN A N   1 
ATOM   40  C  CA  . ASN A 1 6   ? 6.02081   -2.97354  6.37745   1.000 22.83000 ? 6   ASN A CA  1 
ATOM   41  C  C   . ASN A 1 6   ? 5.43909   -3.67142  5.15529   1.000 20.06000 ? 6   ASN A C   1 
ATOM   42  O  O   . ASN A 1 6   ? 4.21868   -3.65267  4.94150   1.000 20.16000 ? 6   ASN A O   1 
ATOM   43  C  CB  . ASN A 1 6   ? 6.56512   -1.59433  5.99510   1.000 24.48000 ? 6   ASN A CB  1 
ATOM   44  C  CG  . ASN A 1 6   ? 6.87322   -0.73088  7.21333   1.000 26.68000 ? 6   ASN A CG  1 
ATOM   45  O  OD1 . ASN A 1 6   ? 6.13881   -0.76136  8.20364   1.000 33.76000 ? 6   ASN A OD1 1 
ATOM   46  N  ND2 . ASN A 1 6   ? 7.95595   0.03433   7.14618   1.000 29.26000 ? 6   ASN A ND2 1 
ATOM   47  N  N   . MET A 1 7   ? 6.29310   -4.29911  4.34729   1.000 20.54000 ? 7   MET A N   1 
ATOM   48  C  CA  . MET A 1 7   ? 5.78951   -4.99178  3.16933   1.000 18.69000 ? 7   MET A CA  1 
ATOM   49  C  C   . MET A 1 7   ? 4.93959   -6.19306  3.55743   1.000 18.25000 ? 7   MET A C   1 
ATOM   50  O  O   . MET A 1 7   ? 3.92949   -6.48230  2.90694   1.000 17.65000 ? 7   MET A O   1 
ATOM   51  C  CB  . MET A 1 7   ? 6.95038   -5.40958  2.26564   1.000 19.26000 ? 7   MET A CB  1 
ATOM   52  C  CG  . MET A 1 7   ? 7.60268   -4.23999  1.55608   1.000 17.06000 ? 7   MET A CG  1 
ATOM   53  S  SD  . MET A 1 7   ? 6.37807   -3.35781  0.55191   1.000 18.19000 ? 7   MET A SD  1 
ATOM   54  C  CE  . MET A 1 7   ? 7.04379   -1.69809  0.59014   1.000 20.50000 ? 7   MET A CE  1 
ATOM   55  N  N   . GLU A 1 8   ? 5.31381   -6.91206  4.62049   1.000 19.56000 ? 8   GLU A N   1 
ATOM   56  C  CA  . GLU A 1 8   ? 4.47760   -8.04742  4.99811   1.000 19.99000 ? 8   GLU A CA  1 
ATOM   57  C  C   . GLU A 1 8   ? 3.18526   -7.59047  5.67151   1.000 21.14000 ? 8   GLU A C   1 
ATOM   58  O  O   . GLU A 1 8   ? 2.17631   -8.29478  5.59502   1.000 20.47000 ? 8   GLU A O   1 
ATOM   59  C  CB  . GLU A 1 8   ? 5.26516   -9.02656  5.87292   1.000 19.49000 ? 8   GLU A CB  1 
ATOM   60  C  CG  . GLU A 1 8   ? 6.42020   -9.72132  5.13846   1.000 19.77000 ? 8   GLU A CG  1 
ATOM   61  C  CD  . GLU A 1 8   ? 5.99367   -10.57818 3.93778   1.000 19.88000 ? 8   GLU A CD  1 
ATOM   62  O  OE1 . GLU A 1 8   ? 6.87302   -11.04786 3.18858   1.000 17.75000 ? 8   GLU A OE1 1 
ATOM   63  O  OE2 . GLU A 1 8   ? 4.79008   -10.79330 3.71654   1.000 19.09000 ? 8   GLU A OE2 1 
ATOM   64  N  N   . THR A 1 9   ? 3.18044   -6.40477  6.29118   1.000 20.18000 ? 9   THR A N   1 
ATOM   65  C  CA  . THR A 1 9   ? 1.92043   -5.82184  6.74208   1.000 21.41000 ? 9   THR A CA  1 
ATOM   66  C  C   . THR A 1 9   ? 0.99662   -5.51068  5.56909   1.000 21.75000 ? 9   THR A C   1 
ATOM   67  O  O   . THR A 1 9   ? -0.20654  -5.78605  5.63722   1.000 21.03000 ? 9   THR A O   1 
ATOM   68  C  CB  . THR A 1 9   ? 2.17914   -4.56189  7.55874   1.000 22.15000 ? 9   THR A CB  1 
ATOM   69  O  OG1 . THR A 1 9   ? 2.91970   -4.91482  8.72995   1.000 24.40000 ? 9   THR A OG1 1 
ATOM   70  C  CG2 . THR A 1 9   ? 0.84366   -3.90303  7.97830   1.000 22.18000 ? 9   THR A CG2 1 
ATOM   71  N  N   . LEU A 1 10  ? 1.53268   -4.90951  4.49682   1.000 19.77000 ? 10  LEU A N   1 
ATOM   72  C  CA  . LEU A 1 10  ? 0.72156   -4.67301  3.30379   1.000 19.62000 ? 10  LEU A CA  1 
ATOM   73  C  C   . LEU A 1 10  ? 0.19268   -5.98296  2.74567   1.000 17.53000 ? 10  LEU A C   1 
ATOM   74  O  O   . LEU A 1 10  ? -0.99355  -6.10126  2.40121   1.000 18.79000 ? 10  LEU A O   1 
ATOM   75  C  CB  . LEU A 1 10  ? 1.54480   -3.94433  2.24010   1.000 17.43000 ? 10  LEU A CB  1 
ATOM   76  C  CG  . LEU A 1 10  ? 1.88442   -2.48419  2.55426   1.000 18.13000 ? 10  LEU A CG  1 
ATOM   77  C  CD1 . LEU A 1 10  ? 2.84643   -1.91747  1.52502   1.000 20.56000 ? 10  LEU A CD1 1 
ATOM   78  C  CD2 . LEU A 1 10  ? 0.60069   -1.64387  2.59339   1.000 18.83000 ? 10  LEU A CD2 1 
ATOM   79  N  N   . ASN A 1 11  ? 1.09131   -6.97168  2.63020   1.000 18.67000 ? 11  ASN A N   1 
ATOM   80  C  CA  . ASN A 1 11  ? 0.76512   -8.28333  2.08551   1.000 19.51000 ? 11  ASN A CA  1 
ATOM   81  C  C   . ASN A 1 11  ? -0.35042  -8.95385  2.88648   1.000 19.25000 ? 11  ASN A C   1 
ATOM   82  O  O   . ASN A 1 11  ? -1.37538  -9.36352  2.32732   1.000 20.14000 ? 11  ASN A O   1 
ATOM   83  C  CB  . ASN A 1 11  ? 2.04458   -9.13430  2.07802   1.000 19.56000 ? 11  ASN A CB  1 
ATOM   84  C  CG  . ASN A 1 11  ? 1.94521   -10.35524 1.20129   1.000 22.13000 ? 11  ASN A CG  1 
ATOM   85  O  OD1 . ASN A 1 11  ? 1.07625   -10.45404 0.33974   1.000 23.00000 ? 11  ASN A OD1 1 
ATOM   86  N  ND2 . ASN A 1 11  ? 2.85268   -11.31582 1.41980   1.000 18.95000 ? 11  ASN A ND2 1 
ATOM   87  N  N   . ASP A 1 12  ? -0.16457  -9.07006  4.20406   1.000 19.74000 ? 12  ASP A N   1 
ATOM   88  C  CA  . ASP A 1 12  ? -1.13077  -9.78826  5.03046   1.000 21.76000 ? 12  ASP A CA  1 
ATOM   89  C  C   . ASP A 1 12  ? -2.49060  -9.09861  5.03454   1.000 22.93000 ? 12  ASP A C   1 
ATOM   90  O  O   . ASP A 1 12  ? -3.53165  -9.76612  4.96524   1.000 23.53000 ? 12  ASP A O   1 
ATOM   91  C  CB  . ASP A 1 12  ? -0.60716  -9.91790  6.45885   1.000 21.04000 ? 12  ASP A CB  1 
ATOM   92  C  CG  . ASP A 1 12  ? 0.57348   -10.86068 6.56673   1.000 23.76000 ? 12  ASP A CG  1 
ATOM   93  O  OD1 . ASP A 1 12  ? 0.80740   -11.63085 5.60953   1.000 22.91000 ? 12  ASP A OD1 1 
ATOM   94  O  OD2 . ASP A 1 12  ? 1.24893   -10.83186 7.61450   1.000 26.95000 ? 12  ASP A OD2 1 
ATOM   95  N  N   . ASN A 1 13  ? -2.50493  -7.76422  5.12319   1.000 20.17000 ? 13  ASN A N   1 
ATOM   96  C  CA  . ASN A 1 13  ? -3.78993  -7.07416  5.24380   1.000 21.21000 ? 13  ASN A CA  1 
ATOM   97  C  C   . ASN A 1 13  ? -4.54199  -7.06293  3.92649   1.000 22.84000 ? 13  ASN A C   1 
ATOM   98  O  O   . ASN A 1 13  ? -5.77613  -6.99924  3.92189   1.000 20.06000 ? 13  ASN A O   1 
ATOM   99  C  CB  . ASN A 1 13  ? -3.59069  -5.65520  5.76418   1.000 20.93000 ? 13  ASN A CB  1 
ATOM   100 C  CG  . ASN A 1 13  ? -3.45707  -5.61801  7.26756   1.000 23.08000 ? 13  ASN A CG  1 
ATOM   101 O  OD1 . ASN A 1 13  ? -4.44663  -5.77509  7.99162   1.000 25.41000 ? 13  ASN A OD1 1 
ATOM   102 N  ND2 . ASN A 1 13  ? -2.22708  -5.44295  7.75295   1.000 24.39000 ? 13  ASN A ND2 1 
ATOM   103 N  N   . LEU A 1 14  ? -3.82981  -7.11472  2.80052   1.000 20.76000 ? 14  LEU A N   1 
ATOM   104 C  CA  . LEU A 1 14  ? -4.50735  -7.29072  1.52202   1.000 22.58000 ? 14  LEU A CA  1 
ATOM   105 C  C   . LEU A 1 14  ? -5.31878  -8.58026  1.52216   1.000 22.94000 ? 14  LEU A C   1 
ATOM   106 O  O   . LEU A 1 14  ? -6.44764  -8.61879  1.01819   1.000 26.79000 ? 14  LEU A O   1 
ATOM   107 C  CB  . LEU A 1 14  ? -3.47802  -7.28057  0.39013   1.000 22.00000 ? 14  LEU A CB  1 
ATOM   108 C  CG  . LEU A 1 14  ? -3.89683  -6.97555  -1.04081  1.000 24.50000 ? 14  LEU A CG  1 
ATOM   109 C  CD1 . LEU A 1 14  ? -4.79532  -5.73367  -1.11135  1.000 24.83000 ? 14  LEU A CD1 1 
ATOM   110 C  CD2 . LEU A 1 14  ? -2.66644  -6.78699  -1.91057  1.000 26.05000 ? 14  LEU A CD2 1 
ATOM   111 N  N   . LYS A 1 15  ? -4.77172  -9.64057  2.12076   1.000 24.85000 ? 15  LYS A N   1 
ATOM   112 C  CA  . LYS A 1 15  ? -5.48982  -10.90914 2.19184   1.000 25.86000 ? 15  LYS A CA  1 
ATOM   113 C  C   . LYS A 1 15  ? -6.64933  -10.83302 3.17635   1.000 27.21000 ? 15  LYS A C   1 
ATOM   114 O  O   . LYS A 1 15  ? -7.71856  -11.40397 2.92878   1.000 27.39000 ? 15  LYS A O   1 
ATOM   115 C  CB  . LYS A 1 15  ? -4.52928  -12.03204 2.58688   1.000 28.78000 ? 15  LYS A CB  1 
ATOM   116 C  CG  . LYS A 1 15  ? -5.00185  -13.41071 2.16491   1.000 31.47000 ? 15  LYS A CG  1 
ATOM   117 C  CD  . LYS A 1 15  ? -4.94770  -13.56297 0.64674   1.000 33.92000 ? 15  LYS A CD  1 
ATOM   118 N  N   . VAL A 1 16  ? -6.44945  -10.14477 4.30350   1.000 25.51000 ? 16  VAL A N   1 
ATOM   119 C  CA  . VAL A 1 16  ? -7.53892  -9.94966  5.25878   1.000 26.47000 ? 16  VAL A CA  1 
ATOM   120 C  C   . VAL A 1 16  ? -8.73303  -9.29226  4.58120   1.000 27.47000 ? 16  VAL A C   1 
ATOM   121 O  O   . VAL A 1 16  ? -9.88439  -9.69564  4.79495   1.000 28.38000 ? 16  VAL A O   1 
ATOM   122 C  CB  . VAL A 1 16  ? -7.05491  -9.12758  6.46801   1.000 25.66000 ? 16  VAL A CB  1 
ATOM   123 C  CG1 . VAL A 1 16  ? -8.23753  -8.66251  7.31404   1.000 25.73000 ? 16  VAL A CG1 1 
ATOM   124 C  CG2 . VAL A 1 16  ? -6.09218  -9.93870  7.30073   1.000 26.56000 ? 16  VAL A CG2 1 
ATOM   125 N  N   . ILE A 1 17  ? -8.48274  -8.27230  3.75482   1.000 24.87000 ? 17  ILE A N   1 
ATOM   126 C  CA  . ILE A 1 17  ? -9.57744  -7.56834  3.08772   1.000 24.56000 ? 17  ILE A CA  1 
ATOM   127 C  C   . ILE A 1 17  ? -10.33455 -8.51999  2.17186   1.000 27.10000 ? 17  ILE A C   1 
ATOM   128 O  O   . ILE A 1 17  ? -11.57210 -8.49371  2.09513   1.000 26.82000 ? 17  ILE A O   1 
ATOM   129 C  CB  . ILE A 1 17  ? -9.03366  -6.35396  2.30824   1.000 23.06000 ? 17  ILE A CB  1 
ATOM   130 C  CG1 . ILE A 1 17  ? -8.45124  -5.32097  3.27113   1.000 22.97000 ? 17  ILE A CG1 1 
ATOM   131 C  CG2 . ILE A 1 17  ? -10.12681 -5.76182  1.42229   1.000 22.30000 ? 17  ILE A CG2 1 
ATOM   132 C  CD1 . ILE A 1 17  ? -7.52463  -4.31197  2.62170   1.000 20.77000 ? 17  ILE A CD1 1 
ATOM   133 N  N   . GLU A 1 18  ? -9.59682  -9.38134  1.46881   1.000 27.44000 ? 18  GLU A N   1 
ATOM   134 C  CA  . GLU A 1 18  ? -10.20607 -10.31833 0.53482   1.000 30.31000 ? 18  GLU A CA  1 
ATOM   135 C  C   . GLU A 1 18  ? -11.18466 -11.24699 1.23871   1.000 30.42000 ? 18  GLU A C   1 
ATOM   136 O  O   . GLU A 1 18  ? -12.26186 -11.54542 0.70920   1.000 34.80000 ? 18  GLU A O   1 
ATOM   137 C  CB  . GLU A 1 18  ? -9.10179  -11.11986 -0.15271  1.000 30.56000 ? 18  GLU A CB  1 
ATOM   138 C  CG  . GLU A 1 18  ? -9.53789  -11.98013 -1.30891  1.000 34.90000 ? 18  GLU A CG  1 
ATOM   139 C  CD  . GLU A 1 18  ? -8.41108  -12.89716 -1.74868  1.000 40.13000 ? 18  GLU A CD  1 
ATOM   140 O  OE1 . GLU A 1 18  ? -8.57080  -14.13114 -1.64511  1.000 44.18000 ? 18  GLU A OE1 1 
ATOM   141 O  OE2 . GLU A 1 18  ? -7.35175  -12.37526 -2.16050  1.000 42.53000 ? 18  GLU A OE2 1 
ATOM   142 N  N   . LYS A 1 19  ? -10.83356 -11.69908 2.43676   1.000 30.81000 ? 19  LYS A N   1 
ATOM   143 C  CA  . LYS A 1 19  ? -11.61555 -12.67352 3.18238   1.000 31.82000 ? 19  LYS A CA  1 
ATOM   144 C  C   . LYS A 1 19  ? -12.53809 -12.02549 4.20486   1.000 33.21000 ? 19  LYS A C   1 
ATOM   145 O  O   . LYS A 1 19  ? -13.16996 -12.73664 4.99262   1.000 37.73000 ? 19  LYS A O   1 
ATOM   146 C  CB  . LYS A 1 19  ? -10.68433 -13.66776 3.88474   1.000 33.54000 ? 19  LYS A CB  1 
ATOM   147 C  CG  . LYS A 1 19  ? -9.88735  -14.56515 2.95022   1.000 36.93000 ? 19  LYS A CG  1 
ATOM   148 C  CD  . LYS A 1 19  ? -8.41919  -14.59888 3.33297   1.000 37.53000 ? 19  LYS A CD  1 
ATOM   149 N  N   . ALA A 1 20  ? -12.62824 -10.69915 4.21752   1.000 34.91000 ? 20  ALA A N   1 
ATOM   150 C  CA  . ALA A 1 20  ? -13.41572 -10.02500 5.23463   1.000 35.54000 ? 20  ALA A CA  1 
ATOM   151 C  C   . ALA A 1 20  ? -14.90632 -10.20946 4.96975   1.000 35.96000 ? 20  ALA A C   1 
ATOM   152 O  O   . ALA A 1 20  ? -15.34065 -10.49798 3.85140   1.000 37.69000 ? 20  ALA A O   1 
ATOM   153 C  CB  . ALA A 1 20  ? -13.07512 -8.53516  5.28872   1.000 31.63000 ? 20  ALA A CB  1 
ATOM   154 N  N   . ASP A 1 21  ? -15.69508 -10.03244 6.02796   1.000 37.01000 ? 21  ASP A N   1 
ATOM   155 C  CA  . ASP A 1 21  ? -17.13836 -10.17782 5.94261   1.000 42.38000 ? 21  ASP A CA  1 
ATOM   156 C  C   . ASP A 1 21  ? -17.90621 -8.88995  6.16508   1.000 39.22000 ? 21  ASP A C   1 
ATOM   157 O  O   . ASP A 1 21  ? -19.08527 -8.83051  5.80028   1.000 41.55000 ? 21  ASP A O   1 
ATOM   158 C  CB  . ASP A 1 21  ? -17.63724 -11.21693 6.95801   1.000 41.96000 ? 21  ASP A CB  1 
ATOM   159 C  CG  . ASP A 1 21  ? -18.00916 -12.52680 6.30294   1.000 48.28000 ? 21  ASP A CG  1 
ATOM   160 O  OD1 . ASP A 1 21  ? -17.80344 -13.58661 6.93022   1.000 51.83000 ? 21  ASP A OD1 1 
ATOM   161 O  OD2 . ASP A 1 21  ? -18.50195 -12.49483 5.15292   1.000 50.85000 ? 21  ASP A OD2 1 
ATOM   162 N  N   . ASN A 1 22  ? -17.28630 -7.86563  6.74172   1.000 34.64000 ? 22  ASN A N   1 
ATOM   163 C  CA  . ASN A 1 22  ? -17.99189 -6.64184  7.08331   1.000 35.39000 ? 22  ASN A CA  1 
ATOM   164 C  C   . ASN A 1 22  ? -17.07935 -5.44878  6.85389   1.000 31.99000 ? 22  ASN A C   1 
ATOM   165 O  O   . ASN A 1 22  ? -15.86992 -5.58677  6.64947   1.000 31.05000 ? 22  ASN A O   1 
ATOM   166 C  CB  . ASN A 1 22  ? -18.47797 -6.66332  8.53495   1.000 36.43000 ? 22  ASN A CB  1 
ATOM   167 C  CG  . ASN A 1 22  ? -17.35756 -6.92593  9.51230   1.000 38.62000 ? 22  ASN A CG  1 
ATOM   168 O  OD1 . ASN A 1 22  ? -16.49713 -6.06790  9.74076   1.000 35.96000 ? 22  ASN A OD1 1 
ATOM   169 N  ND2 . ASN A 1 22  ? -17.35837 -8.11918  10.10153  1.000 42.02000 ? 22  ASN A ND2 1 
ATOM   170 N  N   . ALA A 1 23  ? -17.67799 -4.26016  6.92468   1.000 30.98000 ? 23  ALA A N   1 
ATOM   171 C  CA  . ALA A 1 23  ? -16.94991 -3.03469  6.62687   1.000 31.31000 ? 23  ALA A CA  1 
ATOM   172 C  C   . ALA A 1 23  ? -15.91372 -2.71093  7.69251   1.000 29.34000 ? 23  ALA A C   1 
ATOM   173 O  O   . ALA A 1 23  ? -14.87263 -2.12744  7.37618   1.000 28.00000 ? 23  ALA A O   1 
ATOM   174 C  CB  . ALA A 1 23  ? -17.92928 -1.87640  6.46411   1.000 26.69000 ? 23  ALA A CB  1 
ATOM   175 N  N   . ALA A 1 24  ? -16.16907 -3.07643  8.95200   1.000 28.82000 ? 24  ALA A N   1 
ATOM   176 C  CA  . ALA A 1 24  ? -15.20560 -2.77741  10.00818  1.000 29.45000 ? 24  ALA A CA  1 
ATOM   177 C  C   . ALA A 1 24  ? -13.89629 -3.52610  9.79022   1.000 28.51000 ? 24  ALA A C   1 
ATOM   178 O  O   . ALA A 1 24  ? -12.81373 -2.96198  9.98278   1.000 27.97000 ? 24  ALA A O   1 
ATOM   179 C  CB  . ALA A 1 24  ? -15.79522 -3.11976  11.37714  1.000 31.06000 ? 24  ALA A CB  1 
ATOM   180 N  N   . GLN A 1 25  ? -13.97792 -4.79738  9.38698   1.000 31.41000 ? 25  GLN A N   1 
ATOM   181 C  CA  . GLN A 1 25  ? -12.77394 -5.58277  9.12587   1.000 30.45000 ? 25  GLN A CA  1 
ATOM   182 C  C   . GLN A 1 25  ? -11.98259 -5.01306  7.95643   1.000 27.81000 ? 25  GLN A C   1 
ATOM   183 O  O   . GLN A 1 25  ? -10.74854 -4.98143  7.99218   1.000 25.76000 ? 25  GLN A O   1 
ATOM   184 C  CB  . GLN A 1 25  ? -13.14849 -7.03496  8.84249   1.000 31.25000 ? 25  GLN A CB  1 
ATOM   185 C  CG  . GLN A 1 25  ? -13.74247 -7.77031  10.03578  1.000 34.49000 ? 25  GLN A CG  1 
ATOM   186 C  CD  . GLN A 1 25  ? -14.47941 -9.02970  9.62729   1.000 38.66000 ? 25  GLN A CD  1 
ATOM   187 O  OE1 . GLN A 1 25  ? -14.69977 -9.27791  8.44159   1.000 42.26000 ? 25  GLN A OE1 1 
ATOM   188 N  NE2 . GLN A 1 25  ? -14.87056 -9.83195  10.61011  1.000 42.44000 ? 25  GLN A NE2 1 
ATOM   189 N  N   . VAL A 1 26  ? -12.67959 -4.59859  6.89665   1.000 26.74000 ? 26  VAL A N   1 
ATOM   190 C  CA  . VAL A 1 26  ? -12.01775 -3.98176  5.74977   1.000 24.44000 ? 26  VAL A CA  1 
ATOM   191 C  C   . VAL A 1 26  ? -11.37370 -2.66350  6.15552   1.000 23.34000 ? 26  VAL A C   1 
ATOM   192 O  O   . VAL A 1 26  ? -10.21628 -2.38521  5.82313   1.000 21.24000 ? 26  VAL A O   1 
ATOM   193 C  CB  . VAL A 1 26  ? -13.02267 -3.78003  4.60246   1.000 24.73000 ? 26  VAL A CB  1 
ATOM   194 C  CG1 . VAL A 1 26  ? -12.41310 -2.96426  3.46868   1.000 21.06000 ? 26  VAL A CG1 1 
ATOM   195 C  CG2 . VAL A 1 26  ? -13.54316 -5.11696  4.09719   1.000 27.45000 ? 26  VAL A CG2 1 
ATOM   196 N  N   . LYS A 1 27  ? -12.13412 -1.81092  6.84979   1.000 24.10000 ? 27  LYS A N   1 
ATOM   197 C  CA  . LYS A 1 27  ? -11.60427 -0.51954  7.27470   1.000 22.48000 ? 27  LYS A CA  1 
ATOM   198 C  C   . LYS A 1 27  ? -10.36111 -0.68431  8.14004   1.000 23.10000 ? 27  LYS A C   1 
ATOM   199 O  O   . LYS A 1 27  ? -9.35302  0.00787   7.93794   1.000 22.47000 ? 27  LYS A O   1 
ATOM   200 C  CB  . LYS A 1 27  ? -12.68804 0.25771   8.02884   1.000 23.57000 ? 27  LYS A CB  1 
ATOM   201 C  CG  . LYS A 1 27  ? -12.18649 1.52276   8.69237   1.000 22.10000 ? 27  LYS A CG  1 
ATOM   202 C  CD  . LYS A 1 27  ? -13.33035 2.27769   9.38140   1.000 24.33000 ? 27  LYS A CD  1 
ATOM   203 C  CE  . LYS A 1 27  ? -12.90305 3.69223   9.74090   1.000 24.39000 ? 27  LYS A CE  1 
ATOM   204 N  NZ  . LYS A 1 27  ? -14.06068 4.55946   10.12794  1.000 27.07000 ? 27  LYS A NZ  1 
ATOM   205 N  N   . ASP A 1 28  ? -10.40241 -1.61956  9.09385   1.000 23.50000 ? 28  ASP A N   1 
ATOM   206 C  CA  . ASP A 1 28  ? -9.26036  -1.83544  9.97633   1.000 23.77000 ? 28  ASP A CA  1 
ATOM   207 C  C   . ASP A 1 28  ? -8.01464  -2.24808  9.19253   1.000 23.23000 ? 28  ASP A C   1 
ATOM   208 O  O   . ASP A 1 28  ? -6.91797  -1.71746  9.42751   1.000 23.39000 ? 28  ASP A O   1 
ATOM   209 C  CB  . ASP A 1 28  ? -9.61223  -2.89182  11.02091  1.000 28.97000 ? 28  ASP A CB  1 
ATOM   210 C  CG  . ASP A 1 28  ? -8.42217  -3.29898  11.85862  1.000 34.67000 ? 28  ASP A CG  1 
ATOM   211 O  OD1 . ASP A 1 28  ? -7.95681  -2.46844  12.67134  1.000 38.62000 ? 28  ASP A OD1 1 
ATOM   212 O  OD2 . ASP A 1 28  ? -7.94751  -4.44620  11.69684  1.000 35.38000 ? 28  ASP A OD2 1 
ATOM   213 N  N   . ALA A 1 29  ? -8.17112  -3.17368  8.24436   1.000 22.38000 ? 29  ALA A N   1 
ATOM   214 C  CA  . ALA A 1 29  ? -7.02091  -3.62789  7.46064   1.000 21.54000 ? 29  ALA A CA  1 
ATOM   215 C  C   . ALA A 1 29  ? -6.46664  -2.51289  6.57996   1.000 21.02000 ? 29  ALA A C   1 
ATOM   216 O  O   . ALA A 1 29  ? -5.24785  -2.35163  6.47302   1.000 21.50000 ? 29  ALA A O   1 
ATOM   217 C  CB  . ALA A 1 29  ? -7.40886  -4.83101  6.60872   1.000 22.08000 ? 29  ALA A CB  1 
ATOM   218 N  N   . LEU A 1 30  ? -7.34543  -1.73855  5.93333   1.000 21.46000 ? 30  LEU A N   1 
ATOM   219 C  CA  . LEU A 1 30  ? -6.87401  -0.62436  5.11364   1.000 18.98000 ? 30  LEU A CA  1 
ATOM   220 C  C   . LEU A 1 30  ? -6.14456  0.41435   5.95968   1.000 21.56000 ? 30  LEU A C   1 
ATOM   221 O  O   . LEU A 1 30  ? -5.13307  0.98056   5.52506   1.000 20.07000 ? 30  LEU A O   1 
ATOM   222 C  CB  . LEU A 1 30  ? -8.05313  0.02066   4.36891   1.000 19.04000 ? 30  LEU A CB  1 
ATOM   223 C  CG  . LEU A 1 30  ? -8.68601  -0.76156  3.21792   1.000 18.21000 ? 30  LEU A CG  1 
ATOM   224 C  CD1 . LEU A 1 30  ? -10.09341 -0.27001  2.89853   1.000 20.45000 ? 30  LEU A CD1 1 
ATOM   225 C  CD2 . LEU A 1 30  ? -7.80799  -0.70187  1.95657   1.000 19.27000 ? 30  LEU A CD2 1 
ATOM   226 N  N   . THR A 1 31  ? -6.65538  0.69891   7.16715   1.000 20.69000 ? 31  THR A N   1 
ATOM   227 C  CA  . THR A 1 31  ? -5.99227  1.67849   8.02319   1.000 23.37000 ? 31  THR A CA  1 
ATOM   228 C  C   . THR A 1 31  ? -4.56477  1.24375   8.34321   1.000 20.87000 ? 31  THR A C   1 
ATOM   229 O  O   . THR A 1 31  ? -3.63797  2.06126   8.31936   1.000 21.42000 ? 31  THR A O   1 
ATOM   230 C  CB  . THR A 1 31  ? -6.80891  1.88645   9.30338   1.000 23.24000 ? 31  THR A CB  1 
ATOM   231 O  OG1 . THR A 1 31  ? -8.14667  2.25798   8.95298   1.000 24.55000 ? 31  THR A OG1 1 
ATOM   232 C  CG2 . THR A 1 31  ? -6.21039  2.99747   10.16097  1.000 23.99000 ? 31  THR A CG2 1 
ATOM   233 N  N   . LYS A 1 32  ? -4.36796  -0.04872  8.60740   1.000 20.74000 ? 32  LYS A N   1 
ATOM   234 C  CA  . LYS A 1 32  ? -3.02723  -0.55802  8.89108   1.000 22.69000 ? 32  LYS A CA  1 
ATOM   235 C  C   . LYS A 1 32  ? -2.13065  -0.51711  7.65792   1.000 20.51000 ? 32  LYS A C   1 
ATOM   236 O  O   . LYS A 1 32  ? -0.92769  -0.26157  7.77720   1.000 22.71000 ? 32  LYS A O   1 
ATOM   237 C  CB  . LYS A 1 32  ? -3.11586  -1.97773  9.44012   1.000 26.04000 ? 32  LYS A CB  1 
ATOM   238 C  CG  . LYS A 1 32  ? -3.88297  -2.05114  10.74418  1.000 28.25000 ? 32  LYS A CG  1 
ATOM   239 C  CD  . LYS A 1 32  ? -3.68204  -3.35710  11.46368  1.000 35.24000 ? 32  LYS A CD  1 
ATOM   240 C  CE  . LYS A 1 32  ? -4.84493  -4.29256  11.23975  1.000 38.30000 ? 32  LYS A CE  1 
ATOM   241 N  NZ  . LYS A 1 32  ? -5.17814  -5.05587  12.48222  1.000 40.50000 ? 32  LYS A NZ  1 
ATOM   242 N  N   . MET A 1 33  ? -2.69114  -0.78839  6.47258   1.000 19.92000 ? 33  MET A N   1 
ATOM   243 C  CA  . MET A 1 33  ? -1.91485  -0.68169  5.23867   1.000 20.24000 ? 33  MET A CA  1 
ATOM   244 C  C   . MET A 1 33  ? -1.44432  0.74643   5.00789   1.000 19.91000 ? 33  MET A C   1 
ATOM   245 O  O   . MET A 1 33  ? -0.30919  0.97726   4.57628   1.000 20.30000 ? 33  MET A O   1 
ATOM   246 C  CB  . MET A 1 33  ? -2.74558  -1.14657  4.03740   1.000 17.21000 ? 33  MET A CB  1 
ATOM   247 C  CG  . MET A 1 33  ? -3.12704  -2.61616  4.04896   1.000 20.85000 ? 33  MET A CG  1 
ATOM   248 S  SD  . MET A 1 33  ? -4.02168  -3.14391  2.57833   1.000 18.15000 ? 33  MET A SD  1 
ATOM   249 C  CE  . MET A 1 33  ? -2.71007  -3.01042  1.34804   1.000 20.43000 ? 33  MET A CE  1 
ATOM   250 N  N   . ARG A 1 34  ? -2.31490  1.72143   5.26979   1.000 18.96000 ? 34  ARG A N   1 
ATOM   251 C  CA  . ARG A 1 34  ? -1.94640  3.11553   5.07349   1.000 17.82000 ? 34  ARG A CA  1 
ATOM   252 C  C   . ARG A 1 34  ? -0.71976  3.47172   5.90310   1.000 18.48000 ? 34  ARG A C   1 
ATOM   253 O  O   . ARG A 1 34  ? 0.23035   4.09307   5.40658   1.000 20.32000 ? 34  ARG A O   1 
ATOM   254 C  CB  . ARG A 1 34  ? -3.12942  4.00769   5.44706   1.000 19.53000 ? 34  ARG A CB  1 
ATOM   255 C  CG  . ARG A 1 34  ? -3.05215  5.39270   4.84875   1.000 21.56000 ? 34  ARG A CG  1 
ATOM   256 C  CD  . ARG A 1 34  ? -4.23825  6.23932   5.28821   1.000 20.29000 ? 34  ARG A CD  1 
ATOM   257 N  NE  . ARG A 1 34  ? -4.34469  7.44667   4.48805   1.000 20.58000 ? 34  ARG A NE  1 
ATOM   258 C  CZ  . ARG A 1 34  ? -3.64522  8.55200   4.72345   1.000 23.91000 ? 34  ARG A CZ  1 
ATOM   259 N  NH1 . ARG A 1 34  ? -3.81482  9.60709   3.94384   1.000 25.04000 ? 34  ARG A NH1 1 
ATOM   260 N  NH2 . ARG A 1 34  ? -2.77702  8.59536   5.73808   1.000 25.56000 ? 34  ARG A NH2 1 
ATOM   261 N  N   . ALA A 1 35  ? -0.72017  3.06812   7.17452   1.000 22.75000 ? 35  ALA A N   1 
ATOM   262 C  CA  . ALA A 1 35  ? 0.41235   3.36668   8.04407   1.000 22.63000 ? 35  ALA A CA  1 
ATOM   263 C  C   . ALA A 1 35  ? 1.68204   2.67716   7.56456   1.000 23.09000 ? 35  ALA A C   1 
ATOM   264 O  O   . ALA A 1 35  ? 2.76633   3.27182   7.58283   1.000 25.02000 ? 35  ALA A O   1 
ATOM   265 C  CB  . ALA A 1 35  ? 0.08690   2.94644   9.47782   1.000 26.87000 ? 35  ALA A CB  1 
ATOM   266 N  N   . ALA A 1 36  ? 1.56595   1.41682   7.13880   1.000 20.97000 ? 36  ALA A N   1 
ATOM   267 C  CA  . ALA A 1 36  ? 2.72666   0.68152   6.65496   1.000 21.94000 ? 36  ALA A CA  1 
ATOM   268 C  C   . ALA A 1 36  ? 3.29262   1.31339   5.39055   1.000 20.26000 ? 36  ALA A C   1 
ATOM   269 O  O   . ALA A 1 36  ? 4.51206   1.34672   5.19973   1.000 23.52000 ? 36  ALA A O   1 
ATOM   270 C  CB  . ALA A 1 36  ? 2.35246   -0.77784  6.39721   1.000 22.65000 ? 36  ALA A CB  1 
ATOM   271 N  N   . ALA A 1 37  ? 2.41795   1.81909   4.51507   1.000 20.03000 ? 37  ALA A N   1 
ATOM   272 C  CA  . ALA A 1 37  ? 2.88646   2.47169   3.29510   1.000 21.02000 ? 37  ALA A CA  1 
ATOM   273 C  C   . ALA A 1 37  ? 3.65480   3.75064   3.60857   1.000 20.10000 ? 37  ALA A C   1 
ATOM   274 O  O   . ALA A 1 37  ? 4.71590   4.00463   3.02605   1.000 20.59000 ? 37  ALA A O   1 
ATOM   275 C  CB  . ALA A 1 37  ? 1.69920   2.76582   2.37849   1.000 19.65000 ? 37  ALA A CB  1 
ATOM   276 N  N   . LEU A 1 38  ? 3.13195   4.57241   4.52374   1.000 21.72000 ? 38  LEU A N   1 
ATOM   277 C  CA  . LEU A 1 38  ? 3.82687   5.80962   4.85856   1.000 22.67000 ? 38  LEU A CA  1 
ATOM   278 C  C   . LEU A 1 38  ? 5.13595   5.52361   5.58224   1.000 25.91000 ? 38  LEU A C   1 
ATOM   279 O  O   . LEU A 1 38  ? 6.12184   6.24779   5.39880   1.000 26.69000 ? 38  LEU A O   1 
ATOM   280 C  CB  . LEU A 1 38  ? 2.91725   6.70899   5.69670   1.000 24.40000 ? 38  LEU A CB  1 
ATOM   281 C  CG  . LEU A 1 38  ? 1.76825   7.36060   4.91443   1.000 25.88000 ? 38  LEU A CG  1 
ATOM   282 C  CD1 . LEU A 1 38  ? 0.78232   8.07744   5.84372   1.000 30.68000 ? 38  LEU A CD1 1 
ATOM   283 C  CD2 . LEU A 1 38  ? 2.32191   8.31779   3.85117   1.000 25.58000 ? 38  LEU A CD2 1 
ATOM   284 N  N   . ASP A 1 39  ? 5.17937   4.45141   6.37087   1.000 24.18000 ? 39  ASP A N   1 
ATOM   285 C  CA  . ASP A 1 39  ? 6.43381   4.06900   7.00674   1.000 25.65000 ? 39  ASP A CA  1 
ATOM   286 C  C   . ASP A 1 39  ? 7.44350   3.58241   5.97233   1.000 24.98000 ? 39  ASP A C   1 
ATOM   287 O  O   . ASP A 1 39  ? 8.60830   4.00294   5.97689   1.000 27.68000 ? 39  ASP A O   1 
ATOM   288 C  CB  . ASP A 1 39  ? 6.17082   3.00190   8.06803   1.000 26.03000 ? 39  ASP A CB  1 
ATOM   289 C  CG  . ASP A 1 39  ? 7.29850   2.89824   9.07959   1.000 32.83000 ? 39  ASP A CG  1 
ATOM   290 O  OD1 . ASP A 1 39  ? 7.98528   3.91651   9.31448   1.000 37.83000 ? 39  ASP A OD1 1 
ATOM   291 O  OD2 . ASP A 1 39  ? 7.50473   1.79912   9.63259   1.000 34.42000 ? 39  ASP A OD2 1 
ATOM   292 N  N   . ALA A 1 40  ? 7.00855   2.70963   5.05848   1.000 23.00000 ? 40  ALA A N   1 
ATOM   293 C  CA  . ALA A 1 40  ? 7.90761   2.20631   4.02118   1.000 24.16000 ? 40  ALA A CA  1 
ATOM   294 C  C   . ALA A 1 40  ? 8.44362   3.32791   3.13919   1.000 23.09000 ? 40  ALA A C   1 
ATOM   295 O  O   . ALA A 1 40  ? 9.56974   3.23773   2.63288   1.000 23.30000 ? 40  ALA A O   1 
ATOM   296 C  CB  . ALA A 1 40  ? 7.19084   1.15176   3.17262   1.000 20.96000 ? 40  ALA A CB  1 
ATOM   297 N  N   . GLN A 1 41  ? 7.65584   4.39082   2.95220   1.000 22.81000 ? 41  GLN A N   1 
ATOM   298 C  CA  . GLN A 1 41  ? 8.05620   5.51934   2.12121   1.000 22.70000 ? 41  GLN A CA  1 
ATOM   299 C  C   . GLN A 1 41  ? 9.32221   6.19422   2.62988   1.000 25.21000 ? 41  GLN A C   1 
ATOM   300 O  O   . GLN A 1 41  ? 9.99243   6.89299   1.86360   1.000 27.05000 ? 41  GLN A O   1 
ATOM   301 C  CB  . GLN A 1 41  ? 6.89715   6.52135   2.05554   1.000 21.19000 ? 41  GLN A CB  1 
ATOM   302 C  CG  . GLN A 1 41  ? 7.10689   7.71968   1.15886   1.000 21.90000 ? 41  GLN A CG  1 
ATOM   303 C  CD  . GLN A 1 41  ? 5.92749   8.66182   1.22393   1.000 23.00000 ? 41  GLN A CD  1 
ATOM   304 O  OE1 . GLN A 1 41  ? 5.52913   9.09981   2.31052   1.000 23.79000 ? 41  GLN A OE1 1 
ATOM   305 N  NE2 . GLN A 1 41  ? 5.33087   8.95052   0.07288   1.000 20.22000 ? 41  GLN A NE2 1 
ATOM   306 N  N   . LYS A 1 42  ? 9.66658   5.99568   3.89858   1.000 24.63000 ? 42  LYS A N   1 
ATOM   307 C  CA  . LYS A 1 42  ? 10.86019  6.58837   4.47873   1.000 28.57000 ? 42  LYS A CA  1 
ATOM   308 C  C   . LYS A 1 42  ? 12.11182  5.76191   4.23280   1.000 27.79000 ? 42  LYS A C   1 
ATOM   309 O  O   . LYS A 1 42  ? 13.20630  6.19683   4.61159   1.000 32.09000 ? 42  LYS A O   1 
ATOM   310 C  CB  . LYS A 1 42  ? 10.65708  6.78882   5.98364   1.000 29.19000 ? 42  LYS A CB  1 
ATOM   311 C  CG  . LYS A 1 42  ? 9.41365   7.57942   6.34444   1.000 31.64000 ? 42  LYS A CG  1 
ATOM   312 C  CD  . LYS A 1 42  ? 9.07424   7.44264   7.82488   1.000 33.11000 ? 42  LYS A CD  1 
ATOM   313 C  CE  . LYS A 1 42  ? 7.84058   8.26040   8.17590   1.000 35.04000 ? 42  LYS A CE  1 
ATOM   314 N  NZ  . LYS A 1 42  ? 7.43077   8.07808   9.60366   1.000 39.75000 ? 42  LYS A NZ  1 
ATOM   315 N  N   . ALA A 1 43  ? 11.98682  4.59935   3.59687   1.000 27.18000 ? 43  ALA A N   1 
ATOM   316 C  CA  . ALA A 1 43  ? 13.08985  3.67427   3.39048   1.000 28.06000 ? 43  ALA A CA  1 
ATOM   317 C  C   . ALA A 1 43  ? 13.67217  3.84235   1.98975   1.000 29.29000 ? 43  ALA A C   1 
ATOM   318 O  O   . ALA A 1 43  ? 13.22354  4.66860   1.19752   1.000 27.83000 ? 43  ALA A O   1 
ATOM   319 C  CB  . ALA A 1 43  ? 12.61674  2.23928   3.62400   1.000 30.23000 ? 43  ALA A CB  1 
ATOM   320 N  N   . THR A 1 44  ? 14.70512  3.06074   1.68419   1.000 29.70000 ? 44  THR A N   1 
ATOM   321 C  CA  . THR A 1 44  ? 15.21447  3.06593   0.32097   1.000 31.61000 ? 44  THR A CA  1 
ATOM   322 C  C   . THR A 1 44  ? 15.21073  1.64914   -0.24175  1.000 32.58000 ? 44  THR A C   1 
ATOM   323 O  O   . THR A 1 44  ? 15.35891  0.67972   0.50668   1.000 37.61000 ? 44  THR A O   1 
ATOM   324 C  CB  . THR A 1 44  ? 16.63459  3.65102   0.21991   1.000 35.31000 ? 44  THR A CB  1 
ATOM   325 O  OG1 . THR A 1 44  ? 17.60584  2.62943   0.48424   1.000 40.26000 ? 44  THR A OG1 1 
ATOM   326 C  CG2 . THR A 1 44  ? 16.81733  4.82093   1.18303   1.000 32.46000 ? 44  THR A CG2 1 
ATOM   327 N  N   . PRO A 1 45  ? 15.02243  1.49161   -1.54724  1.000 31.86000 ? 45  PRO A N   1 
ATOM   328 C  CA  . PRO A 1 45  ? 15.07251  0.15486   -2.14339  1.000 33.37000 ? 45  PRO A CA  1 
ATOM   329 C  C   . PRO A 1 45  ? 16.49701  -0.37834  -2.14561  1.000 38.91000 ? 45  PRO A C   1 
ATOM   330 O  O   . PRO A 1 45  ? 17.42778  0.32489   -2.56209  1.000 37.77000 ? 45  PRO A O   1 
ATOM   331 C  CB  . PRO A 1 45  ? 14.54852  0.38341   -3.56962  1.000 34.37000 ? 45  PRO A CB  1 
ATOM   332 C  CG  . PRO A 1 45  ? 14.83249  1.82395   -3.84392  1.000 29.57000 ? 45  PRO A CG  1 
ATOM   333 C  CD  . PRO A 1 45  ? 14.73568  2.54513   -2.54120  1.000 30.29000 ? 45  PRO A CD  1 
ATOM   334 N  N   . PRO A 1 46  ? 16.70336  -1.61659  -1.68394  1.000 38.52000 ? 46  PRO A N   1 
ATOM   335 C  CA  . PRO A 1 46  ? 18.08732  -2.11271  -1.53328  1.000 41.90000 ? 46  PRO A CA  1 
ATOM   336 C  C   . PRO A 1 46  ? 18.90238  -2.07707  -2.81637  1.000 43.79000 ? 46  PRO A C   1 
ATOM   337 O  O   . PRO A 1 46  ? 20.04352  -1.59199  -2.80698  1.000 43.62000 ? 46  PRO A O   1 
ATOM   338 C  CB  . PRO A 1 46  ? 17.88162  -3.54578  -1.02304  1.000 41.18000 ? 46  PRO A CB  1 
ATOM   339 C  CG  . PRO A 1 46  ? 16.52766  -3.53281  -0.37595  1.000 42.25000 ? 46  PRO A CG  1 
ATOM   340 C  CD  . PRO A 1 46  ? 15.70561  -2.58469  -1.19392  1.000 37.25000 ? 46  PRO A CD  1 
ATOM   341 N  N   . LYS A 1 47  ? 18.34601  -2.56985  -3.92758  1.000 42.19000 ? 47  LYS A N   1 
ATOM   342 C  CA  . LYS A 1 47  ? 19.11007  -2.70035  -5.16384  1.000 42.47000 ? 47  LYS A CA  1 
ATOM   343 C  C   . LYS A 1 47  ? 19.42828  -1.35978  -5.81404  1.000 42.88000 ? 47  LYS A C   1 
ATOM   344 O  O   . LYS A 1 47  ? 20.30823  -1.30770  -6.68048  1.000 43.93000 ? 47  LYS A O   1 
ATOM   345 C  CB  . LYS A 1 47  ? 18.36049  -3.59509  -6.15423  1.000 39.40000 ? 47  LYS A CB  1 
ATOM   346 N  N   . LEU A 1 48  ? 18.75111  -0.28201  -5.42228  1.000 41.20000 ? 48  LEU A N   1 
ATOM   347 C  CA  . LEU A 1 48  ? 19.06877  1.04400   -5.94174  1.000 38.38000 ? 48  LEU A CA  1 
ATOM   348 C  C   . LEU A 1 48  ? 20.39337  1.50337   -5.34322  1.000 41.65000 ? 48  LEU A C   1 
ATOM   349 O  O   . LEU A 1 48  ? 20.47257  1.79489   -4.14643  1.000 41.26000 ? 48  LEU A O   1 
ATOM   350 C  CB  . LEU A 1 48  ? 17.94390  2.02175   -5.61190  1.000 36.48000 ? 48  LEU A CB  1 
ATOM   351 C  CG  . LEU A 1 48  ? 17.83718  3.28615   -6.46137  1.000 36.59000 ? 48  LEU A CG  1 
ATOM   352 C  CD1 . LEU A 1 48  ? 17.69300  2.91610   -7.92545  1.000 38.26000 ? 48  LEU A CD1 1 
ATOM   353 C  CD2 . LEU A 1 48  ? 16.66364  4.15908   -6.00744  1.000 33.19000 ? 48  LEU A CD2 1 
ATOM   354 N  N   . GLU A 1 49  ? 21.44291  1.55011   -6.16642  1.000 39.40000 ? 49  GLU A N   1 
ATOM   355 C  CA  . GLU A 1 49  ? 22.75895  1.91246   -5.64749  1.000 40.29000 ? 49  GLU A CA  1 
ATOM   356 C  C   . GLU A 1 49  ? 22.78692  3.36336   -5.18695  1.000 39.74000 ? 49  GLU A C   1 
ATOM   357 O  O   . GLU A 1 49  ? 23.33627  3.67133   -4.12208  1.000 41.29000 ? 49  GLU A O   1 
ATOM   358 C  CB  . GLU A 1 49  ? 23.83409  1.66096   -6.70730  1.000 40.92000 ? 49  GLU A CB  1 
ATOM   359 C  CG  . GLU A 1 49  ? 24.07534  0.19310   -7.01432  1.000 39.58000 ? 49  GLU A CG  1 
ATOM   360 C  CD  . GLU A 1 49  ? 23.52220  -0.22020  -8.36998  1.000 49.23000 ? 49  GLU A CD  1 
ATOM   361 O  OE1 . GLU A 1 49  ? 22.43567  0.27807   -8.75173  1.000 51.45000 ? 49  GLU A OE1 1 
ATOM   362 O  OE2 . GLU A 1 49  ? 24.17514  -1.04299  -9.05304  1.000 49.79000 ? 49  GLU A OE2 1 
ATOM   363 N  N   . ASP A 1 50  ? 22.18410  4.26013   -5.96510  1.000 37.12000 ? 50  ASP A N   1 
ATOM   364 C  CA  . ASP A 1 50  ? 22.10936  5.68106   -5.63057  1.000 35.10000 ? 50  ASP A CA  1 
ATOM   365 C  C   . ASP A 1 50  ? 20.93430  5.93420   -4.68923  1.000 35.07000 ? 50  ASP A C   1 
ATOM   366 O  O   . ASP A 1 50  ? 19.77446  5.86701   -5.10360  1.000 36.08000 ? 50  ASP A O   1 
ATOM   367 C  CB  . ASP A 1 50  ? 21.96459  6.50545   -6.90319  1.000 34.57000 ? 50  ASP A CB  1 
ATOM   368 C  CG  . ASP A 1 50  ? 22.06865  7.99935   -6.64995  1.000 35.76000 ? 50  ASP A CG  1 
ATOM   369 O  OD1 . ASP A 1 50  ? 22.17979  8.43141   -5.47584  1.000 36.06000 ? 50  ASP A OD1 1 
ATOM   370 O  OD2 . ASP A 1 50  ? 22.03860  8.76164   -7.63505  1.000 40.38000 ? 50  ASP A OD2 1 
ATOM   371 N  N   . LYS A 1 51  ? 21.23176  6.27742   -3.43749  1.000 32.36000 ? 51  LYS A N   1 
ATOM   372 C  CA  . LYS A 1 51  ? 20.21443  6.49193   -2.41676  1.000 31.69000 ? 51  LYS A CA  1 
ATOM   373 C  C   . LYS A 1 51  ? 19.87890  7.96825   -2.19871  1.000 29.72000 ? 51  LYS A C   1 
ATOM   374 O  O   . LYS A 1 51  ? 19.15593  8.29115   -1.25095  1.000 30.08000 ? 51  LYS A O   1 
ATOM   375 C  CB  . LYS A 1 51  ? 20.66465  5.86061   -1.10001  1.000 31.78000 ? 51  LYS A CB  1 
ATOM   376 C  CG  . LYS A 1 51  ? 21.44055  4.56100   -1.25670  1.000 34.80000 ? 51  LYS A CG  1 
ATOM   377 C  CD  . LYS A 1 51  ? 20.53841  3.37375   -1.02727  1.000 38.46000 ? 51  LYS A CD  1 
ATOM   378 C  CE  . LYS A 1 51  ? 21.29235  2.06460   -1.13135  1.000 37.72000 ? 51  LYS A CE  1 
ATOM   379 N  NZ  . LYS A 1 51  ? 20.35351  0.95354   -1.45225  1.000 41.07000 ? 51  LYS A NZ  1 
ATOM   380 N  N   . SER A 1 52  ? 20.37295  8.86144   -3.05456  1.000 27.52000 ? 52  SER A N   1 
ATOM   381 C  CA  . SER A 1 52  ? 20.18532  10.29457  -2.85259  1.000 28.62000 ? 52  SER A CA  1 
ATOM   382 C  C   . SER A 1 52  ? 18.69795  10.65025  -2.83255  1.000 28.83000 ? 52  SER A C   1 
ATOM   383 O  O   . SER A 1 52  ? 17.98098  10.33046  -3.78784  1.000 27.89000 ? 52  SER A O   1 
ATOM   384 C  CB  . SER A 1 52  ? 20.89287  11.06263  -3.97042  1.000 29.86000 ? 52  SER A CB  1 
ATOM   385 O  OG  . SER A 1 52  ? 20.75028  12.45225  -3.78441  1.000 34.34000 ? 52  SER A OG  1 
ATOM   386 N  N   . PRO A 1 53  ? 18.19922  11.32729  -1.79111  1.000 27.48000 ? 53  PRO A N   1 
ATOM   387 C  CA  . PRO A 1 53  ? 16.75918  11.63441  -1.75163  1.000 27.47000 ? 53  PRO A CA  1 
ATOM   388 C  C   . PRO A 1 53  ? 16.30094  12.50551  -2.90528  1.000 30.47000 ? 53  PRO A C   1 
ATOM   389 O  O   . PRO A 1 53  ? 15.14929  12.38237  -3.33681  1.000 28.00000 ? 53  PRO A O   1 
ATOM   390 C  CB  . PRO A 1 53  ? 16.58057  12.35224  -0.40462  1.000 30.94000 ? 53  PRO A CB  1 
ATOM   391 C  CG  . PRO A 1 53  ? 17.84522  12.11271  0.35753   1.000 32.63000 ? 53  PRO A CG  1 
ATOM   392 C  CD  . PRO A 1 53  ? 18.92077  11.89796  -0.64104  1.000 31.77000 ? 53  PRO A CD  1 
ATOM   393 N  N   . ASP A 1 54  ? 17.16784  13.37854  -3.42376  1.000 31.23000 ? 54  ASP A N   1 
ATOM   394 C  CA  . ASP A 1 54  ? 16.80626  14.25615  -4.53078  1.000 34.85000 ? 54  ASP A CA  1 
ATOM   395 C  C   . ASP A 1 54  ? 16.86968  13.56341  -5.88703  1.000 30.35000 ? 54  ASP A C   1 
ATOM   396 O  O   . ASP A 1 54  ? 16.40947  14.14298  -6.87681  1.000 32.26000 ? 54  ASP A O   1 
ATOM   397 C  CB  . ASP A 1 54  ? 17.72735  15.48448  -4.56700  1.000 38.40000 ? 54  ASP A CB  1 
ATOM   398 C  CG  . ASP A 1 54  ? 17.31683  16.56478  -3.58167  1.000 41.61000 ? 54  ASP A CG  1 
ATOM   399 O  OD1 . ASP A 1 54  ? 16.23912  16.44392  -2.95796  1.000 40.93000 ? 54  ASP A OD1 1 
ATOM   400 O  OD2 . ASP A 1 54  ? 18.07653  17.54779  -3.43896  1.000 44.90000 ? 54  ASP A OD2 1 
ATOM   401 N  N   . SER A 1 55  ? 17.43426  12.36297  -5.96173  1.000 25.27000 ? 55  SER A N   1 
ATOM   402 C  CA  . SER A 1 55  ? 17.60898  11.70560  -7.24425  1.000 25.06000 ? 55  SER A CA  1 
ATOM   403 C  C   . SER A 1 55  ? 16.24728  11.35018  -7.83856  1.000 26.62000 ? 55  SER A C   1 
ATOM   404 O  O   . SER A 1 55  ? 15.27674  11.12242  -7.10346  1.000 24.81000 ? 55  SER A O   1 
ATOM   405 C  CB  . SER A 1 55  ? 18.47688  10.45402  -7.10773  1.000 26.29000 ? 55  SER A CB  1 
ATOM   406 O  OG  . SER A 1 55  ? 17.84596  9.41183   -6.37619  1.000 27.47000 ? 55  SER A OG  1 
ATOM   407 N  N   . PRO A 1 56  ? 16.13555  11.36132  -9.16795  1.000 25.08000 ? 56  PRO A N   1 
ATOM   408 C  CA  . PRO A 1 56  ? 14.83028  11.07724  -9.78733  1.000 24.23000 ? 56  PRO A CA  1 
ATOM   409 C  C   . PRO A 1 56  ? 14.21888  9.76204   -9.33212  1.000 23.21000 ? 56  PRO A C   1 
ATOM   410 O  O   . PRO A 1 56  ? 12.99171  9.68361   -9.15393  1.000 21.94000 ? 56  PRO A O   1 
ATOM   411 C  CB  . PRO A 1 56  ? 15.16073  11.06740  -11.28627 1.000 27.26000 ? 56  PRO A CB  1 
ATOM   412 C  CG  . PRO A 1 56  ? 16.32025  12.02487  -11.41419 1.000 27.67000 ? 56  PRO A CG  1 
ATOM   413 C  CD  . PRO A 1 56  ? 17.13555  11.81971  -10.15460 1.000 25.75000 ? 56  PRO A CD  1 
ATOM   414 N  N   . GLU A 1 57  ? 15.03188  8.72408   -9.12987  1.000 24.12000 ? 57  GLU A N   1 
ATOM   415 C  CA  . GLU A 1 57  ? 14.45294  7.42415   -8.80859  1.000 23.61000 ? 57  GLU A CA  1 
ATOM   416 C  C   . GLU A 1 57  ? 14.04627  7.32401   -7.34454  1.000 24.54000 ? 57  GLU A C   1 
ATOM   417 O  O   . GLU A 1 57  ? 13.13181  6.55690   -7.01183  1.000 21.06000 ? 57  GLU A O   1 
ATOM   418 C  CB  . GLU A 1 57  ? 15.41388  6.29240   -9.18790  1.000 23.42000 ? 57  GLU A CB  1 
ATOM   419 C  CG  . GLU A 1 57  ? 15.50141  5.99796   -10.70199 1.000 24.16000 ? 57  GLU A CG  1 
ATOM   420 C  CD  . GLU A 1 57  ? 14.21031  5.43514   -11.29899 1.000 23.55000 ? 57  GLU A CD  1 
ATOM   421 O  OE1 . GLU A 1 57  ? 13.14602  5.59529   -10.67732 1.000 22.28000 ? 57  GLU A OE1 1 
ATOM   422 O  OE2 . GLU A 1 57  ? 14.25666  4.84534   -12.39310 1.000 24.26000 ? 57  GLU A OE2 1 
ATOM   423 N  N   . MET A 1 58  ? 14.66876  8.10575   -6.45803  1.000 23.36000 ? 58  MET A N   1 
ATOM   424 C  CA  . MET A 1 58  ? 14.14790  8.16307   -5.09785  1.000 22.93000 ? 58  MET A CA  1 
ATOM   425 C  C   . MET A 1 58  ? 12.87220  8.99156   -5.05040  1.000 22.14000 ? 58  MET A C   1 
ATOM   426 O  O   . MET A 1 58  ? 11.93940  8.66473   -4.30639  1.000 21.04000 ? 58  MET A O   1 
ATOM   427 C  CB  . MET A 1 58  ? 15.20192  8.71108   -4.13334  1.000 24.38000 ? 58  MET A CB  1 
ATOM   428 C  CG  . MET A 1 58  ? 16.23579  7.66766   -3.70758  1.000 27.48000 ? 58  MET A CG  1 
ATOM   429 S  SD  . MET A 1 58  ? 15.53288  6.13302   -3.05084  1.000 27.38000 ? 58  MET A SD  1 
ATOM   430 C  CE  . MET A 1 58  ? 14.61005  6.76236   -1.66389  1.000 26.44000 ? 58  MET A CE  1 
ATOM   431 N  N   . TRP A 1 59  ? 12.79611  10.05557  -5.85235  1.000 20.62000 ? 59  TRP A N   1 
ATOM   432 C  CA  . TRP A 1 59  ? 11.51689  10.73521  -6.00989  1.000 22.32000 ? 59  TRP A CA  1 
ATOM   433 C  C   . TRP A 1 59  ? 10.44820  9.75478   -6.47346  1.000 19.23000 ? 59  TRP A C   1 
ATOM   434 O  O   . TRP A 1 59  ? 9.34028   9.73123   -5.92353  1.000 19.54000 ? 59  TRP A O   1 
ATOM   435 C  CB  . TRP A 1 59  ? 11.63685  11.89854  -6.99373  1.000 24.29000 ? 59  TRP A CB  1 
ATOM   436 C  CG  . TRP A 1 59  ? 10.35420  12.62735  -7.15453  1.000 22.27000 ? 59  TRP A CG  1 
ATOM   437 C  CD1 . TRP A 1 59  ? 9.92918   13.70464  -6.43548  1.000 22.90000 ? 59  TRP A CD1 1 
ATOM   438 C  CD2 . TRP A 1 59  ? 9.29765   12.32014  -8.07703  1.000 19.42000 ? 59  TRP A CD2 1 
ATOM   439 N  NE1 . TRP A 1 59  ? 8.68053   14.09017  -6.85430  1.000 25.18000 ? 59  TRP A NE1 1 
ATOM   440 C  CE2 . TRP A 1 59  ? 8.27387   13.26026  -7.86576  1.000 21.75000 ? 59  TRP A CE2 1 
ATOM   441 C  CE3 . TRP A 1 59  ? 9.13058   11.34989  -9.07094  1.000 21.38000 ? 59  TRP A CE3 1 
ATOM   442 C  CZ2 . TRP A 1 59  ? 7.08606   13.25041  -8.59187  1.000 23.02000 ? 59  TRP A CZ2 1 
ATOM   443 C  CZ3 . TRP A 1 59  ? 7.95147   11.34725  -9.79564  1.000 19.13000 ? 59  TRP A CZ3 1 
ATOM   444 C  CH2 . TRP A 1 59  ? 6.94835   12.28934  -9.55371  1.000 20.25000 ? 59  TRP A CH2 1 
ATOM   445 N  N   . HIS A 1 60  ? 10.78378  8.90719   -7.45456  1.000 19.60000 ? 60  HIS A N   1 
ATOM   446 C  CA  . HIS A 1 60  ? 9.80360   7.95969   -7.98254  1.000 19.42000 ? 60  HIS A CA  1 
ATOM   447 C  C   . HIS A 1 60  ? 9.39861   6.94396   -6.92240  1.000 18.09000 ? 60  HIS A C   1 
ATOM   448 O  O   . HIS A 1 60  ? 8.21703   6.59002   -6.80358  1.000 17.51000 ? 60  HIS A O   1 
ATOM   449 C  CB  . HIS A 1 60  ? 10.37687  7.26641   -9.21779  1.000 18.84000 ? 60  HIS A CB  1 
ATOM   450 C  CG  . HIS A 1 60  ? 9.37917   6.45960   -9.97932  1.000 18.91000 ? 60  HIS A CG  1 
ATOM   451 N  ND1 . HIS A 1 60  ? 9.73976   5.41517   -10.80285 1.000 17.91000 ? 60  HIS A ND1 1 
ATOM   452 C  CD2 . HIS A 1 60  ? 8.03415   6.54792   -10.05102 1.000 18.74000 ? 60  HIS A CD2 1 
ATOM   453 C  CE1 . HIS A 1 60  ? 8.65791   4.88117   -11.33571 1.000 19.17000 ? 60  HIS A CE1 1 
ATOM   454 N  NE2 . HIS A 1 60  ? 7.60907   5.55773   -10.90303 1.000 16.94000 ? 60  HIS A NE2 1 
ATOM   455 N  N   . PHE A 1 61  ? 10.36432  6.48828   -6.12801  1.000 18.01000 ? 61  PHE A N   1 
ATOM   456 C  CA  . PHE A 1 61  ? 10.07171  5.52110   -5.07403  1.000 19.15000 ? 61  PHE A CA  1 
ATOM   457 C  C   . PHE A 1 61  ? 9.08483   6.09797   -4.06143  1.000 18.50000 ? 61  PHE A C   1 
ATOM   458 O  O   . PHE A 1 61  ? 8.05241   5.48241   -3.75226  1.000 18.67000 ? 61  PHE A O   1 
ATOM   459 C  CB  . PHE A 1 61  ? 11.39361  5.10432   -4.41802  1.000 18.93000 ? 61  PHE A CB  1 
ATOM   460 C  CG  . PHE A 1 61  ? 11.25330  4.05060   -3.36498  1.000 19.10000 ? 61  PHE A CG  1 
ATOM   461 C  CD1 . PHE A 1 61  ? 11.10396  2.71024   -3.71312  1.000 19.90000 ? 61  PHE A CD1 1 
ATOM   462 C  CD2 . PHE A 1 61  ? 11.29855  4.39250   -2.02800  1.000 19.94000 ? 61  PHE A CD2 1 
ATOM   463 C  CE1 . PHE A 1 61  ? 10.98271  1.73997   -2.73660  1.000 19.42000 ? 61  PHE A CE1 1 
ATOM   464 C  CE2 . PHE A 1 61  ? 11.19569  3.41515   -1.04934  1.000 22.55000 ? 61  PHE A CE2 1 
ATOM   465 C  CZ  . PHE A 1 61  ? 11.03788  2.09677   -1.40988  1.000 20.55000 ? 61  PHE A CZ  1 
ATOM   466 N  N   . ARG A 1 62  ? 9.36720   7.29603   -3.54940  1.000 18.88000 ? 62  ARG A N   1 
ATOM   467 C  CA  . ARG A 1 62  ? 8.45195   7.90662   -2.59733  1.000 19.50000 ? 62  ARG A CA  1 
ATOM   468 C  C   . ARG A 1 62  ? 7.11020   8.20049   -3.25038  1.000 17.50000 ? 62  ARG A C   1 
ATOM   469 O  O   . ARG A 1 62  ? 6.05717   8.04134   -2.62668  1.000 18.91000 ? 62  ARG A O   1 
ATOM   470 C  CB  . ARG A 1 62  ? 9.05950   9.18934   -2.01968  1.000 21.54000 ? 62  ARG A CB  1 
ATOM   471 C  CG  . ARG A 1 62  ? 10.38475  8.99579   -1.28776  1.000 24.79000 ? 62  ARG A CG  1 
ATOM   472 C  CD  . ARG A 1 62  ? 10.74512  10.27285  -0.50946  1.000 25.35000 ? 62  ARG A CD  1 
ATOM   473 N  NE  . ARG A 1 62  ? 10.79784  11.44033  -1.38605  1.000 26.20000 ? 62  ARG A NE  1 
ATOM   474 C  CZ  . ARG A 1 62  ? 11.87342  11.81840  -2.07591  1.000 26.66000 ? 62  ARG A CZ  1 
ATOM   475 N  NH1 . ARG A 1 62  ? 13.00655  11.13748  -1.97665  1.000 26.68000 ? 62  ARG A NH1 1 
ATOM   476 N  NH2 . ARG A 1 62  ? 11.81212  12.88795  -2.86072  1.000 26.36000 ? 62  ARG A NH2 1 
ATOM   477 N  N   . HIS A 1 63  ? 7.12817   8.61345   -4.52057  1.000 17.81000 ? 63  HIS A N   1 
ATOM   478 C  CA  . HIS A 1 63  ? 5.88481   8.95082   -5.21814  1.000 16.55000 ? 63  HIS A CA  1 
ATOM   479 C  C   . HIS A 1 63  ? 4.96692   7.73400   -5.33003  1.000 17.14000 ? 63  HIS A C   1 
ATOM   480 O  O   . HIS A 1 63  ? 3.73863   7.85370   -5.21483  1.000 17.13000 ? 63  HIS A O   1 
ATOM   481 C  CB  . HIS A 1 63  ? 6.24877   9.50112   -6.59098  1.000 18.45000 ? 63  HIS A CB  1 
ATOM   482 C  CG  . HIS A 1 63  ? 5.09575   9.97728   -7.42028  1.000 16.88000 ? 63  HIS A CG  1 
ATOM   483 N  ND1 . HIS A 1 63  ? 4.19311   10.93257  -6.99424  1.000 18.59000 ? 63  HIS A ND1 1 
ATOM   484 C  CD2 . HIS A 1 63  ? 4.75218   9.67616   -8.69432  1.000 19.03000 ? 63  HIS A CD2 1 
ATOM   485 C  CE1 . HIS A 1 63  ? 3.32709   11.17264  -7.96319  1.000 20.25000 ? 63  HIS A CE1 1 
ATOM   486 N  NE2 . HIS A 1 63  ? 3.64471   10.42528  -9.00363  1.000 18.38000 ? 63  HIS A NE2 1 
ATOM   487 N  N   . GLY A 1 64  ? 5.55200   6.55850   -5.55508  1.000 17.43000 ? 64  GLY A N   1 
ATOM   488 C  CA  . GLY A 1 64  ? 4.76156   5.33348   -5.62063  1.000 17.18000 ? 64  GLY A CA  1 
ATOM   489 C  C   . GLY A 1 64  ? 3.95563   5.06410   -4.36219  1.000 17.13000 ? 64  GLY A C   1 
ATOM   490 O  O   . GLY A 1 64  ? 2.83182   4.55911   -4.42876  1.000 17.21000 ? 64  GLY A O   1 
ATOM   491 N  N   . PHE A 1 65  ? 4.50303   5.41348   -3.19779  1.000 15.73000 ? 65  PHE A N   1 
ATOM   492 C  CA  . PHE A 1 65  ? 3.74086   5.24340   -1.96690  1.000 16.84000 ? 65  PHE A CA  1 
ATOM   493 C  C   . PHE A 1 65  ? 2.65435   6.29982   -1.83474  1.000 16.67000 ? 65  PHE A C   1 
ATOM   494 O  O   . PHE A 1 65  ? 1.58215   6.00728   -1.29051  1.000 17.68000 ? 65  PHE A O   1 
ATOM   495 C  CB  . PHE A 1 65  ? 4.67732   5.25564   -0.75109  1.000 18.47000 ? 65  PHE A CB  1 
ATOM   496 C  CG  . PHE A 1 65  ? 5.51520   4.03320   -0.63520  1.000 19.52000 ? 65  PHE A CG  1 
ATOM   497 C  CD1 . PHE A 1 65  ? 4.94976   2.81679   -0.28645  1.000 19.50000 ? 65  PHE A CD1 1 
ATOM   498 C  CD2 . PHE A 1 65  ? 6.88317   4.08610   -0.88154  1.000 17.08000 ? 65  PHE A CD2 1 
ATOM   499 C  CE1 . PHE A 1 65  ? 5.73540   1.66457   -0.19450  1.000 19.29000 ? 65  PHE A CE1 1 
ATOM   500 C  CE2 . PHE A 1 65  ? 7.66620   2.95368   -0.77385  1.000 18.10000 ? 65  PHE A CE2 1 
ATOM   501 C  CZ  . PHE A 1 65  ? 7.09667   1.73994   -0.41542  1.000 19.11000 ? 65  PHE A CZ  1 
ATOM   502 N  N   . ASP A 1 66  ? 2.87789   7.51204   -2.35751  1.000 16.82000 ? 66  ASP A N   1 
ATOM   503 C  CA  . ASP A 1 66  ? 1.78913   8.48363   -2.36787  1.000 17.89000 ? 66  ASP A CA  1 
ATOM   504 C  C   . ASP A 1 66  ? 0.63064   7.97655   -3.20787  1.000 18.19000 ? 66  ASP A C   1 
ATOM   505 O  O   . ASP A 1 66  ? -0.53309  8.12277   -2.81777  1.000 18.15000 ? 66  ASP A O   1 
ATOM   506 C  CB  . ASP A 1 66  ? 2.26906   9.84584   -2.87196  1.000 17.97000 ? 66  ASP A CB  1 
ATOM   507 C  CG  . ASP A 1 66  ? 3.08179   10.58398  -1.83402  1.000 19.99000 ? 66  ASP A CG  1 
ATOM   508 O  OD1 . ASP A 1 66  ? 2.84515   10.36663  -0.62957  1.000 21.97000 ? 66  ASP A OD1 1 
ATOM   509 O  OD2 . ASP A 1 66  ? 3.97901   11.36026  -2.22947  1.000 23.66000 ? 66  ASP A OD2 1 
ATOM   510 N  N   . ILE A 1 67  ? 0.93310   7.34871   -4.35141  1.000 17.63000 ? 67  ILE A N   1 
ATOM   511 C  CA  . ILE A 1 67  ? -0.13211  6.79870   -5.19177  1.000 15.42000 ? 67  ILE A CA  1 
ATOM   512 C  C   . ILE A 1 67  ? -0.86546  5.68220   -4.45052  1.000 14.96000 ? 67  ILE A C   1 
ATOM   513 O  O   . ILE A 1 67  ? -2.10262  5.62544   -4.44691  1.000 16.70000 ? 67  ILE A O   1 
ATOM   514 C  CB  . ILE A 1 67  ? 0.43755   6.32095   -6.53943  1.000 15.45000 ? 67  ILE A CB  1 
ATOM   515 C  CG1 . ILE A 1 67  ? 0.94300   7.51390   -7.35467  1.000 19.68000 ? 67  ILE A CG1 1 
ATOM   516 C  CG2 . ILE A 1 67  ? -0.58662  5.51880   -7.30425  1.000 16.56000 ? 67  ILE A CG2 1 
ATOM   517 C  CD1 . ILE A 1 67  ? 1.75749   7.09577   -8.59229  1.000 18.31000 ? 67  ILE A CD1 1 
ATOM   518 N  N   . LEU A 1 68  ? -0.11164  4.78876   -3.80098  1.000 16.84000 ? 68  LEU A N   1 
ATOM   519 C  CA  . LEU A 1 68  ? -0.71719  3.69084   -3.04855  1.000 15.76000 ? 68  LEU A CA  1 
ATOM   520 C  C   . LEU A 1 68  ? -1.59116  4.20684   -1.91221  1.000 16.97000 ? 68  LEU A C   1 
ATOM   521 O  O   . LEU A 1 68  ? -2.69809  3.69776   -1.69537  1.000 16.28000 ? 68  LEU A O   1 
ATOM   522 C  CB  . LEU A 1 68  ? 0.38533   2.76748   -2.51245  1.000 15.81000 ? 68  LEU A CB  1 
ATOM   523 C  CG  . LEU A 1 68  ? -0.12944  1.51454   -1.80663  1.000 16.45000 ? 68  LEU A CG  1 
ATOM   524 C  CD1 . LEU A 1 68  ? -0.66652  0.55069   -2.85578  1.000 20.18000 ? 68  LEU A CD1 1 
ATOM   525 C  CD2 . LEU A 1 68  ? 0.97416   0.85917   -0.98689  1.000 17.36000 ? 68  LEU A CD2 1 
ATOM   526 N  N   . VAL A 1 69  ? -1.11413  5.21664   -1.17909  1.000 16.16000 ? 69  VAL A N   1 
ATOM   527 C  CA  . VAL A 1 69  ? -1.92287  5.79897   -0.10788  1.000 15.98000 ? 69  VAL A CA  1 
ATOM   528 C  C   . VAL A 1 69  ? -3.20674  6.37820   -0.67287  1.000 17.00000 ? 69  VAL A C   1 
ATOM   529 O  O   . VAL A 1 69  ? -4.28484  6.22199   -0.08132  1.000 17.74000 ? 69  VAL A O   1 
ATOM   530 C  CB  . VAL A 1 69  ? -1.10765  6.85637   0.66227   1.000 16.66000 ? 69  VAL A CB  1 
ATOM   531 C  CG1 . VAL A 1 69  ? -2.03631  7.73181   1.51973   1.000 17.06000 ? 69  VAL A CG1 1 
ATOM   532 C  CG2 . VAL A 1 69  ? -0.07022  6.18988   1.53128   1.000 20.57000 ? 69  VAL A CG2 1 
ATOM   533 N  N   . GLY A 1 70  ? -3.12134  7.03193   -1.83605  1.000 16.14000 ? 70  GLY A N   1 
ATOM   534 C  CA  . GLY A 1 70  ? -4.32313  7.59207   -2.43587  1.000 18.65000 ? 70  GLY A CA  1 
ATOM   535 C  C   . GLY A 1 70  ? -5.33009  6.51958   -2.80081  1.000 17.24000 ? 70  GLY A C   1 
ATOM   536 O  O   . GLY A 1 70  ? -6.53969  6.69123   -2.61331  1.000 18.67000 ? 70  GLY A O   1 
ATOM   537 N  N   . GLN A 1 71  ? -4.84299  5.36896   -3.27705  1.000 16.31000 ? 71  GLN A N   1 
ATOM   538 C  CA  . GLN A 1 71  ? -5.76188  4.28954   -3.61806  1.000 16.18000 ? 71  GLN A CA  1 
ATOM   539 C  C   . GLN A 1 71  ? -6.33081  3.65437   -2.36777  1.000 16.81000 ? 71  GLN A C   1 
ATOM   540 O  O   . GLN A 1 71  ? -7.48080  3.19216   -2.36891  1.000 17.50000 ? 71  GLN A O   1 
ATOM   541 C  CB  . GLN A 1 71  ? -5.03617  3.23410   -4.44544  1.000 17.88000 ? 71  GLN A CB  1 
ATOM   542 C  CG  . GLN A 1 71  ? -4.61792  3.67834   -5.80929  1.000 19.10000 ? 71  GLN A CG  1 
ATOM   543 C  CD  . GLN A 1 71  ? -3.81445  2.60366   -6.50793  1.000 20.46000 ? 71  GLN A CD  1 
ATOM   544 O  OE1 . GLN A 1 71  ? -2.70180  2.28124   -6.09097  1.000 20.94000 ? 71  GLN A OE1 1 
ATOM   545 N  NE2 . GLN A 1 71  ? -4.37993  2.02838   -7.55676  1.000 24.85000 ? 71  GLN A NE2 1 
ATOM   546 N  N   . ILE A 1 72  ? -5.52094  3.59156   -1.30252  1.000 16.34000 ? 72  ILE A N   1 
ATOM   547 C  CA  . ILE A 1 72  ? -6.01784  3.11596   -0.01997  1.000 17.11000 ? 72  ILE A CA  1 
ATOM   548 C  C   . ILE A 1 72  ? -7.11538  4.03746   0.48163   1.000 17.87000 ? 72  ILE A C   1 
ATOM   549 O  O   . ILE A 1 72  ? -8.15293  3.57308   0.95954   1.000 17.50000 ? 72  ILE A O   1 
ATOM   550 C  CB  . ILE A 1 72  ? -4.86450  2.99722   0.99232   1.000 17.73000 ? 72  ILE A CB  1 
ATOM   551 C  CG1 . ILE A 1 72  ? -3.98447  1.80344   0.64058   1.000 17.01000 ? 72  ILE A CG1 1 
ATOM   552 C  CG2 . ILE A 1 72  ? -5.40891  2.79305   2.39756   1.000 18.44000 ? 72  ILE A CG2 1 
ATOM   553 C  CD1 . ILE A 1 72  ? -2.69824  1.76276   1.41656   1.000 17.76000 ? 72  ILE A CD1 1 
ATOM   554 N  N   . ASP A 1 73  ? -6.91634  5.35160   0.35154   1.000 17.88000 ? 73  ASP A N   1 
ATOM   555 C  CA  . ASP A 1 73  ? -7.95091  6.29045   0.78068   1.000 17.79000 ? 73  ASP A CA  1 
ATOM   556 C  C   . ASP A 1 73  ? -9.22134  6.13581   -0.05214  1.000 19.21000 ? 73  ASP A C   1 
ATOM   557 O  O   . ASP A 1 73  ? -10.33495 6.25105   0.48446   1.000 20.93000 ? 73  ASP A O   1 
ATOM   558 C  CB  . ASP A 1 73  ? -7.41809  7.72358   0.71686   1.000 20.55000 ? 73  ASP A CB  1 
ATOM   559 C  CG  . ASP A 1 73  ? -6.45732  8.04291   1.85329   1.000 20.98000 ? 73  ASP A CG  1 
ATOM   560 O  OD1 . ASP A 1 73  ? -6.37794  7.27348   2.83342   1.000 23.31000 ? 73  ASP A OD1 1 
ATOM   561 O  OD2 . ASP A 1 73  ? -5.77093  9.07577   1.76675   1.000 23.31000 ? 73  ASP A OD2 1 
ATOM   562 N  N   . ASP A 1 74  ? -9.08305  5.83725   -1.35460  1.000 19.06000 ? 74  ASP A N   1 
ATOM   563 C  CA  . ASP A 1 74  ? -10.26827 5.59270   -2.18296  1.000 20.60000 ? 74  ASP A CA  1 
ATOM   564 C  C   . ASP A 1 74  ? -11.05013 4.39048   -1.66711  1.000 17.31000 ? 74  ASP A C   1 
ATOM   565 O  O   . ASP A 1 74  ? -12.29353 4.40545   -1.62104  1.000 19.10000 ? 74  ASP A O   1 
ATOM   566 C  CB  . ASP A 1 74  ? -9.87000  5.34472   -3.64225  1.000 21.10000 ? 74  ASP A CB  1 
ATOM   567 C  CG  . ASP A 1 74  ? -9.32802  6.57131   -4.33768  1.000 22.92000 ? 74  ASP A CG  1 
ATOM   568 O  OD1 . ASP A 1 74  ? -9.60304  7.69722   -3.88425  1.000 28.22000 ? 74  ASP A OD1 1 
ATOM   569 O  OD2 . ASP A 1 74  ? -8.59391  6.38555   -5.34562  1.000 27.98000 ? 74  ASP A OD2 1 
ATOM   570 N  N   . ALA A 1 75  ? -10.33360 3.33086   -1.28504  1.000 17.19000 ? 75  ALA A N   1 
ATOM   571 C  CA  . ALA A 1 75  ? -10.98031 2.14523   -0.75022  1.000 16.25000 ? 75  ALA A CA  1 
ATOM   572 C  C   . ALA A 1 75  ? -11.59776 2.42990   0.61335   1.000 17.41000 ? 75  ALA A C   1 
ATOM   573 O  O   . ALA A 1 75  ? -12.67477 1.91625   0.92164   1.000 17.70000 ? 75  ALA A O   1 
ATOM   574 C  CB  . ALA A 1 75  ? -9.96714  0.99206   -0.66938  1.000 17.20000 ? 75  ALA A CB  1 
ATOM   575 N  N   . LEU A 1 76  ? -10.91487 3.22214   1.44352   1.000 18.49000 ? 76  LEU A N   1 
ATOM   576 C  CA  . LEU A 1 76  ? -11.46245 3.57903   2.75067   1.000 18.09000 ? 76  LEU A CA  1 
ATOM   577 C  C   . LEU A 1 76  ? -12.75487 4.37129   2.60330   1.000 18.45000 ? 76  LEU A C   1 
ATOM   578 O  O   . LEU A 1 76  ? -13.68880 4.17986   3.38714   1.000 19.70000 ? 76  LEU A O   1 
ATOM   579 C  CB  . LEU A 1 76  ? -10.43783 4.37760   3.55775   1.000 18.25000 ? 76  LEU A CB  1 
ATOM   580 C  CG  . LEU A 1 76  ? -9.40766  3.57607   4.36035   1.000 20.21000 ? 76  LEU A CG  1 
ATOM   581 C  CD1 . LEU A 1 76  ? -8.25615  4.45621   4.82708   1.000 19.76000 ? 76  LEU A CD1 1 
ATOM   582 C  CD2 . LEU A 1 76  ? -10.05435 2.84093   5.53426   1.000 20.74000 ? 76  LEU A CD2 1 
ATOM   583 N  N   . LYS A 1 77  ? -12.83079 5.25491   1.60655   1.000 19.39000 ? 77  LYS A N   1 
ATOM   584 C  CA  . LYS A 1 77  ? -14.07012 6.00540   1.39428   1.000 18.03000 ? 77  LYS A CA  1 
ATOM   585 C  C   . LYS A 1 77  ? -15.22969 5.04641   1.18232   1.000 19.50000 ? 77  LYS A C   1 
ATOM   586 O  O   . LYS A 1 77  ? -16.29279 5.18263   1.79922   1.000 20.44000 ? 77  LYS A O   1 
ATOM   587 C  CB  . LYS A 1 77  ? -13.92708 6.95247   0.20207   1.000 21.11000 ? 77  LYS A CB  1 
ATOM   588 C  CG  . LYS A 1 77  ? -15.20336 7.74867   -0.14383  1.000 24.92000 ? 77  LYS A CG  1 
ATOM   589 C  CD  . LYS A 1 77  ? -14.96560 8.69659   -1.32805  1.000 29.35000 ? 77  LYS A CD  1 
ATOM   590 C  CE  . LYS A 1 77  ? -16.21195 9.50759   -1.67964  1.000 35.21000 ? 77  LYS A CE  1 
ATOM   591 N  NZ  . LYS A 1 77  ? -17.36338 8.65681   -2.10046  1.000 30.12000 ? 77  LYS A NZ  1 
ATOM   592 N  N   . LEU A 1 78  ? -15.01755 4.02597   0.34998   1.000 17.27000 ? 78  LEU A N   1 
ATOM   593 C  CA  . LEU A 1 78  ? -16.05767 3.03188   0.10346   1.000 17.77000 ? 78  LEU A CA  1 
ATOM   594 C  C   . LEU A 1 78  ? -16.36858 2.22119   1.35653   1.000 18.64000 ? 78  LEU A C   1 
ATOM   595 O  O   . LEU A 1 78  ? -17.53973 1.97494   1.66160   1.000 20.24000 ? 78  LEU A O   1 
ATOM   596 C  CB  . LEU A 1 78  ? -15.63709 2.11252   -1.05240  1.000 18.71000 ? 78  LEU A CB  1 
ATOM   597 C  CG  . LEU A 1 78  ? -15.39540 2.81029   -2.38725  1.000 20.52000 ? 78  LEU A CG  1 
ATOM   598 C  CD1 . LEU A 1 78  ? -14.62904 1.89017   -3.34071  1.000 21.26000 ? 78  LEU A CD1 1 
ATOM   599 C  CD2 . LEU A 1 78  ? -16.71441 3.26919   -3.02501  1.000 22.14000 ? 78  LEU A CD2 1 
ATOM   600 N  N   . ALA A 1 79  ? -15.34317 1.78536   2.09351   1.000 17.07000 ? 79  ALA A N   1 
ATOM   601 C  CA  . ALA A 1 79  ? -15.58859 1.04933   3.32729   1.000 16.81000 ? 79  ALA A CA  1 
ATOM   602 C  C   . ALA A 1 79  ? -16.41004 1.87785   4.30882   1.000 19.88000 ? 79  ALA A C   1 
ATOM   603 O  O   . ALA A 1 79  ? -17.35731 1.37370   4.92050   1.000 20.07000 ? 79  ALA A O   1 
ATOM   604 C  CB  . ALA A 1 79  ? -14.26245 0.63304   3.96665   1.000 18.83000 ? 79  ALA A CB  1 
ATOM   605 N  N   . ASN A 1 80  ? -16.04809 3.14950   4.47676   1.000 19.73000 ? 80  ASN A N   1 
ATOM   606 C  CA  . ASN A 1 80  ? -16.77499 4.01073   5.40890   1.000 19.13000 ? 80  ASN A CA  1 
ATOM   607 C  C   . ASN A 1 80  ? -18.21282 4.23306   4.96619   1.000 23.52000 ? 80  ASN A C   1 
ATOM   608 O  O   . ASN A 1 80  ? -19.07920 4.49621   5.80931   1.000 27.09000 ? 80  ASN A O   1 
ATOM   609 C  CB  . ASN A 1 80  ? -16.05033 5.34439   5.56933   1.000 19.07000 ? 80  ASN A CB  1 
ATOM   610 C  CG  . ASN A 1 80  ? -14.82997 5.23433   6.44907   1.000 22.14000 ? 80  ASN A CG  1 
ATOM   611 O  OD1 . ASN A 1 80  ? -14.87518 4.59031   7.48845   1.000 26.22000 ? 80  ASN A OD1 1 
ATOM   612 N  ND2 . ASN A 1 80  ? -13.72392 5.83765   6.02660   1.000 23.31000 ? 80  ASN A ND2 1 
ATOM   613 N  N   . GLU A 1 81  ? -18.49647 4.12456   3.66501   1.000 19.20000 ? 81  GLU A N   1 
ATOM   614 C  CA  . GLU A 1 81  ? -19.87200 4.20006   3.17988   1.000 20.08000 ? 81  GLU A CA  1 
ATOM   615 C  C   . GLU A 1 81  ? -20.63103 2.89275   3.36611   1.000 20.84000 ? 81  GLU A C   1 
ATOM   616 O  O   . GLU A 1 81  ? -21.81965 2.82425   3.02334   1.000 21.19000 ? 81  GLU A O   1 
ATOM   617 C  CB  . GLU A 1 81  ? -19.89948 4.59773   1.70356   1.000 21.51000 ? 81  GLU A CB  1 
ATOM   618 C  CG  . GLU A 1 81  ? -19.47071 6.02938   1.45515   1.000 22.60000 ? 81  GLU A CG  1 
ATOM   619 C  CD  . GLU A 1 81  ? -19.14148 6.32528   0.00642   1.000 26.35000 ? 81  GLU A CD  1 
ATOM   620 O  OE1 . GLU A 1 81  ? -18.89901 7.51551   -0.30165  1.000 29.55000 ? 81  GLU A OE1 1 
ATOM   621 O  OE2 . GLU A 1 81  ? -19.10725 5.38719   -0.82739  1.000 25.89000 ? 81  GLU A OE2 1 
ATOM   622 N  N   . GLY A 1 82  ? -19.98248 1.86215   3.90382   1.000 19.82000 ? 82  GLY A N   1 
ATOM   623 C  CA  . GLY A 1 82  ? -20.58608 0.55900   4.05125   1.000 20.07000 ? 82  GLY A CA  1 
ATOM   624 C  C   . GLY A 1 82  ? -20.52345 -0.31222  2.81718   1.000 19.52000 ? 82  GLY A C   1 
ATOM   625 O  O   . GLY A 1 82  ? -21.10355 -1.40333  2.82505   1.000 19.99000 ? 82  GLY A O   1 
ATOM   626 N  N   . LYS A 1 83  ? -19.83278 0.13392   1.76291   1.000 20.31000 ? 83  LYS A N   1 
ATOM   627 C  CA  . LYS A 1 83  ? -19.82247 -0.57250  0.48318   1.000 21.32000 ? 83  LYS A CA  1 
ATOM   628 C  C   . LYS A 1 83  ? -18.70512 -1.61732  0.48352   1.000 20.88000 ? 83  LYS A C   1 
ATOM   629 O  O   . LYS A 1 83  ? -17.61968 -1.41939  -0.06944  1.000 21.76000 ? 83  LYS A O   1 
ATOM   630 C  CB  . LYS A 1 83  ? -19.67023 0.42494   -0.65580  1.000 18.04000 ? 83  LYS A CB  1 
ATOM   631 C  CG  . LYS A 1 83  ? -20.78655 1.48163   -0.69869  1.000 19.05000 ? 83  LYS A CG  1 
ATOM   632 C  CD  . LYS A 1 83  ? -20.61780 2.41227   -1.88356  1.000 22.26000 ? 83  LYS A CD  1 
ATOM   633 C  CE  . LYS A 1 83  ? -21.84877 3.29175   -2.05551  1.000 22.15000 ? 83  LYS A CE  1 
ATOM   634 N  NZ  . LYS A 1 83  ? -22.98535 2.54218   -2.68005  1.000 19.33000 ? 83  LYS A NZ  1 
ATOM   635 N  N   . VAL A 1 84  ? -18.99950 -2.76929  1.09296   1.000 19.89000 ? 84  VAL A N   1 
ATOM   636 C  CA  . VAL A 1 84  ? -17.95456 -3.74387  1.39493   1.000 21.60000 ? 84  VAL A CA  1 
ATOM   637 C  C   . VAL A 1 84  ? -17.40900 -4.36345  0.11611   1.000 23.08000 ? 84  VAL A C   1 
ATOM   638 O  O   . VAL A 1 84  ? -16.18821 -4.43415  -0.08171  1.000 21.74000 ? 84  VAL A O   1 
ATOM   639 C  CB  . VAL A 1 84  ? -18.47468 -4.82417  2.35825   1.000 25.81000 ? 84  VAL A CB  1 
ATOM   640 C  CG1 . VAL A 1 84  ? -17.44746 -5.95642  2.49639   1.000 26.90000 ? 84  VAL A CG1 1 
ATOM   641 C  CG2 . VAL A 1 84  ? -18.79129 -4.22412  3.72061   1.000 29.07000 ? 84  VAL A CG2 1 
ATOM   642 N  N   . LYS A 1 85  ? -18.29840 -4.85367  -0.75295  1.000 23.31000 ? 85  LYS A N   1 
ATOM   643 C  CA  . LYS A 1 85  ? -17.84308 -5.47610  -1.99821  1.000 24.03000 ? 85  LYS A CA  1 
ATOM   644 C  C   . LYS A 1 85  ? -17.05578 -4.48419  -2.84734  1.000 22.86000 ? 85  LYS A C   1 
ATOM   645 O  O   . LYS A 1 85  ? -16.00586 -4.82429  -3.41202  1.000 23.13000 ? 85  LYS A O   1 
ATOM   646 C  CB  . LYS A 1 85  ? -19.04586 -6.03258  -2.76727  1.000 24.25000 ? 85  LYS A CB  1 
ATOM   647 C  CG  . LYS A 1 85  ? -19.70945 -7.19841  -2.06489  1.000 26.76000 ? 85  LYS A CG  1 
ATOM   648 C  CD  . LYS A 1 85  ? -20.94532 -7.66664  -2.80502  1.000 29.82000 ? 85  LYS A CD  1 
ATOM   649 N  N   . GLU A 1 86  ? -17.53535 -3.24304  -2.91810  1.000 20.22000 ? 86  GLU A N   1 
ATOM   650 C  CA  . GLU A 1 86  ? -16.85876 -2.20626  -3.68880  1.000 20.31000 ? 86  GLU A CA  1 
ATOM   651 C  C   . GLU A 1 86  ? -15.48209 -1.90453  -3.11133  1.000 21.86000 ? 86  GLU A C   1 
ATOM   652 O  O   . GLU A 1 86  ? -14.50779 -1.73042  -3.85525  1.000 23.05000 ? 86  GLU A O   1 
ATOM   653 C  CB  . GLU A 1 86  ? -17.72635 -0.93979  -3.71045  1.000 20.72000 ? 86  GLU A CB  1 
ATOM   654 C  CG  . GLU A 1 86  ? -19.01166 -1.05748  -4.54320  1.000 23.29000 ? 86  GLU A CG  1 
ATOM   655 C  CD  . GLU A 1 86  ? -20.23882 -1.53925  -3.75512  1.000 21.48000 ? 86  GLU A CD  1 
ATOM   656 O  OE1 . GLU A 1 86  ? -21.35944 -1.20130  -4.16922  1.000 22.37000 ? 86  GLU A OE1 1 
ATOM   657 O  OE2 . GLU A 1 86  ? -20.08898 -2.27364  -2.75795  1.000 20.28000 ? 86  GLU A OE2 1 
ATOM   658 N  N   . ALA A 1 87  ? -15.38783 -1.82710  -1.78345  1.000 20.27000 ? 87  ALA A N   1 
ATOM   659 C  CA  . ALA A 1 87  ? -14.10511 -1.58405  -1.13903  1.000 19.19000 ? 87  ALA A CA  1 
ATOM   660 C  C   . ALA A 1 87  ? -13.15712 -2.74912  -1.36980  1.000 21.78000 ? 87  ALA A C   1 
ATOM   661 O  O   . ALA A 1 87  ? -11.95689 -2.54115  -1.58065  1.000 21.32000 ? 87  ALA A O   1 
ATOM   662 C  CB  . ALA A 1 87  ? -14.30755 -1.34411  0.36129   1.000 20.79000 ? 87  ALA A CB  1 
ATOM   663 N  N   . GLN A 1 88  ? -13.67666 -3.98156  -1.32659  1.000 21.19000 ? 88  GLN A N   1 
ATOM   664 C  CA  . GLN A 1 88  ? -12.83800 -5.14153  -1.62556  1.000 23.61000 ? 88  GLN A CA  1 
ATOM   665 C  C   . GLN A 1 88  ? -12.33025 -5.09221  -3.06209  1.000 24.98000 ? 88  GLN A C   1 
ATOM   666 O  O   . GLN A 1 88  ? -11.17466 -5.44875  -3.33394  1.000 24.54000 ? 88  GLN A O   1 
ATOM   667 C  CB  . GLN A 1 88  ? -13.60790 -6.43859  -1.36116  1.000 23.07000 ? 88  GLN A CB  1 
ATOM   668 C  CG  . GLN A 1 88  ? -13.77220 -6.74701  0.11687   1.000 24.20000 ? 88  GLN A CG  1 
ATOM   669 C  CD  . GLN A 1 88  ? -14.70537 -7.90812  0.39931   1.000 27.24000 ? 88  GLN A CD  1 
ATOM   670 O  OE1 . GLN A 1 88  ? -15.78001 -8.03245  -0.19472  1.000 28.03000 ? 88  GLN A OE1 1 
ATOM   671 N  NE2 . GLN A 1 88  ? -14.30230 -8.76008  1.32441   1.000 31.00000 ? 88  GLN A NE2 1 
ATOM   672 N  N   . ALA A 1 89  ? -13.16576 -4.63880  -3.99559  1.000 23.13000 ? 89  ALA A N   1 
ATOM   673 C  CA  . ALA A 1 89  ? -12.72101 -4.55303  -5.38624  1.000 23.57000 ? 89  ALA A CA  1 
ATOM   674 C  C   . ALA A 1 89  ? -11.68160 -3.45045  -5.55979  1.000 27.68000 ? 89  ALA A C   1 
ATOM   675 O  O   . ALA A 1 89  ? -10.72120 -3.59483  -6.33287  1.000 27.24000 ? 89  ALA A O   1 
ATOM   676 C  CB  . ALA A 1 89  ? -13.91782 -4.32042  -6.30669  1.000 30.17000 ? 89  ALA A CB  1 
ATOM   677 N  N   . ALA A 1 90  ? -11.84244 -2.35110  -4.82826  1.000 21.68000 ? 90  ALA A N   1 
ATOM   678 C  CA  . ALA A 1 90  ? -10.84890 -1.28622  -4.84973  1.000 23.30000 ? 90  ALA A CA  1 
ATOM   679 C  C   . ALA A 1 90  ? -9.51714  -1.76322  -4.27998  1.000 24.71000 ? 90  ALA A C   1 
ATOM   680 O  O   . ALA A 1 90  ? -8.45004  -1.38400  -4.78197  1.000 25.81000 ? 90  ALA A O   1 
ATOM   681 C  CB  . ALA A 1 90  ? -11.37088 -0.07394  -4.07669  1.000 24.38000 ? 90  ALA A CB  1 
ATOM   682 N  N   . ALA A 1 91  ? -9.55434  -2.59270  -3.23164  1.000 20.33000 ? 91  ALA A N   1 
ATOM   683 C  CA  . ALA A 1 91  ? -8.32111  -3.15186  -2.69164  1.000 22.35000 ? 91  ALA A CA  1 
ATOM   684 C  C   . ALA A 1 91  ? -7.64903  -4.06721  -3.71369  1.000 25.54000 ? 91  ALA A C   1 
ATOM   685 O  O   . ALA A 1 91  ? -6.41713  -4.07477  -3.83250  1.000 24.34000 ? 91  ALA A O   1 
ATOM   686 C  CB  . ALA A 1 91  ? -8.60209  -3.89105  -1.38097  1.000 21.39000 ? 91  ALA A CB  1 
ATOM   687 N  N   . GLU A 1 92  ? -8.43985  -4.81480  -4.49434  1.000 25.50000 ? 92  GLU A N   1 
ATOM   688 C  CA  . GLU A 1 92  ? -7.84507  -5.66510  -5.52917  1.000 25.67000 ? 92  GLU A CA  1 
ATOM   689 C  C   . GLU A 1 92  ? -7.08263  -4.84586  -6.55779  1.000 27.33000 ? 92  GLU A C   1 
ATOM   690 O  O   . GLU A 1 92  ? -6.05571  -5.30419  -7.08511  1.000 27.61000 ? 92  GLU A O   1 
ATOM   691 C  CB  . GLU A 1 92  ? -8.92156  -6.50474  -6.22310  1.000 29.64000 ? 92  GLU A CB  1 
ATOM   692 C  CG  . GLU A 1 92  ? -8.38828  -7.37200  -7.36697  1.000 32.18000 ? 92  GLU A CG  1 
ATOM   693 C  CD  . GLU A 1 92  ? -7.67287  -8.62395  -6.88427  1.000 35.93000 ? 92  GLU A CD  1 
ATOM   694 O  OE1 . GLU A 1 92  ? -7.07349  -9.33791  -7.72150  1.000 39.09000 ? 92  GLU A OE1 1 
ATOM   695 O  OE2 . GLU A 1 92  ? -7.71742  -8.91348  -5.67157  1.000 39.13000 ? 92  GLU A OE2 1 
ATOM   696 N  N   . GLN A 1 93  ? -7.53916  -3.63618  -6.84357  1.000 28.08000 ? 93  GLN A N   1 
ATOM   697 C  CA  . GLN A 1 93  ? -6.84538  -2.78254  -7.79032  1.000 29.53000 ? 93  GLN A CA  1 
ATOM   698 C  C   . GLN A 1 93  ? -5.57051  -2.17315  -7.21608  1.000 25.74000 ? 93  GLN A C   1 
ATOM   699 O  O   . GLN A 1 93  ? -4.82623  -1.52136  -7.95454  1.000 29.87000 ? 93  GLN A O   1 
ATOM   700 C  CB  . GLN A 1 93  ? -7.80356  -1.70454  -8.29698  1.000 36.00000 ? 93  GLN A CB  1 
ATOM   701 C  CG  . GLN A 1 93  ? -8.87957  -2.27817  -9.21849  1.000 35.62000 ? 93  GLN A CG  1 
ATOM   702 C  CD  . GLN A 1 93  ? -8.29791  -3.08943  -10.38668 1.000 42.71000 ? 93  GLN A CD  1 
ATOM   703 O  OE1 . GLN A 1 93  ? -7.84618  -2.52383  -11.38658 1.000 40.22000 ? 93  GLN A OE1 1 
ATOM   704 N  NE2 . GLN A 1 93  ? -8.31760  -4.41766  -10.26181 1.000 44.54000 ? 93  GLN A NE2 1 
ATOM   705 N  N   . LEU A 1 94  ? -5.28260  -2.38733  -5.92809  1.000 24.93000 ? 94  LEU A N   1 
ATOM   706 C  CA  . LEU A 1 94  ? -3.98657  -1.99211  -5.39364  1.000 22.69000 ? 94  LEU A CA  1 
ATOM   707 C  C   . LEU A 1 94  ? -2.88005  -2.84127  -5.97255  1.000 20.95000 ? 94  LEU A C   1 
ATOM   708 O  O   . LEU A 1 94  ? -1.74453  -2.37282  -6.08258  1.000 21.52000 ? 94  LEU A O   1 
ATOM   709 C  CB  . LEU A 1 94  ? -3.94185  -2.12237  -3.86573  1.000 20.89000 ? 94  LEU A CB  1 
ATOM   710 C  CG  . LEU A 1 94  ? -4.95600  -1.30665  -3.07331  1.000 22.25000 ? 94  LEU A CG  1 
ATOM   711 C  CD1 . LEU A 1 94  ? -4.92199  -1.72472  -1.60561  1.000 22.17000 ? 94  LEU A CD1 1 
ATOM   712 C  CD2 . LEU A 1 94  ? -4.61867  0.14846   -3.19629  1.000 25.94000 ? 94  LEU A CD2 1 
ATOM   713 N  N   . LYS A 1 95  ? -3.19156  -4.09207  -6.31179  1.000 20.52000 ? 95  LYS A N   1 
ATOM   714 C  CA  . LYS A 1 95  ? -2.14385  -5.05566  -6.62301  1.000 21.19000 ? 95  LYS A CA  1 
ATOM   715 C  C   . LYS A 1 95  ? -1.22919  -4.56010  -7.72624  1.000 22.72000 ? 95  LYS A C   1 
ATOM   716 O  O   . LYS A 1 95  ? -0.01072  -4.76840  -7.66087  1.000 20.85000 ? 95  LYS A O   1 
ATOM   717 C  CB  . LYS A 1 95  ? -2.76308  -6.39599  -6.99746  1.000 22.77000 ? 95  LYS A CB  1 
ATOM   718 C  CG  . LYS A 1 95  ? -3.37455  -7.07253  -5.79902  1.000 25.73000 ? 95  LYS A CG  1 
ATOM   719 C  CD  . LYS A 1 95  ? -4.05501  -8.37142  -6.16135  1.000 30.42000 ? 95  LYS A CD  1 
ATOM   720 C  CE  . LYS A 1 95  ? -4.62193  -8.99853  -4.91193  1.000 29.67000 ? 95  LYS A CE  1 
ATOM   721 N  NZ  . LYS A 1 95  ? -5.42272  -10.21604 -5.21986  1.000 36.67000 ? 95  LYS A NZ  1 
ATOM   722 N  N   . CYS A 1 96  ? -1.78180  -3.91482  -8.75541  1.000 21.31000 ? 96  CYS A N   1 
ATOM   723 C  CA  . CYS A 1 96  ? -0.90653  -3.46444  -9.83396  1.000 21.82000 ? 96  CYS A CA  1 
ATOM   724 C  C   . CYS A 1 96  ? 0.04778   -2.38247  -9.36607  1.000 20.90000 ? 96  CYS A C   1 
ATOM   725 O  O   . CYS A 1 96  ? 1.13741   -2.23198  -9.92451  1.000 22.46000 ? 96  CYS A O   1 
ATOM   726 C  CB  . CYS A 1 96  ? -1.71592  -2.98402  -11.02681 1.000 22.35000 ? 96  CYS A CB  1 
ATOM   727 S  SG  . CYS A 1 96  ? -2.11329  -4.37011  -12.09283 1.000 23.12000 ? 96  CYS A SG  1 
ATOM   728 N  N   . THR A 1 97  ? -0.31967  -1.63685  -8.32139  1.000 17.41000 ? 97  THR A N   1 
ATOM   729 C  CA  . THR A 1 97  ? 0.62365   -0.66719  -7.77565  1.000 17.66000 ? 97  THR A CA  1 
ATOM   730 C  C   . THR A 1 97  ? 1.76092   -1.37148  -7.04334  1.000 20.94000 ? 97  THR A C   1 
ATOM   731 O  O   . THR A 1 97  ? 2.93738   -1.00830  -7.21077  1.000 19.43000 ? 97  THR A O   1 
ATOM   732 C  CB  . THR A 1 97  ? -0.11130  0.30808   -6.86324  1.000 21.82000 ? 97  THR A CB  1 
ATOM   733 O  OG1 . THR A 1 97  ? -1.03317  1.05276   -7.65826  1.000 21.76000 ? 97  THR A OG1 1 
ATOM   734 C  CG2 . THR A 1 97  ? 0.86059   1.25375   -6.21724  1.000 21.20000 ? 97  THR A CG2 1 
ATOM   735 N  N   . CYS A 1 98  ? 1.43075   -2.41019  -6.27371  1.000 18.68000 ? 98  CYS A N   1 
ATOM   736 C  CA  . CYS A 1 98  ? 2.46625   -3.23915  -5.65667  1.000 18.24000 ? 98  CYS A CA  1 
ATOM   737 C  C   . CYS A 1 98  ? 3.38543   -3.83622  -6.71110  1.000 23.18000 ? 98  CYS A C   1 
ATOM   738 O  O   . CYS A 1 98  ? 4.61333   -3.69905  -6.63159  1.000 21.82000 ? 98  CYS A O   1 
ATOM   739 C  CB  . CYS A 1 98  ? 1.84773   -4.38025  -4.84728  1.000 18.92000 ? 98  CYS A CB  1 
ATOM   740 S  SG  . CYS A 1 98  ? 0.35647   -4.02684  -3.90099  1.000 18.85000 ? 98  CYS A SG  1 
ATOM   741 N  N   . ASN A 1 99  ? 2.79625   -4.54248  -7.68487  1.000 22.41000 ? 99  ASN A N   1 
ATOM   742 C  CA  . ASN A 1 99  ? 3.58640   -5.29015  -8.66368  1.000 23.77000 ? 99  ASN A CA  1 
ATOM   743 C  C   . ASN A 1 99  ? 4.44120   -4.35846  -9.50199  1.000 24.04000 ? 99  ASN A C   1 
ATOM   744 O  O   . ASN A 1 99  ? 5.56901   -4.71305  -9.87876  1.000 24.07000 ? 99  ASN A O   1 
ATOM   745 C  CB  . ASN A 1 99  ? 2.66664   -6.11712  -9.56999  1.000 21.77000 ? 99  ASN A CB  1 
ATOM   746 C  CG  . ASN A 1 99  ? 1.98740   -7.26708  -8.83811  1.000 25.92000 ? 99  ASN A CG  1 
ATOM   747 O  OD1 . ASN A 1 99  ? 2.42522   -7.68599  -7.77029  1.000 28.85000 ? 99  ASN A OD1 1 
ATOM   748 N  ND2 . ASN A 1 99  ? 0.90626   -7.78700  -9.42290  1.000 29.40000 ? 99  ASN A ND2 1 
ATOM   749 N  N   . HIS A 1 100 ? 3.94145   -3.15584  -9.77499  1.000 22.26000 ? 100 HIS A N   1 
ATOM   750 C  CA  . HIS A 1 100 ? 4.67994   -2.20318  -10.58828 1.000 27.17000 ? 100 HIS A CA  1 
ATOM   751 C  C   . HIS A 1 100 ? 5.95522   -1.74306  -9.89121  1.000 25.93000 ? 100 HIS A C   1 
ATOM   752 O  O   . HIS A 1 100 ? 7.03480   -1.74192  -10.49429 1.000 24.79000 ? 100 HIS A O   1 
ATOM   753 C  CB  . HIS A 1 100 ? 3.78408   -1.01932  -10.92637 1.000 29.00000 ? 100 HIS A CB  1 
ATOM   754 C  CG  . HIS A 1 100 ? 4.51936   0.13593   -11.51593 1.000 30.41000 ? 100 HIS A CG  1 
ATOM   755 N  ND1 . HIS A 1 100 ? 4.98805   0.13468   -12.81233 1.000 31.09000 ? 100 HIS A ND1 1 
ATOM   756 C  CD2 . HIS A 1 100 ? 4.86996   1.33112   -10.98622 1.000 32.56000 ? 100 HIS A CD2 1 
ATOM   757 C  CE1 . HIS A 1 100 ? 5.59133   1.28432   -13.05708 1.000 32.43000 ? 100 HIS A CE1 1 
ATOM   758 N  NE2 . HIS A 1 100 ? 5.52875   2.03017   -11.96811 1.000 38.26000 ? 100 HIS A NE2 1 
ATOM   759 N  N   . CYS A 1 101 ? 5.85662   -1.33366  -8.62428  1.000 22.67000 ? 101 CYS A N   1 
ATOM   760 C  CA  . CYS A 1 101 ? 7.06411   -0.92724  -7.91306  1.000 20.15000 ? 101 CYS A CA  1 
ATOM   761 C  C   . CYS A 1 101 ? 8.04013   -2.08380  -7.80336  1.000 20.88000 ? 101 CYS A C   1 
ATOM   762 O  O   . CYS A 1 101 ? 9.24940   -1.89973  -8.00015  1.000 21.46000 ? 101 CYS A O   1 
ATOM   763 C  CB  . CYS A 1 101 ? 6.72601   -0.39474  -6.52131  1.000 22.64000 ? 101 CYS A CB  1 
ATOM   764 S  SG  . CYS A 1 101 ? 8.20087   0.20445   -5.70104  1.000 19.75000 ? 101 CYS A SG  1 
ATOM   765 N  N   . HIS A 1 102 ? 7.52928   -3.27976  -7.50146  1.000 20.31000 ? 102 HIS A N   1 
ATOM   766 C  CA  . HIS A 1 102 ? 8.38265   -4.45103  -7.33528  1.000 20.76000 ? 102 HIS A CA  1 
ATOM   767 C  C   . HIS A 1 102 ? 9.15736   -4.75298  -8.60175  1.000 23.26000 ? 102 HIS A C   1 
ATOM   768 O  O   . HIS A 1 102 ? 10.36513  -5.00188  -8.55228  1.000 22.04000 ? 102 HIS A O   1 
ATOM   769 C  CB  . HIS A 1 102 ? 7.55842   -5.67354  -6.95030  1.000 23.91000 ? 102 HIS A CB  1 
ATOM   770 C  CG  . HIS A 1 102 ? 6.92232   -5.56261  -5.61101  1.000 20.97000 ? 102 HIS A CG  1 
ATOM   771 N  ND1 . HIS A 1 102 ? 5.88917   -6.38044  -5.21284  1.000 20.14000 ? 102 HIS A ND1 1 
ATOM   772 C  CD2 . HIS A 1 102 ? 7.15511   -4.71265  -4.58576  1.000 19.77000 ? 102 HIS A CD2 1 
ATOM   773 C  CE1 . HIS A 1 102 ? 5.51280   -6.04110  -3.99525  1.000 19.88000 ? 102 HIS A CE1 1 
ATOM   774 N  NE2 . HIS A 1 102 ? 6.26598   -5.03497  -3.59664  1.000 17.40000 ? 102 HIS A NE2 1 
ATOM   775 N  N   . GLN A 1 103 ? 8.47164   -4.77295  -9.74692  1.000 23.24000 ? 103 GLN A N   1 
ATOM   776 C  CA  . GLN A 1 103 ? 9.17631   -5.09430  -10.99033 1.000 21.49000 ? 103 GLN A CA  1 
ATOM   777 C  C   . GLN A 1 103 ? 10.23420  -4.04457  -11.30291 1.000 22.87000 ? 103 GLN A C   1 
ATOM   778 O  O   . GLN A 1 103 ? 11.30200  -4.36783  -11.84120 1.000 24.44000 ? 103 GLN A O   1 
ATOM   779 C  CB  . GLN A 1 103 ? 8.17732   -5.22909  -12.14492 1.000 24.59000 ? 103 GLN A CB  1 
ATOM   780 C  CG  . GLN A 1 103 ? 7.24663   -6.44069  -12.03218 1.000 32.42000 ? 103 GLN A CG  1 
ATOM   781 C  CD  . GLN A 1 103 ? 7.98365   -7.77430  -12.07931 1.000 37.17000 ? 103 GLN A CD  1 
ATOM   782 O  OE1 . GLN A 1 103 ? 8.67166   -8.09079  -13.05456 1.000 41.12000 ? 103 GLN A OE1 1 
ATOM   783 N  NE2 . GLN A 1 103 ? 7.83966   -8.56427  -11.02260 1.000 41.05000 ? 103 GLN A NE2 1 
ATOM   784 N  N   . HIS A 1 104 ? 9.99390   -2.80430  -10.89686 1.000 20.91000 ? 104 HIS A N   1 
ATOM   785 C  CA  . HIS A 1 104 ? 10.86636  -1.68680  -11.23238 1.000 20.47000 ? 104 HIS A CA  1 
ATOM   786 C  C   . HIS A 1 104 ? 12.10463  -1.63434  -10.34080 1.000 25.43000 ? 104 HIS A C   1 
ATOM   787 O  O   . HIS A 1 104 ? 13.19259  -1.29186  -10.81989 1.000 27.74000 ? 104 HIS A O   1 
ATOM   788 C  CB  . HIS A 1 104 ? 10.05073  -0.38890  -11.13363 1.000 20.96000 ? 104 HIS A CB  1 
ATOM   789 C  CG  . HIS A 1 104 ? 10.77258  0.85045   -11.57431 1.000 20.88000 ? 104 HIS A CG  1 
ATOM   790 N  ND1 . HIS A 1 104 ? 11.55104  0.90972   -12.71063 1.000 21.07000 ? 104 HIS A ND1 1 
ATOM   791 C  CD2 . HIS A 1 104 ? 10.78459  2.09966   -11.04737 1.000 21.08000 ? 104 HIS A CD2 1 
ATOM   792 C  CE1 . HIS A 1 104 ? 12.01987  2.13769   -12.85803 1.000 19.86000 ? 104 HIS A CE1 1 
ATOM   793 N  NE2 . HIS A 1 104 ? 11.57106  2.87816   -11.86065 1.000 21.08000 ? 104 HIS A NE2 1 
ATOM   794 N  N   . TYR A 1 105 ? 11.97093  -1.96344  -9.04840  1.000 25.52000 ? 105 TYR A N   1 
ATOM   795 C  CA  . TYR A 1 105 ? 13.06760  -1.78736  -8.09676  1.000 25.24000 ? 105 TYR A CA  1 
ATOM   796 C  C   . TYR A 1 105 ? 13.68821  -3.07738  -7.57927  1.000 31.15000 ? 105 TYR A C   1 
ATOM   797 O  O   . TYR A 1 105 ? 14.81605  -3.03427  -7.07238  1.000 31.04000 ? 105 TYR A O   1 
ATOM   798 C  CB  . TYR A 1 105 ? 12.60405  -0.96986  -6.88575  1.000 28.30000 ? 105 TYR A CB  1 
ATOM   799 C  CG  . TYR A 1 105 ? 12.35599  0.48194   -7.19330  1.000 26.81000 ? 105 TYR A CG  1 
ATOM   800 C  CD1 . TYR A 1 105 ? 13.40869  1.38101   -7.28512  1.000 27.33000 ? 105 TYR A CD1 1 
ATOM   801 C  CD2 . TYR A 1 105 ? 11.06554  0.95971   -7.40320  1.000 21.63000 ? 105 TYR A CD2 1 
ATOM   802 C  CE1 . TYR A 1 105 ? 13.19453  2.71321   -7.56760  1.000 24.83000 ? 105 TYR A CE1 1 
ATOM   803 C  CE2 . TYR A 1 105 ? 10.83691  2.28731   -7.68546  1.000 22.96000 ? 105 TYR A CE2 1 
ATOM   804 C  CZ  . TYR A 1 105 ? 11.90246  3.16477   -7.76522  1.000 21.93000 ? 105 TYR A CZ  1 
ATOM   805 O  OH  . TYR A 1 105 ? 11.69351  4.48261   -8.05386  1.000 22.56000 ? 105 TYR A OH  1 
ATOM   806 N  N   . ARG A 1 106 ? 12.99233  -4.20362  -7.66129  1.000 31.55000 ? 106 ARG A N   1 
ATOM   807 C  CA  . ARG A 1 106 ? 13.56727  -5.46235  -7.19306  1.000 34.83000 ? 106 ARG A CA  1 
ATOM   808 C  C   . ARG A 1 106 ? 14.28270  -6.14470  -8.35389  1.000 35.09000 ? 106 ARG A C   1 
ATOM   809 O  O   . ARG A 1 106 ? 14.29482  -5.61853  -9.46920  1.000 36.31000 ? 106 ARG A O   1 
ATOM   810 C  CB  . ARG A 1 106 ? 12.49039  -6.37423  -6.60000  1.000 34.68000 ? 106 ARG A CB  1 
ATOM   811 C  CG  . ARG A 1 106 ? 11.67950  -5.73559  -5.48323  1.000 32.47000 ? 106 ARG A CG  1 
ATOM   812 C  CD  . ARG A 1 106 ? 10.89864  -6.78228  -4.69494  1.000 35.11000 ? 106 ARG A CD  1 
ATOM   813 N  NE  . ARG A 1 106 ? 10.26026  -7.76395  -5.56707  1.000 39.52000 ? 106 ARG A NE  1 
ATOM   814 O  OXT . ARG A 1 106 ? 14.86704  -7.22450  -8.21180  1.000 44.21000 ? 106 ARG A OXT 1 
HETATM 815 FE FE  . HEC B 2 .   ? 6.41067   -4.17486  -1.69644  1.000 17.68000 ? 201 HEC A FE  1 
HETATM 816 C  CHA . HEC B 2 .   ? 9.05691   -6.23581  -1.13742  1.000 17.95000 ? 201 HEC A CHA 1 
HETATM 817 C  CHB . HEC B 2 .   ? 4.24545   -6.59299  -0.55537  1.000 18.37000 ? 201 HEC A CHB 1 
HETATM 818 C  CHC . HEC B 2 .   ? 3.70057   -2.22821  -2.62333  1.000 17.45000 ? 201 HEC A CHC 1 
HETATM 819 C  CHD . HEC B 2 .   ? 8.53182   -1.64272  -2.65775  1.000 18.63000 ? 201 HEC A CHD 1 
HETATM 820 N  NA  . HEC B 2 .   ? 6.61622   -6.02871  -0.94628  1.000 16.67000 ? 201 HEC A NA  1 
HETATM 821 C  C1A . HEC B 2 .   ? 7.80637   -6.73922  -0.87720  1.000 19.38000 ? 201 HEC A C1A 1 
HETATM 822 C  C2A . HEC B 2 .   ? 7.49288   -8.08437  -0.46900  1.000 19.04000 ? 201 HEC A C2A 1 
HETATM 823 C  C3A . HEC B 2 .   ? 6.16478   -8.17940  -0.31124  1.000 18.95000 ? 201 HEC A C3A 1 
HETATM 824 C  C4A . HEC B 2 .   ? 5.58693   -6.88983  -0.60395  1.000 16.59000 ? 201 HEC A C4A 1 
HETATM 825 C  CMA . HEC B 2 .   ? 5.35970   -9.42346  0.10857   1.000 21.15000 ? 201 HEC A CMA 1 
HETATM 826 C  CAA . HEC B 2 .   ? 8.53796   -9.21294  -0.28726  1.000 21.52000 ? 201 HEC A CAA 1 
HETATM 827 C  CBA . HEC B 2 .   ? 8.96180   -9.37367  1.16503   1.000 20.66000 ? 201 HEC A CBA 1 
HETATM 828 C  CGA . HEC B 2 .   ? 10.01255  -10.46933 1.25078   1.000 21.72000 ? 201 HEC A CGA 1 
HETATM 829 O  O1A . HEC B 2 .   ? 9.75592   -11.45243 2.00301   1.000 21.98000 ? 201 HEC A O1A 1 
HETATM 830 O  O2A . HEC B 2 .   ? 11.07458  -10.35455 0.57133   1.000 22.89000 ? 201 HEC A O2A 1 
HETATM 831 N  NB  . HEC B 2 .   ? 4.38781   -4.35248  -1.58161  1.000 17.74000 ? 201 HEC A NB  1 
HETATM 832 C  C1B . HEC B 2 .   ? 3.69850   -5.46368  -1.11957  1.000 15.93000 ? 201 HEC A C1B 1 
HETATM 833 C  C2B . HEC B 2 .   ? 2.27894   -5.24242  -1.31959  1.000 16.13000 ? 201 HEC A C2B 1 
HETATM 834 C  C3B . HEC B 2 .   ? 2.12635   -4.03767  -1.91026  1.000 17.27000 ? 201 HEC A C3B 1 
HETATM 835 C  C4B . HEC B 2 .   ? 3.43473   -3.45398  -2.05063  1.000 18.06000 ? 201 HEC A C4B 1 
HETATM 836 C  CMB . HEC B 2 .   ? 1.18500   -6.27630  -0.94362  1.000 16.75000 ? 201 HEC A CMB 1 
HETATM 837 C  CAB . HEC B 2 .   ? 0.83735   -3.30612  -2.35584  1.000 16.41000 ? 201 HEC A CAB 1 
HETATM 838 C  CBB . HEC B 2 .   ? -0.31737  -3.33903  -1.62967  1.000 17.93000 ? 201 HEC A CBB 1 
HETATM 839 N  NC  . HEC B 2 .   ? 6.18391   -2.32185  -2.54096  1.000 18.67000 ? 201 HEC A NC  1 
HETATM 840 C  C1C . HEC B 2 .   ? 4.95920   -1.69467  -2.75218  1.000 18.16000 ? 201 HEC A C1C 1 
HETATM 841 C  C2C . HEC B 2 .   ? 5.19932   -0.34430  -3.14854  1.000 19.78000 ? 201 HEC A C2C 1 
HETATM 842 C  C3C . HEC B 2 .   ? 6.51909   -0.12301  -3.14957  1.000 19.53000 ? 201 HEC A C3C 1 
HETATM 843 C  C4C . HEC B 2 .   ? 7.16910   -1.38669  -2.77310  1.000 18.39000 ? 201 HEC A C4C 1 
HETATM 844 C  CMC . HEC B 2 .   ? 4.05454   0.63980   -3.45691  1.000 19.77000 ? 201 HEC A CMC 1 
HETATM 845 C  CAC . HEC B 2 .   ? 7.18970   1.24295   -3.46095  1.000 24.95000 ? 201 HEC A CAC 1 
HETATM 846 C  CBC . HEC B 2 .   ? 6.64133   2.32669   -4.04446  1.000 19.92000 ? 201 HEC A CBC 1 
HETATM 847 N  ND  . HEC B 2 .   ? 8.38928   -3.97909  -1.85625  1.000 19.10000 ? 201 HEC A ND  1 
HETATM 848 C  C1D . HEC B 2 .   ? 9.08445   -2.85552  -2.28605  1.000 19.11000 ? 201 HEC A C1D 1 
HETATM 849 C  C2D . HEC B 2 .   ? 10.50356  -3.17771  -2.28714  1.000 19.73000 ? 201 HEC A C2D 1 
HETATM 850 C  C3D . HEC B 2 .   ? 10.65061  -4.44030  -1.87651  1.000 19.06000 ? 201 HEC A C3D 1 
HETATM 851 C  C4D . HEC B 2 .   ? 9.33234   -4.97024  -1.57993  1.000 18.96000 ? 201 HEC A C4D 1 
HETATM 852 C  CMD . HEC B 2 .   ? 11.64681  -2.22235  -2.70450  1.000 21.76000 ? 201 HEC A CMD 1 
HETATM 853 C  CAD . HEC B 2 .   ? 11.99611  -5.20033  -1.71861  1.000 23.61000 ? 201 HEC A CAD 1 
HETATM 854 C  CBD . HEC B 2 .   ? 12.31648  -5.32071  -0.23280  1.000 28.56000 ? 201 HEC A CBD 1 
HETATM 855 C  CGD . HEC B 2 .   ? 13.65096  -5.99077  -0.02393  1.000 36.70000 ? 201 HEC A CGD 1 
HETATM 856 O  O1D . HEC B 2 .   ? 14.06684  -6.08769  1.15863   1.000 39.76000 ? 201 HEC A O1D 1 
HETATM 857 O  O2D . HEC B 2 .   ? 14.28648  -6.41858  -1.02381  1.000 37.01000 ? 201 HEC A O2D 1 
HETATM 858 ZN ZN  . ZN  C 3 .   ? 5.67925   5.43692   -11.46469 0.50  21.71000 ? 202 ZN  A ZN  1 
HETATM 859 ZN ZN  . ZN  D 3 .   ? 2.97030   10.57220  -11.00220 0.998 22.60000 ? 203 ZN  A ZN  1 
HETATM 860 ZN ZN  . ZN  E 3 .   ? 8.73318   -11.47500 3.62775   0.989 23.50000 ? 204 ZN  A ZN  1 
HETATM 861 O  O   . HOH F 4 .   ? 22.50282  10.83134  -7.19438  1.000 36.55000 ? 301 HOH A O   1 
HETATM 862 O  O   . HOH F 4 .   ? 17.61983  7.96418   0.34530   1.000 30.00000 ? 302 HOH A O   1 
HETATM 863 O  O   . HOH F 4 .   ? 14.19897  -4.70152  6.03676   1.000 34.94000 ? 303 HOH A O   1 
HETATM 864 O  O   . HOH F 4 .   ? 21.81052  13.88188  -5.33032  1.000 35.22000 ? 304 HOH A O   1 
HETATM 865 O  O   . HOH F 4 .   ? 24.84885  4.71235   -2.60161  1.000 28.35000 ? 305 HOH A O   1 
HETATM 866 O  O   . HOH F 4 .   ? 18.57316  6.44446   -7.23857  1.000 33.72000 ? 306 HOH A O   1 
HETATM 867 O  O   . HOH F 4 .   ? -7.63826  -7.83964  -1.11109  1.000 32.32000 ? 307 HOH A O   1 
HETATM 868 O  O   . HOH F 4 .   ? -6.20361  -10.09549 -2.39662  1.000 34.34000 ? 308 HOH A O   1 
HETATM 869 O  O   . HOH F 4 .   ? -10.33749 -11.48765 6.60386   1.000 34.25000 ? 309 HOH A O   1 
HETATM 870 O  O   . HOH F 4 .   ? -16.08792 -13.09765 8.84541   1.000 46.37000 ? 310 HOH A O   1 
HETATM 871 O  O   . HOH F 4 .   ? 4.07580   12.33243  -4.65923  1.000 26.00000 ? 311 HOH A O   1 
HETATM 872 O  O   . HOH F 4 .   ? 12.24881  -7.42124  2.49435   1.000 36.47000 ? 312 HOH A O   1 
HETATM 873 O  O   . HOH F 4 .   ? 4.27944   11.41432  2.25572   1.000 34.36000 ? 313 HOH A O   1 
HETATM 874 O  O   . HOH F 4 .   ? -19.30146 5.71669   -3.43738  1.000 35.61000 ? 314 HOH A O   1 
HETATM 875 O  O   . HOH F 4 .   ? 21.37320  3.04735   -8.34058  1.000 40.10000 ? 315 HOH A O   1 
HETATM 876 O  O   . HOH F 4 .   ? 2.30860   -8.91223  9.10122   1.000 34.14000 ? 316 HOH A O   1 
HETATM 877 O  O   . HOH F 4 .   ? -18.25760 9.26292   1.60142   1.000 30.86000 ? 317 HOH A O   1 
HETATM 878 O  O   . HOH F 4 .   ? -6.24574  7.35280   -6.17847  1.000 26.23000 ? 318 HOH A O   1 
HETATM 879 O  O   . HOH F 4 .   ? -3.19660  -6.83169  12.19761  1.000 43.96000 ? 319 HOH A O   1 
HETATM 880 O  O   . HOH F 4 .   ? 6.08937   8.93152   4.92311   1.000 28.45000 ? 320 HOH A O   1 
HETATM 881 O  O   . HOH F 4 .   ? 15.19798  -5.45556  -3.37414  1.000 37.89000 ? 321 HOH A O   1 
HETATM 882 O  O   . HOH F 4 .   ? 24.55357  8.76314   -4.22894  1.000 25.22000 ? 322 HOH A O   1 
HETATM 883 O  O   . HOH F 4 .   ? 0.59217   10.14266  0.87261   1.000 26.09000 ? 323 HOH A O   1 
HETATM 884 O  O   . HOH F 4 .   ? -10.13894 -7.48955  -1.86128  1.000 28.46000 ? 324 HOH A O   1 
HETATM 885 O  O   . HOH F 4 .   ? -2.31617  1.08984   -10.06656 1.000 28.06000 ? 325 HOH A O   1 
HETATM 886 O  O   . HOH F 4 .   ? 0.39742   -0.58325  10.15618  1.000 28.92000 ? 326 HOH A O   1 
HETATM 887 O  O   . HOH F 4 .   ? 12.55677  7.34072   0.99821   1.000 32.82000 ? 327 HOH A O   1 
HETATM 888 O  O   . HOH F 4 .   ? -14.80272 -0.66348  -6.36683  1.000 28.13000 ? 328 HOH A O   1 
HETATM 889 O  O   . HOH F 4 .   ? 7.38103   4.10161   -7.60964  1.000 29.10000 ? 329 HOH A O   1 
HETATM 890 O  O   . HOH F 4 .   ? 4.79913   -2.80110  9.46477   1.000 30.21000 ? 330 HOH A O   1 
HETATM 891 O  O   . HOH F 4 .   ? -8.58738  2.06137   -4.61849  1.000 23.07000 ? 331 HOH A O   1 
HETATM 892 O  O   . HOH F 4 .   ? -22.10201 1.37908   -5.01502  1.000 26.68000 ? 332 HOH A O   1 
HETATM 893 O  O   . HOH F 4 .   ? 2.87485   5.44233   9.29414   1.000 29.44000 ? 333 HOH A O   1 
HETATM 894 O  O   . HOH F 4 .   ? -1.42574  10.21046  -1.21399  1.000 25.41000 ? 334 HOH A O   1 
HETATM 895 O  O   . HOH F 4 .   ? 9.54972   -8.47495  -8.15966  1.000 37.37000 ? 335 HOH A O   1 
HETATM 896 O  O   . HOH F 4 .   ? -22.10602 -2.45989  5.19423   1.000 26.26000 ? 336 HOH A O   1 
HETATM 897 O  O   . HOH F 4 .   ? -9.26707  -6.29921  9.95827   1.000 29.70000 ? 337 HOH A O   1 
HETATM 898 O  O   . HOH F 4 .   ? -3.63830  4.76914   9.00899   1.000 30.53000 ? 338 HOH A O   1 
HETATM 899 O  O   . HOH F 4 .   ? 7.34357   -1.90406  -13.26942 1.000 27.84000 ? 339 HOH A O   1 
HETATM 900 O  O   . HOH F 4 .   ? 5.04949   -8.38957  -7.10586  1.000 29.61000 ? 340 HOH A O   1 
HETATM 901 O  O   . HOH F 4 .   ? -12.33168 8.28173   -3.67417  1.000 30.67000 ? 341 HOH A O   1 
HETATM 902 O  O   . HOH F 4 .   ? -3.55390  7.50133   -5.94123  1.000 26.10000 ? 342 HOH A O   1 
HETATM 903 O  O   . HOH F 4 .   ? -8.96955  4.93430   8.74715   1.000 27.00000 ? 343 HOH A O   1 
HETATM 904 O  O   . HOH F 4 .   ? -13.65000 5.78850   -3.66163  1.000 26.79000 ? 344 HOH A O   1 
HETATM 905 O  O   . HOH F 4 .   ? 4.77618   -7.55855  9.16725   1.000 28.86000 ? 345 HOH A O   1 
HETATM 906 O  O   . HOH F 4 .   ? -10.87252 -4.79473  -8.88098  1.000 30.00000 ? 346 HOH A O   1 
HETATM 907 O  O   . HOH F 4 .   ? 23.75577  6.92572   -2.34802  1.000 28.36000 ? 347 HOH A O   1 
HETATM 908 O  O   . HOH F 4 .   ? 1.65340   -10.88861 -2.39132  1.000 31.38000 ? 348 HOH A O   1 
HETATM 909 O  O   . HOH F 4 .   ? 8.66513   -6.96796  -15.65185 1.000 34.03000 ? 349 HOH A O   1 
HETATM 910 O  O   . HOH F 4 .   ? -15.54131 -7.45423  -4.34953  1.000 27.40000 ? 350 HOH A O   1 
HETATM 911 O  O   . HOH F 4 .   ? -5.06773  -2.46752  -11.95215 1.000 30.00000 ? 351 HOH A O   1 
HETATM 912 O  O   . HOH F 4 .   ? -10.87121 8.04664   2.62192   1.000 26.81000 ? 352 HOH A O   1 
HETATM 913 O  O   . HOH F 4 .   ? -15.89163 -9.28638  -2.75117  1.000 33.83000 ? 353 HOH A O   1 
HETATM 914 O  O   . HOH F 4 .   ? 16.06362  5.89014   -14.33468 1.000 35.52000 ? 354 HOH A O   1 
HETATM 915 O  O   . HOH F 4 .   ? -3.55187  -12.38517 6.09365   1.000 28.14000 ? 355 HOH A O   1 
HETATM 916 O  O   . HOH F 4 .   ? -21.73206 3.68525   6.49226   1.000 30.62000 ? 356 HOH A O   1 
HETATM 917 O  O   . HOH F 4 .   ? -20.49451 -4.12158  7.38722   1.000 35.65000 ? 357 HOH A O   1 
HETATM 918 O  O   . HOH F 4 .   ? -4.47980  -4.37948  -9.58632  1.000 25.43000 ? 358 HOH A O   1 
HETATM 919 O  O   . HOH F 4 .   ? -8.66758  3.81365   -6.62777  1.000 31.72000 ? 359 HOH A O   1 
HETATM 920 O  O   . HOH F 4 .   ? 11.11916  -12.14514 6.94117   1.000 35.46000 ? 360 HOH A O   1 
HETATM 921 O  O   . HOH F 4 .   ? 9.17930   14.06176  -2.84659  1.000 37.84000 ? 361 HOH A O   1 
HETATM 922 O  O   . HOH F 4 .   ? 11.95959  -1.21597  -14.61600 1.000 28.10000 ? 362 HOH A O   1 
HETATM 923 O  O   . HOH F 4 .   ? -1.86293  -10.51163 -0.28340  1.000 27.99000 ? 363 HOH A O   1 
HETATM 924 O  O   . HOH F 4 .   ? -18.53792 6.04872   8.19523   1.000 32.02000 ? 364 HOH A O   1 
HETATM 925 O  O   . HOH F 4 .   ? -6.05843  -13.01976 -4.82017  1.000 30.00000 ? 365 HOH A O   1 
HETATM 926 O  O   . HOH F 4 .   ? -0.41617  -12.92096 -0.01165  1.000 26.05000 ? 366 HOH A O   1 
HETATM 927 O  O   . HOH F 4 .   ? -16.26945 6.59340   -3.82869  1.000 34.84000 ? 367 HOH A O   1 
HETATM 928 O  O   . HOH F 4 .   ? -1.81963  6.66891   7.69091   1.000 28.02000 ? 368 HOH A O   1 
HETATM 929 O  O   . HOH F 4 .   ? 8.29490   12.40188  -0.25970  1.000 30.00000 ? 369 HOH A O   1 
HETATM 930 O  O   . HOH F 4 .   ? -16.79100 7.71809   3.13393   1.000 27.36000 ? 370 HOH A O   1 
HETATM 931 O  O   . HOH F 4 .   ? -12.68562 -0.74328  11.86889  1.000 33.68000 ? 371 HOH A O   1 
HETATM 932 O  O   . HOH F 4 .   ? 17.74255  8.41627   -10.28276 1.000 30.13000 ? 372 HOH A O   1 
HETATM 933 O  O   . HOH F 4 .   ? -4.36715  -0.69573  -10.78175 1.000 32.69000 ? 373 HOH A O   1 
HETATM 934 O  O   . HOH F 4 .   ? -17.90064 -9.43443  1.36811   1.000 36.38000 ? 374 HOH A O   1 
HETATM 935 O  O   . HOH F 4 .   ? 19.58365  14.64163  -2.12350  1.000 37.02000 ? 375 HOH A O   1 
HETATM 936 O  O   . HOH F 4 .   ? 15.40472  0.68135   -10.36401 1.000 39.62000 ? 376 HOH A O   1 
HETATM 937 O  O   . HOH F 4 .   ? -7.33388  9.58485   -2.69672  1.000 30.71000 ? 377 HOH A O   1 
HETATM 938 O  O   . HOH F 4 .   ? 19.90927  1.43127   -9.91835  1.000 45.18000 ? 378 HOH A O   1 
HETATM 939 O  O   . HOH F 4 .   ? 2.59361   3.58573   -7.27931  1.000 27.81000 ? 379 HOH A O   1 
HETATM 940 O  O   . HOH F 4 .   ? 7.90935   11.94799  -4.43258  1.000 23.58000 ? 380 HOH A O   1 
HETATM 941 O  O   . HOH F 4 .   ? 14.53659  -1.17099  6.00639   1.000 39.88000 ? 381 HOH A O   1 
HETATM 942 O  O   . HOH F 4 .   ? -1.33101  -5.41640  10.66363  1.000 31.93000 ? 382 HOH A O   1 
HETATM 943 O  O   . HOH F 4 .   ? -1.30977  -13.73656 4.93505   1.000 31.92000 ? 383 HOH A O   1 
HETATM 944 O  O   . HOH F 4 .   ? 10.85264  -5.00190  -14.80326 1.000 33.86000 ? 384 HOH A O   1 
HETATM 945 O  O   . HOH F 4 .   ? 12.73613  15.09831  -4.79087  1.000 40.17000 ? 385 HOH A O   1 
HETATM 946 O  O   . HOH F 4 .   ? -12.92210 -10.50155 -2.12022  1.000 38.30000 ? 386 HOH A O   1 
HETATM 947 O  O   . HOH F 4 .   ? -1.22641  11.31905  5.59264   1.000 38.66000 ? 387 HOH A O   1 
HETATM 948 O  O   . HOH F 4 .   ? 13.72828  9.45094   0.57894   1.000 33.60000 ? 388 HOH A O   1 
HETATM 949 O  O   . HOH F 4 .   ? -3.85609  10.46995  -0.30413  1.000 30.13000 ? 389 HOH A O   1 
HETATM 950 O  O   . HOH F 4 .   ? -13.93425 8.20633   3.96479   1.000 30.00000 ? 390 HOH A O   1 
HETATM 951 O  O   . HOH F 4 .   ? 16.26355  2.43593   4.34711   1.000 37.54000 ? 391 HOH A O   1 
HETATM 952 O  O   . HOH F 4 .   ? -19.15496 -3.59172  9.98152   1.000 38.12000 ? 392 HOH A O   1 
HETATM 953 O  O   . HOH F 4 .   ? 9.63114   -2.99550  -14.20495 1.000 27.84000 ? 393 HOH A O   1 
HETATM 954 O  O   . HOH F 4 .   ? 6.00971   14.19089  -4.97259  1.000 30.00000 ? 394 HOH A O   1 
HETATM 955 O  O   . HOH F 4 .   ? 6.11270   4.70909   -13.88130 1.000 18.98000 ? 395 HOH A O   1 
HETATM 956 O  O   . HOH F 4 .   ? 8.44588   17.41292  -6.53001  1.000 39.86000 ? 396 HOH A O   1 
HETATM 957 O  O   . HOH F 4 .   ? 13.51564  3.47863   6.66474   1.000 30.00000 ? 397 HOH A O   1 
HETATM 958 O  O   . HOH F 4 .   ? -18.35914 -4.49299  -5.99613  1.000 30.35000 ? 398 HOH A O   1 
HETATM 959 O  O   . HOH F 4 .   ? -21.74539 6.60124   5.05435   1.000 30.00000 ? 399 HOH A O   1 
HETATM 960 O  O   . HOH F 4 .   ? 25.17535  7.45495   -8.43900  1.000 32.10000 ? 400 HOH A O   1 
HETATM 961 O  O   . HOH F 4 .   ? -0.45331  -9.80841  -2.79222  1.000 33.35000 ? 401 HOH A O   1 
HETATM 962 O  O   . HOH F 4 .   ? -3.95155  -11.41702 -1.73428  1.000 36.02000 ? 402 HOH A O   1 
HETATM 963 O  O   . HOH F 4 .   ? -12.99741 -8.13416  -5.04999  1.000 30.89000 ? 403 HOH A O   1 
HETATM 964 O  O   . HOH F 4 .   ? 26.50492  4.95652   -5.48216  1.000 33.52000 ? 404 HOH A O   1 
HETATM 965 O  O   . HOH F 4 .   ? 7.85682   10.76139  4.64500   1.000 30.00000 ? 405 HOH A O   1 
HETATM 966 O  O   . HOH F 4 .   ? -19.19713 7.94069   4.47516   1.000 31.25000 ? 406 HOH A O   1 
HETATM 967 O  O   . HOH F 4 .   ? -10.30894 0.96840   11.75489  1.000 31.72000 ? 407 HOH A O   1 
HETATM 968 O  O   . HOH F 4 .   ? 3.13183   -0.46082  10.40978  1.000 30.00000 ? 408 HOH A O   1 
HETATM 969 O  O   . HOH F 4 .   ? 10.44822  16.47197  -4.46044  1.000 30.00000 ? 409 HOH A O   1 
HETATM 970 O  O   . HOH F 4 .   ? 1.46934   13.32416  -5.70671  1.000 30.00000 ? 410 HOH A O   1 
HETATM 971 O  O   . HOH F 4 .   ? -11.43009 -9.29168  -3.35978  1.000 30.87000 ? 411 HOH A O   1 
HETATM 972 O  O   . HOH F 4 .   ? 24.50427  3.78975   -9.00688  1.000 30.00000 ? 412 HOH A O   1 
HETATM 973 O  O   . HOH F 4 .   ? 27.83332  -1.77893  -8.01395  1.000 32.04000 ? 413 HOH A O   1 
HETATM 974 O  O   . HOH F 4 .   ? -6.07020  -13.81701 5.72499   1.000 36.06000 ? 414 HOH A O   1 
HETATM 975 O  O   . HOH F 4 .   ? 0.23324   -7.62902  -4.45585  1.000 30.00000 ? 415 HOH A O   1 
HETATM 976 O  O   . HOH F 4 .   ? -17.30294 -6.71237  -6.66610  1.000 32.05000 ? 416 HOH A O   1 
HETATM 977 O  O   . HOH F 4 .   ? 3.85842   -9.39364  -3.58898  1.000 30.91000 ? 417 HOH A O   1 
HETATM 978 O  O   . HOH F 4 .   ? 11.29131  16.82887  -8.19321  1.000 30.00000 ? 418 HOH A O   1 
HETATM 979 O  O   . HOH F 4 .   ? 20.63744  0.89882   2.61094   1.000 40.36000 ? 419 HOH A O   1 
HETATM 980 O  O   . HOH F 4 .   ? -10.19199 0.32216   -8.04697  1.000 36.81000 ? 420 HOH A O   1 
HETATM 981 O  O   . HOH F 4 .   ? -2.49889  10.02835  -5.85809  1.000 35.44000 ? 421 HOH A O   1 
HETATM 982 O  O   . HOH F 4 .   ? -4.54372  -6.92233  -10.54938 1.000 36.44000 ? 422 HOH A O   1 
HETATM 983 O  O   . HOH F 4 .   ? -16.80435 -2.16826  -7.36833  1.000 34.74000 ? 423 HOH A O   1 
HETATM 984 O  O   . HOH F 4 .   ? 0.11547   11.24825  3.41293   1.000 33.14000 ? 424 HOH A O   1 
HETATM 985 O  O   . HOH F 4 .   ? 13.66367  2.70909   -16.07578 1.000 33.44000 ? 425 HOH A O   1 
HETATM 986 O  O   . HOH F 4 .   ? 19.71914  5.50353   -9.41096  1.000 30.00000 ? 426 HOH A O   1 
HETATM 987 O  O   . HOH F 4 .   ? -3.17697  -12.22753 8.56742   1.000 39.38000 ? 427 HOH A O   1 
HETATM 988 O  O   . HOH F 4 .   ? 5.98730   -3.78144  11.71676  1.000 36.24000 ? 428 HOH A O   1 
HETATM 989 O  O   . HOH F 4 .   ? 0.12254   -3.05920  11.64576  1.000 34.24000 ? 429 HOH A O   1 
HETATM 990 O  O   . HOH F 4 .   ? 10.48088  18.21337  -6.33039  1.000 46.64000 ? 430 HOH A O   1 
HETATM 991 O  O   . HOH F 4 .   ? 4.59870   10.32747  6.84761   1.000 38.43000 ? 431 HOH A O   1 
HETATM 992 O  O   . HOH F 4 .   ? -15.17295 0.42073   11.91702  1.000 36.21000 ? 432 HOH A O   1 
HETATM 993 O  O   . HOH F 4 .   ? -8.27697  -13.40234 7.05903   1.000 37.77000 ? 433 HOH A O   1 
HETATM 994 O  O   . HOH F 4 .   ? -13.44230 4.46636   -6.14257  1.000 34.85000 ? 434 HOH A O   1 
HETATM 995 O  O   . HOH F 4 .   ? 16.30857  -3.05293  5.15465   1.000 32.10000 ? 435 HOH A O   1 
HETATM 996 O  O   . HOH F 4 .   ? -12.59749 -7.83222  -7.53605  1.000 39.57000 ? 436 HOH A O   1 
HETATM 997 O  O   . HOH F 4 .   ? 11.47512  14.08658  -10.83943 0.50  36.98000 ? 437 HOH A O   1 
HETATM 998 O  O   . HOH F 4 .   ? -15.32349 2.46657   -7.00743  1.000 36.82000 ? 438 HOH A O   1 
HETATM 999 O  O   . HOH F 4 .   ? 12.75853  16.00193  -10.70097 0.50  30.00000 ? 439 HOH A O   1 
# 
